data_4R1R
#
_entry.id   4R1R
#
_cell.length_a   224.020
_cell.length_b   224.020
_cell.length_c   335.970
_cell.angle_alpha   90.00
_cell.angle_beta   90.00
_cell.angle_gamma   120.00
#
_symmetry.space_group_name_H-M   'H 3 2'
#
loop_
_entity.id
_entity.type
_entity.pdbx_description
1 polymer 'RIBONUCLEOTIDE REDUCTASE R1 PROTEIN'
2 polymer 'RIBONUCLEOTIDE REDUCTASE R2 PROTEIN'
3 non-polymer "THYMIDINE-5'-TRIPHOSPHATE"
4 non-polymer "GUANOSINE-5'-DIPHOSPHATE"
#
loop_
_entity_poly.entity_id
_entity_poly.type
_entity_poly.pdbx_seq_one_letter_code
_entity_poly.pdbx_strand_id
1 'polypeptide(L)'
;MNQNLLVTKRDGSTERINLDKIHRVLDWAAEGLHNVSISQVELRSHIQFYDGIKTSDIHETIIKAAADLISRDAPDYQYL
AARLAIFHLRKKAYGQFEPPALYDHVVKMVEMGKYDNHLLEDYTEEEFKQMDTFIDHDRDMTFSYAAVKQLEGKYLVQNR
VTGEIYESAQFLYILVAACLFSNYPRETRLQYVKRFYDAVSTFKISLPTPIMSGVRTPTRQFSSCVLIECGDSLDSINAT
SSAIVKYVSQRAGIGINAGRIRALGSPIRGGEAFHTGCIPFYKHFQTAVKSASQGGVRGGAATLFYPMWHLEVESLLVLK
NNRGVEGNRVRHMDYGVQINKLMYTRLLKGEDITLFSPSDVPGLYDAFFADQEEFERLYTKYEKDDSIRKQRVKAVELFS
LMMQERASTGRIYIQNVDHCNTHSPFDPAIAPVRQSNLCLEIALPTKPLNDVNDENGEIALCTLSAFNLGAINNLDELEE
LAILAVRALDALLDYQDYPIPAAKRGAMGRRTLGIGVINFAYYLAKHGKRYSDGSANNLTHKTFEAIQYYLLKASNELAK
EQGACPWFNETTYAKGILPIDTYKKDLDTIANEPLHYDWEALRESIKTHGLRNSTLSALMPSETSSQISNATNGIEPPRG
YVSIKASKDGILRQVVPDYEHLHDAYELLWEMPGNDGYLQLVGIMQKFIDQSISANTNYDPSRFPSGKVPMQQLLKDLLT
AYKFGVKTLYYQNTRDGAEDAQDDLVPSIQDDGCESGACKI
;
A,B,C
2 'polypeptide(L)' YLVGQIDSEVDTDDLSNFQL D,E,F,P
#
# COMPACT_ATOMS: atom_id res chain seq x y z
N LEU A 5 27.79 1.51 61.95
CA LEU A 5 27.05 1.06 60.77
C LEU A 5 27.63 1.71 59.52
N LEU A 6 28.43 0.96 58.76
CA LEU A 6 29.04 1.52 57.55
C LEU A 6 28.07 1.46 56.37
N VAL A 7 28.11 2.47 55.51
CA VAL A 7 27.27 2.51 54.33
C VAL A 7 28.13 2.53 53.08
N THR A 8 27.78 1.73 52.09
CA THR A 8 28.52 1.67 50.82
C THR A 8 27.80 2.46 49.74
N LYS A 9 28.53 3.17 48.88
CA LYS A 9 27.90 3.99 47.84
C LYS A 9 27.99 3.42 46.43
N ARG A 10 27.50 4.19 45.47
CA ARG A 10 27.42 3.82 44.06
C ARG A 10 28.75 3.50 43.42
N ASP A 11 29.81 4.23 43.79
CA ASP A 11 31.15 3.93 43.28
C ASP A 11 31.78 2.79 44.07
N GLY A 12 31.16 2.42 45.18
CA GLY A 12 31.60 1.32 46.03
C GLY A 12 32.53 1.86 47.11
N SER A 13 32.20 3.03 47.62
CA SER A 13 32.99 3.69 48.65
C SER A 13 32.24 3.80 49.97
N THR A 14 32.95 3.60 51.07
CA THR A 14 32.40 3.60 52.42
C THR A 14 32.29 4.92 53.16
N GLU A 15 31.09 5.20 53.64
CA GLU A 15 30.81 6.37 54.48
C GLU A 15 30.10 5.89 55.75
N ARG A 16 30.01 6.72 56.78
CA ARG A 16 29.32 6.31 58.00
C ARG A 16 27.82 6.56 57.91
N ILE A 17 27.04 5.71 58.55
CA ILE A 17 25.58 5.83 58.52
C ILE A 17 25.13 7.16 59.09
N ASN A 18 24.11 7.76 58.46
CA ASN A 18 23.56 9.02 58.90
C ASN A 18 22.04 8.88 59.04
N LEU A 19 21.59 8.41 60.21
CA LEU A 19 20.18 8.18 60.47
C LEU A 19 19.31 9.42 60.42
N ASP A 20 19.86 10.60 60.67
CA ASP A 20 19.11 11.85 60.63
C ASP A 20 18.74 12.24 59.21
N LYS A 21 19.64 11.96 58.27
CA LYS A 21 19.37 12.25 56.86
C LYS A 21 18.17 11.42 56.41
N ILE A 22 18.17 10.13 56.73
CA ILE A 22 17.05 9.24 56.39
C ILE A 22 15.73 9.82 56.91
N HIS A 23 15.69 10.14 58.19
CA HIS A 23 14.51 10.71 58.83
C HIS A 23 13.98 11.96 58.12
N ARG A 24 14.90 12.84 57.70
CA ARG A 24 14.52 14.05 56.97
C ARG A 24 13.71 13.69 55.73
N VAL A 25 14.21 12.74 54.93
CA VAL A 25 13.52 12.32 53.71
C VAL A 25 12.14 11.75 54.05
N LEU A 26 12.08 10.92 55.09
CA LEU A 26 10.81 10.37 55.53
C LEU A 26 9.85 11.49 55.90
N ASP A 27 10.36 12.46 56.67
CA ASP A 27 9.55 13.60 57.08
C ASP A 27 9.02 14.30 55.83
N TRP A 28 9.93 14.60 54.90
CA TRP A 28 9.57 15.25 53.65
C TRP A 28 8.40 14.56 52.97
N ALA A 29 8.58 13.28 52.66
CA ALA A 29 7.60 12.44 52.02
C ALA A 29 6.22 12.42 52.70
N ALA A 30 6.22 12.48 54.03
CA ALA A 30 4.99 12.45 54.81
C ALA A 30 4.19 13.74 54.76
N GLU A 31 4.84 14.86 54.46
CA GLU A 31 4.17 16.15 54.40
C GLU A 31 2.79 16.08 53.77
N GLY A 32 1.78 16.50 54.53
CA GLY A 32 0.41 16.54 54.10
C GLY A 32 -0.38 15.25 54.19
N LEU A 33 0.26 14.14 54.52
CA LEU A 33 -0.46 12.87 54.58
C LEU A 33 -1.05 12.66 55.97
N HIS A 34 -2.11 11.88 56.04
CA HIS A 34 -2.79 11.61 57.31
C HIS A 34 -2.71 10.12 57.67
N ASN A 35 -2.58 9.86 58.97
CA ASN A 35 -2.52 8.52 59.52
C ASN A 35 -1.30 7.70 59.14
N VAL A 36 -0.18 8.34 58.78
CA VAL A 36 1.03 7.61 58.49
C VAL A 36 2.06 7.84 59.60
N SER A 37 2.64 6.74 60.08
CA SER A 37 3.62 6.82 61.15
C SER A 37 5.05 6.72 60.64
N ILE A 38 5.81 7.81 60.73
CA ILE A 38 7.22 7.76 60.34
C ILE A 38 8.00 6.78 61.21
N SER A 39 7.76 6.79 62.51
CA SER A 39 8.43 5.86 63.43
C SER A 39 8.16 4.42 63.02
N GLN A 40 6.89 4.09 62.77
CA GLN A 40 6.52 2.74 62.32
C GLN A 40 7.40 2.33 61.14
N VAL A 41 7.49 3.16 60.11
CA VAL A 41 8.39 2.91 58.99
C VAL A 41 9.84 2.78 59.41
N GLU A 42 10.35 3.63 60.29
CA GLU A 42 11.76 3.53 60.68
C GLU A 42 12.02 2.24 61.46
N LEU A 43 11.10 1.86 62.34
CA LEU A 43 11.32 0.64 63.12
C LEU A 43 11.51 -0.55 62.19
N ARG A 44 10.58 -0.73 61.26
CA ARG A 44 10.59 -1.81 60.31
C ARG A 44 11.77 -1.86 59.35
N SER A 45 12.36 -0.73 58.98
CA SER A 45 13.47 -0.76 58.05
C SER A 45 14.84 -0.76 58.71
N HIS A 46 14.99 -0.07 59.85
CA HIS A 46 16.28 -0.03 60.52
C HIS A 46 16.77 -1.39 60.96
N ILE A 47 15.88 -2.28 61.38
CA ILE A 47 16.23 -3.63 61.82
C ILE A 47 16.84 -4.50 60.73
N GLN A 48 16.64 -4.17 59.46
CA GLN A 48 17.26 -4.92 58.38
C GLN A 48 18.54 -4.27 57.87
N PHE A 49 19.01 -3.19 58.49
CA PHE A 49 20.27 -2.59 58.04
C PHE A 49 21.44 -3.42 58.58
N TYR A 50 22.60 -3.30 57.95
CA TYR A 50 23.80 -4.02 58.40
C TYR A 50 25.05 -3.31 57.87
N ASP A 51 26.18 -3.53 58.53
CA ASP A 51 27.45 -2.94 58.12
C ASP A 51 27.73 -3.15 56.65
N GLY A 52 28.00 -2.05 55.94
CA GLY A 52 28.38 -2.09 54.54
C GLY A 52 27.23 -2.24 53.56
N ILE A 53 26.03 -1.84 53.97
CA ILE A 53 24.84 -1.95 53.13
C ILE A 53 24.83 -0.82 52.10
N LYS A 54 24.64 -1.16 50.83
CA LYS A 54 24.66 -0.10 49.81
C LYS A 54 23.53 0.90 50.08
N THR A 55 23.73 2.12 49.61
CA THR A 55 22.75 3.20 49.77
C THR A 55 21.46 2.90 49.05
N SER A 56 21.55 2.32 47.85
CA SER A 56 20.38 1.96 47.07
C SER A 56 19.49 1.00 47.85
N ASP A 57 20.14 0.06 48.55
CA ASP A 57 19.44 -0.94 49.35
C ASP A 57 18.71 -0.32 50.54
N ILE A 58 19.22 0.78 51.09
CA ILE A 58 18.53 1.50 52.15
C ILE A 58 17.23 2.09 51.60
N HIS A 59 17.32 2.67 50.41
CA HIS A 59 16.17 3.26 49.75
C HIS A 59 15.09 2.22 49.51
N GLU A 60 15.48 1.07 48.96
CA GLU A 60 14.53 0.01 48.68
C GLU A 60 13.83 -0.46 49.95
N THR A 61 14.60 -0.64 51.01
CA THR A 61 14.10 -1.07 52.30
C THR A 61 13.04 -0.14 52.88
N ILE A 62 13.32 1.17 52.92
CA ILE A 62 12.31 2.10 53.44
C ILE A 62 11.10 2.15 52.51
N ILE A 63 11.33 2.16 51.19
CA ILE A 63 10.20 2.15 50.26
C ILE A 63 9.25 0.98 50.58
N LYS A 64 9.83 -0.24 50.59
CA LYS A 64 9.04 -1.42 50.88
C LYS A 64 8.34 -1.31 52.23
N ALA A 65 9.06 -0.83 53.23
CA ALA A 65 8.51 -0.66 54.57
C ALA A 65 7.17 0.08 54.51
N ALA A 66 7.26 1.26 53.86
CA ALA A 66 6.06 2.07 53.65
C ALA A 66 5.01 1.25 52.91
N ALA A 67 5.40 0.73 51.77
CA ALA A 67 4.51 -0.06 50.92
C ALA A 67 3.76 -1.14 51.67
N ASP A 68 4.44 -1.86 52.59
CA ASP A 68 3.80 -2.91 53.35
C ASP A 68 2.76 -2.42 54.35
N LEU A 69 2.68 -1.13 54.63
CA LEU A 69 1.63 -0.61 55.51
C LEU A 69 0.39 -0.15 54.76
N ILE A 70 0.40 -0.10 53.42
CA ILE A 70 -0.80 0.31 52.70
C ILE A 70 -2.01 -0.49 53.17
N SER A 71 -3.11 0.20 53.43
CA SER A 71 -4.33 -0.48 53.85
C SER A 71 -5.56 0.41 53.70
N ARG A 72 -6.74 -0.16 53.94
CA ARG A 72 -7.96 0.64 53.86
C ARG A 72 -7.94 1.69 54.96
N ASP A 73 -7.50 1.28 56.14
CA ASP A 73 -7.40 2.13 57.31
C ASP A 73 -6.33 3.20 57.21
N ALA A 74 -5.34 3.06 56.34
CA ALA A 74 -4.33 4.10 56.18
C ALA A 74 -3.85 4.14 54.74
N PRO A 75 -4.69 4.65 53.85
CA PRO A 75 -4.45 4.71 52.43
C PRO A 75 -3.39 5.70 52.03
N ASP A 76 -3.03 6.63 52.91
CA ASP A 76 -2.01 7.62 52.60
C ASP A 76 -0.60 7.06 52.57
N TYR A 77 -0.42 5.81 53.00
CA TYR A 77 0.87 5.12 52.87
C TYR A 77 1.22 4.94 51.40
N GLN A 78 0.18 4.75 50.59
CA GLN A 78 0.28 4.70 49.15
C GLN A 78 1.13 5.87 48.67
N TYR A 79 0.81 7.07 49.18
CA TYR A 79 1.61 8.25 48.88
C TYR A 79 2.92 8.29 49.62
N LEU A 80 2.97 7.84 50.88
CA LEU A 80 4.27 7.86 51.58
C LEU A 80 5.31 7.04 50.80
N ALA A 81 4.91 5.82 50.41
CA ALA A 81 5.77 4.95 49.62
C ALA A 81 6.11 5.60 48.29
N ALA A 82 5.06 6.08 47.62
CA ALA A 82 5.20 6.73 46.32
C ALA A 82 6.28 7.81 46.28
N ARG A 83 6.12 8.79 47.16
CA ARG A 83 7.06 9.91 47.23
C ARG A 83 8.48 9.40 47.46
N LEU A 84 8.64 8.49 48.44
CA LEU A 84 9.94 7.87 48.66
C LEU A 84 10.45 7.27 47.35
N ALA A 85 9.61 6.48 46.68
CA ALA A 85 9.98 5.94 45.38
C ALA A 85 10.42 7.02 44.39
N ILE A 86 9.60 8.07 44.25
CA ILE A 86 9.92 9.16 43.32
C ILE A 86 11.29 9.72 43.65
N PHE A 87 11.50 10.06 44.92
CA PHE A 87 12.80 10.54 45.38
C PHE A 87 13.94 9.67 44.89
N HIS A 88 13.86 8.36 45.16
CA HIS A 88 14.87 7.40 44.74
C HIS A 88 15.09 7.39 43.23
N LEU A 89 14.00 7.48 42.46
CA LEU A 89 14.12 7.49 41.00
C LEU A 89 14.78 8.78 40.51
N ARG A 90 14.50 9.90 41.16
CA ARG A 90 15.14 11.16 40.80
C ARG A 90 16.65 11.04 40.91
N LYS A 91 17.10 10.60 42.08
CA LYS A 91 18.55 10.43 42.31
C LYS A 91 19.12 9.40 41.35
N LYS A 92 18.38 8.32 41.10
CA LYS A 92 18.77 7.31 40.13
C LYS A 92 18.96 7.82 38.71
N ALA A 93 18.22 8.83 38.27
CA ALA A 93 18.38 9.31 36.90
C ALA A 93 19.27 10.54 36.78
N TYR A 94 19.11 11.47 37.73
CA TYR A 94 19.77 12.77 37.65
C TYR A 94 20.89 12.95 38.65
N GLY A 95 21.03 12.00 39.57
CA GLY A 95 22.08 12.01 40.58
C GLY A 95 21.84 12.98 41.72
N GLN A 96 20.61 13.47 41.80
CA GLN A 96 20.14 14.43 42.78
C GLN A 96 18.62 14.45 42.71
N PHE A 97 17.96 15.11 43.66
CA PHE A 97 16.51 15.16 43.65
C PHE A 97 15.99 16.05 42.53
N GLU A 98 16.61 17.21 42.36
CA GLU A 98 16.22 18.17 41.36
C GLU A 98 16.59 17.74 39.95
N PRO A 99 15.57 17.65 39.10
CA PRO A 99 15.70 17.30 37.70
C PRO A 99 16.47 18.42 36.99
N PRO A 100 17.20 18.05 35.96
CA PRO A 100 17.96 18.94 35.11
C PRO A 100 17.00 19.80 34.28
N ALA A 101 17.58 20.77 33.58
CA ALA A 101 16.76 21.62 32.70
C ALA A 101 16.28 20.80 31.51
N LEU A 102 15.04 21.01 31.08
CA LEU A 102 14.50 20.25 29.96
C LEU A 102 15.45 20.14 28.78
N TYR A 103 15.98 21.27 28.32
CA TYR A 103 16.86 21.27 27.17
C TYR A 103 18.06 20.36 27.35
N ASP A 104 18.76 20.50 28.49
CA ASP A 104 19.92 19.65 28.74
C ASP A 104 19.53 18.18 28.72
N HIS A 105 18.45 17.84 29.44
CA HIS A 105 17.94 16.48 29.45
C HIS A 105 17.71 15.98 28.02
N VAL A 106 16.90 16.66 27.23
CA VAL A 106 16.66 16.22 25.86
C VAL A 106 17.95 16.04 25.06
N VAL A 107 18.87 17.00 25.10
CA VAL A 107 20.12 16.87 24.38
C VAL A 107 20.86 15.59 24.75
N LYS A 108 20.98 15.32 26.05
CA LYS A 108 21.68 14.13 26.53
C LYS A 108 21.02 12.86 26.04
N MET A 109 19.70 12.79 26.15
CA MET A 109 18.96 11.61 25.72
C MET A 109 19.05 11.38 24.23
N VAL A 110 19.03 12.43 23.42
CA VAL A 110 19.13 12.29 21.97
C VAL A 110 20.49 11.73 21.59
N GLU A 111 21.53 12.16 22.27
CA GLU A 111 22.90 11.72 22.05
C GLU A 111 23.11 10.24 22.39
N MET A 112 22.35 9.76 23.38
CA MET A 112 22.40 8.38 23.81
C MET A 112 21.51 7.45 22.99
N GLY A 113 20.74 8.01 22.06
CA GLY A 113 19.85 7.26 21.21
C GLY A 113 18.58 6.82 21.91
N LYS A 114 18.22 7.49 23.01
CA LYS A 114 17.05 7.11 23.78
C LYS A 114 15.83 7.94 23.42
N TYR A 115 16.06 9.11 22.83
CA TYR A 115 14.97 9.98 22.40
C TYR A 115 15.07 10.26 20.90
N ASP A 116 13.93 10.47 20.25
CA ASP A 116 13.97 10.73 18.81
C ASP A 116 14.78 11.99 18.55
N ASN A 117 15.49 12.07 17.42
CA ASN A 117 16.28 13.25 17.13
C ASN A 117 15.43 14.39 16.56
N HIS A 118 14.24 14.08 16.06
CA HIS A 118 13.33 15.09 15.51
C HIS A 118 12.99 16.15 16.55
N LEU A 119 12.89 15.78 17.83
CA LEU A 119 12.64 16.73 18.91
C LEU A 119 13.54 17.95 18.82
N LEU A 120 14.83 17.76 18.63
CA LEU A 120 15.77 18.87 18.51
C LEU A 120 15.62 19.63 17.21
N GLU A 121 15.16 19.00 16.13
CA GLU A 121 14.96 19.69 14.86
C GLU A 121 13.66 20.49 14.90
N ASP A 122 12.64 19.89 15.51
CA ASP A 122 11.31 20.46 15.56
C ASP A 122 11.13 21.63 16.50
N TYR A 123 11.92 21.70 17.57
CA TYR A 123 11.80 22.79 18.54
C TYR A 123 13.15 23.47 18.75
N THR A 124 13.14 24.77 19.00
CA THR A 124 14.39 25.49 19.24
C THR A 124 14.75 25.41 20.71
N GLU A 125 15.96 25.82 21.08
CA GLU A 125 16.37 25.82 22.48
C GLU A 125 15.56 26.82 23.29
N GLU A 126 15.18 27.95 22.71
CA GLU A 126 14.29 28.91 23.38
C GLU A 126 12.94 28.28 23.68
N GLU A 127 12.41 27.52 22.73
CA GLU A 127 11.14 26.83 22.89
C GLU A 127 11.19 25.77 24.00
N PHE A 128 12.30 25.08 24.13
CA PHE A 128 12.50 24.12 25.22
C PHE A 128 12.60 24.85 26.56
N LYS A 129 13.22 26.03 26.57
CA LYS A 129 13.27 26.85 27.77
C LYS A 129 11.86 27.22 28.22
N GLN A 130 11.01 27.60 27.26
CA GLN A 130 9.64 27.97 27.52
C GLN A 130 8.80 26.82 28.06
N MET A 131 9.05 25.63 27.51
CA MET A 131 8.38 24.42 27.93
C MET A 131 8.75 24.07 29.37
N ASP A 132 10.02 24.25 29.73
CA ASP A 132 10.49 23.99 31.08
C ASP A 132 9.71 24.77 32.13
N THR A 133 9.32 26.00 31.85
CA THR A 133 8.51 26.82 32.73
C THR A 133 7.09 26.29 32.92
N PHE A 134 6.61 25.40 32.06
CA PHE A 134 5.30 24.79 32.20
C PHE A 134 5.31 23.61 33.18
N ILE A 135 6.42 22.87 33.12
CA ILE A 135 6.59 21.67 33.93
C ILE A 135 6.42 22.02 35.41
N ASP A 136 5.79 21.09 36.12
CA ASP A 136 5.72 21.16 37.57
C ASP A 136 6.19 19.80 38.10
N HIS A 137 7.44 19.75 38.56
CA HIS A 137 7.99 18.49 39.06
C HIS A 137 7.38 18.07 40.39
N ASP A 138 6.76 18.97 41.13
CA ASP A 138 6.04 18.61 42.34
C ASP A 138 4.80 17.78 42.09
N ARG A 139 4.38 17.66 40.83
CA ARG A 139 3.29 16.77 40.45
C ARG A 139 3.70 15.32 40.65
N ASP A 140 4.99 14.98 40.59
CA ASP A 140 5.47 13.65 40.93
C ASP A 140 5.09 13.20 42.34
N MET A 141 4.92 14.14 43.28
CA MET A 141 4.46 13.86 44.62
C MET A 141 2.99 13.49 44.75
N THR A 142 2.24 13.42 43.64
CA THR A 142 0.82 13.10 43.71
C THR A 142 0.49 11.68 43.26
N PHE A 143 1.51 10.92 42.87
CA PHE A 143 1.27 9.54 42.42
C PHE A 143 1.06 8.61 43.61
N SER A 144 0.46 7.45 43.40
CA SER A 144 0.34 6.46 44.48
C SER A 144 1.40 5.38 44.28
N TYR A 145 1.72 4.61 45.32
CA TYR A 145 2.79 3.62 45.20
C TYR A 145 2.58 2.74 43.96
N ALA A 146 1.38 2.19 43.82
CA ALA A 146 1.06 1.35 42.66
C ALA A 146 1.46 2.03 41.35
N ALA A 147 0.98 3.27 41.20
CA ALA A 147 1.28 4.09 40.04
C ALA A 147 2.78 4.22 39.77
N VAL A 148 3.60 4.52 40.79
CA VAL A 148 5.04 4.64 40.55
C VAL A 148 5.62 3.31 40.08
N LYS A 149 5.16 2.21 40.67
CA LYS A 149 5.60 0.90 40.20
C LYS A 149 5.30 0.75 38.71
N GLN A 150 4.10 1.08 38.24
CA GLN A 150 3.84 0.96 36.80
C GLN A 150 4.78 1.85 35.99
N LEU A 151 4.90 3.10 36.40
CA LEU A 151 5.75 4.08 35.72
C LEU A 151 7.17 3.55 35.51
N GLU A 152 7.74 3.04 36.60
CA GLU A 152 9.10 2.51 36.61
C GLU A 152 9.17 1.22 35.82
N GLY A 153 8.10 0.43 35.87
CA GLY A 153 8.04 -0.86 35.21
C GLY A 153 7.87 -0.82 33.70
N LYS A 154 7.01 0.05 33.18
CA LYS A 154 6.78 0.03 31.74
C LYS A 154 6.57 1.36 31.06
N TYR A 155 6.88 2.50 31.68
CA TYR A 155 6.64 3.78 31.04
C TYR A 155 7.92 4.59 30.89
N LEU A 156 8.66 4.77 31.97
CA LEU A 156 9.89 5.58 31.95
C LEU A 156 10.99 5.02 31.05
N VAL A 157 11.60 5.89 30.26
CA VAL A 157 12.70 5.45 29.38
C VAL A 157 13.80 4.82 30.24
N GLN A 158 14.25 3.62 29.89
CA GLN A 158 15.28 2.97 30.70
C GLN A 158 16.07 1.91 29.94
N ASN A 159 17.17 1.47 30.54
CA ASN A 159 17.99 0.42 29.94
C ASN A 159 17.54 -0.89 30.62
N ARG A 160 16.84 -1.73 29.87
CA ARG A 160 16.28 -2.96 30.42
C ARG A 160 17.33 -3.95 30.89
N VAL A 161 18.50 -3.96 30.27
CA VAL A 161 19.60 -4.82 30.67
C VAL A 161 20.25 -4.34 31.95
N THR A 162 20.73 -3.10 31.96
CA THR A 162 21.46 -2.57 33.12
C THR A 162 20.58 -2.10 34.27
N GLY A 163 19.31 -1.85 34.01
CA GLY A 163 18.36 -1.41 35.01
C GLY A 163 18.42 0.09 35.32
N GLU A 164 18.98 0.86 34.38
CA GLU A 164 19.11 2.29 34.55
C GLU A 164 17.86 3.04 34.07
N ILE A 165 17.37 3.96 34.90
CA ILE A 165 16.22 4.77 34.51
C ILE A 165 16.74 6.14 34.08
N TYR A 166 16.33 6.62 32.90
CA TYR A 166 16.88 7.88 32.40
C TYR A 166 16.01 9.10 32.57
N GLU A 167 14.74 8.97 32.90
CA GLU A 167 13.87 10.15 32.99
C GLU A 167 12.89 10.09 34.15
N SER A 168 12.15 11.18 34.35
CA SER A 168 11.10 11.21 35.36
C SER A 168 9.76 11.56 34.72
N ALA A 169 8.68 11.20 35.39
CA ALA A 169 7.32 11.41 34.94
C ALA A 169 7.08 12.71 34.18
N GLN A 170 7.35 13.86 34.80
CA GLN A 170 7.12 15.15 34.14
C GLN A 170 7.82 15.35 32.81
N PHE A 171 9.00 14.78 32.56
CA PHE A 171 9.62 14.93 31.23
C PHE A 171 8.85 14.06 30.24
N LEU A 172 8.35 12.92 30.71
CA LEU A 172 7.54 12.05 29.87
C LEU A 172 6.32 12.80 29.35
N TYR A 173 5.56 13.32 30.29
CA TYR A 173 4.36 14.08 29.94
C TYR A 173 4.67 15.27 29.02
N ILE A 174 5.62 16.12 29.37
CA ILE A 174 5.89 17.29 28.53
C ILE A 174 6.31 16.89 27.12
N LEU A 175 7.19 15.91 26.99
CA LEU A 175 7.67 15.49 25.66
C LEU A 175 6.61 14.76 24.86
N VAL A 176 5.70 14.02 25.51
CA VAL A 176 4.64 13.40 24.73
C VAL A 176 3.87 14.52 24.02
N ALA A 177 3.53 15.55 24.80
CA ALA A 177 2.81 16.71 24.30
C ALA A 177 3.60 17.39 23.19
N ALA A 178 4.90 17.58 23.44
CA ALA A 178 5.79 18.18 22.46
C ALA A 178 5.70 17.46 21.11
N CYS A 179 5.83 16.14 21.18
CA CYS A 179 5.80 15.34 19.96
C CYS A 179 4.47 15.46 19.23
N LEU A 180 3.37 15.14 19.90
CA LEU A 180 2.06 15.16 19.30
C LEU A 180 1.65 16.48 18.67
N PHE A 181 2.07 17.63 19.20
CA PHE A 181 1.70 18.91 18.60
C PHE A 181 2.90 19.58 17.94
N SER A 182 3.88 18.78 17.49
CA SER A 182 5.06 19.35 16.86
C SER A 182 4.78 19.97 15.51
N ASN A 183 3.80 19.50 14.74
CA ASN A 183 3.50 20.06 13.44
C ASN A 183 2.49 21.21 13.45
N TYR A 184 2.24 21.79 14.62
CA TYR A 184 1.30 22.90 14.74
C TYR A 184 1.98 24.22 14.45
N PRO A 185 1.22 25.16 13.93
CA PRO A 185 1.71 26.48 13.57
C PRO A 185 2.38 27.08 14.79
N ARG A 186 3.45 27.84 14.64
CA ARG A 186 4.16 28.39 15.78
C ARG A 186 3.32 29.33 16.64
N GLU A 187 2.32 30.00 16.08
CA GLU A 187 1.46 30.89 16.82
C GLU A 187 0.68 30.16 17.91
N THR A 188 0.23 28.93 17.65
CA THR A 188 -0.53 28.20 18.65
C THR A 188 0.14 26.95 19.22
N ARG A 189 1.24 26.50 18.63
CA ARG A 189 1.94 25.29 19.06
C ARG A 189 2.14 25.16 20.56
N LEU A 190 2.90 26.02 21.21
CA LEU A 190 3.18 25.91 22.65
C LEU A 190 1.96 26.09 23.56
N GLN A 191 0.95 26.82 23.10
CA GLN A 191 -0.27 26.99 23.88
C GLN A 191 -0.91 25.61 24.08
N TYR A 192 -0.99 24.86 22.98
CA TYR A 192 -1.52 23.51 22.97
C TYR A 192 -0.66 22.55 23.78
N VAL A 193 0.66 22.64 23.61
CA VAL A 193 1.57 21.82 24.38
C VAL A 193 1.31 22.03 25.87
N LYS A 194 1.34 23.25 26.37
CA LYS A 194 1.08 23.49 27.79
C LYS A 194 -0.27 22.93 28.24
N ARG A 195 -1.35 23.21 27.52
CA ARG A 195 -2.67 22.73 27.89
C ARG A 195 -2.75 21.21 27.96
N PHE A 196 -2.17 20.52 26.97
CA PHE A 196 -2.18 19.06 26.96
C PHE A 196 -1.38 18.51 28.13
N TYR A 197 -0.21 19.10 28.36
CA TYR A 197 0.64 18.68 29.47
C TYR A 197 -0.10 18.82 30.79
N ASP A 198 -0.75 19.96 31.04
CA ASP A 198 -1.55 20.10 32.25
C ASP A 198 -2.60 19.00 32.33
N ALA A 199 -3.36 18.79 31.26
CA ALA A 199 -4.39 17.75 31.23
C ALA A 199 -3.87 16.41 31.74
N VAL A 200 -2.75 15.97 31.16
CA VAL A 200 -2.26 14.63 31.48
C VAL A 200 -1.45 14.62 32.77
N SER A 201 -0.76 15.71 33.11
CA SER A 201 0.04 15.71 34.34
C SER A 201 -0.86 15.81 35.57
N THR A 202 -2.05 16.35 35.43
CA THR A 202 -2.97 16.47 36.55
C THR A 202 -4.12 15.49 36.41
N PHE A 203 -3.82 14.35 35.79
CA PHE A 203 -4.64 13.19 35.56
C PHE A 203 -6.02 13.40 34.97
N LYS A 204 -6.27 14.44 34.18
CA LYS A 204 -7.60 14.65 33.61
C LYS A 204 -7.81 13.77 32.38
N ILE A 205 -6.74 13.54 31.62
CA ILE A 205 -6.77 12.69 30.43
C ILE A 205 -5.80 11.52 30.57
N SER A 206 -6.28 10.30 30.30
CA SER A 206 -5.43 9.12 30.39
C SER A 206 -5.01 8.62 29.02
N LEU A 207 -3.74 8.32 28.82
CA LEU A 207 -3.28 7.83 27.52
C LEU A 207 -2.84 6.36 27.63
N PRO A 208 -3.04 5.60 26.57
CA PRO A 208 -2.69 4.19 26.47
C PRO A 208 -1.23 3.92 26.75
N THR A 209 -0.98 2.70 27.17
CA THR A 209 0.37 2.23 27.55
C THR A 209 1.39 2.47 26.40
N PRO A 210 1.10 2.09 25.11
CA PRO A 210 2.04 2.27 23.98
C PRO A 210 2.50 3.70 23.78
N ILE A 211 1.56 4.64 23.81
CA ILE A 211 1.88 6.07 23.63
C ILE A 211 2.77 6.54 24.77
N MET A 212 2.35 6.21 25.99
CA MET A 212 3.03 6.63 27.20
C MET A 212 4.48 6.19 27.30
N SER A 213 4.84 5.07 26.69
CA SER A 213 6.21 4.60 26.74
C SER A 213 6.99 4.91 25.47
N GLY A 214 6.31 5.17 24.36
CA GLY A 214 7.00 5.35 23.09
C GLY A 214 7.17 6.75 22.54
N VAL A 215 6.07 7.49 22.47
CA VAL A 215 6.14 8.86 21.94
C VAL A 215 7.23 9.66 22.66
N ARG A 216 8.26 10.03 21.90
CA ARG A 216 9.42 10.78 22.32
C ARG A 216 10.69 9.95 22.04
N THR A 217 10.50 8.64 21.91
CA THR A 217 11.60 7.74 21.60
C THR A 217 11.61 7.53 20.09
N PRO A 218 12.66 6.94 19.56
CA PRO A 218 12.87 6.69 18.15
C PRO A 218 11.83 5.83 17.44
N THR A 219 11.07 5.00 18.14
CA THR A 219 10.06 4.15 17.54
C THR A 219 8.89 4.91 16.93
N ARG A 220 8.05 4.19 16.19
CA ARG A 220 6.86 4.74 15.56
C ARG A 220 5.72 3.72 15.56
N GLN A 221 5.87 2.69 16.38
CA GLN A 221 4.87 1.63 16.48
C GLN A 221 3.95 1.87 17.67
N PHE A 222 2.76 2.42 17.43
CA PHE A 222 1.83 2.74 18.51
C PHE A 222 0.46 2.08 18.40
N SER A 223 0.27 1.21 17.42
CA SER A 223 -1.02 0.55 17.21
C SER A 223 -1.26 -0.60 18.20
N SER A 224 -2.41 -0.59 18.85
CA SER A 224 -2.77 -1.59 19.84
C SER A 224 -3.99 -2.41 19.40
N CYS A 225 -4.74 -1.85 18.47
CA CYS A 225 -5.93 -2.54 17.94
C CYS A 225 -5.92 -2.57 16.43
N VAL A 226 -6.14 -3.77 15.95
CA VAL A 226 -6.27 -4.07 14.52
C VAL A 226 -7.37 -5.12 14.34
N LEU A 227 -8.28 -4.77 13.46
CA LEU A 227 -9.41 -5.62 13.11
C LEU A 227 -9.21 -6.14 11.68
N ILE A 228 -9.14 -7.46 11.53
CA ILE A 228 -8.90 -8.08 10.24
C ILE A 228 -10.08 -8.95 9.82
N GLU A 229 -10.56 -8.77 8.58
CA GLU A 229 -11.65 -9.59 8.08
C GLU A 229 -11.10 -10.57 7.04
N CYS A 230 -11.48 -11.83 7.16
CA CYS A 230 -10.92 -12.85 6.29
C CYS A 230 -11.92 -13.38 5.28
N GLY A 231 -11.55 -13.39 4.01
CA GLY A 231 -12.49 -13.88 2.99
C GLY A 231 -12.47 -15.39 2.94
N ASP A 232 -13.33 -15.99 2.12
CA ASP A 232 -13.41 -17.44 1.95
C ASP A 232 -12.50 -17.93 0.83
N SER A 233 -11.19 -17.77 1.00
CA SER A 233 -10.24 -18.16 -0.04
C SER A 233 -8.84 -18.36 0.54
N LEU A 234 -8.14 -19.38 0.01
CA LEU A 234 -6.79 -19.67 0.44
C LEU A 234 -5.91 -18.42 0.37
N ASP A 235 -6.04 -17.61 -0.70
CA ASP A 235 -5.28 -16.37 -0.78
C ASP A 235 -5.60 -15.44 0.38
N SER A 236 -6.88 -15.29 0.70
CA SER A 236 -7.29 -14.42 1.80
C SER A 236 -6.88 -15.02 3.14
N ILE A 237 -7.02 -16.34 3.27
CA ILE A 237 -6.57 -16.99 4.51
C ILE A 237 -5.08 -16.77 4.72
N ASN A 238 -4.30 -16.79 3.64
CA ASN A 238 -2.88 -16.54 3.77
C ASN A 238 -2.60 -15.08 4.11
N ALA A 239 -3.36 -14.19 3.49
CA ALA A 239 -3.20 -12.75 3.71
C ALA A 239 -3.47 -12.39 5.18
N THR A 240 -4.62 -12.86 5.64
CA THR A 240 -5.02 -12.67 7.03
C THR A 240 -3.88 -13.14 7.95
N SER A 241 -3.50 -14.41 7.83
CA SER A 241 -2.42 -14.98 8.62
C SER A 241 -1.15 -14.15 8.55
N SER A 242 -0.75 -13.69 7.36
CA SER A 242 0.47 -12.89 7.25
C SER A 242 0.35 -11.57 8.02
N ALA A 243 -0.84 -10.97 7.92
CA ALA A 243 -1.15 -9.72 8.60
C ALA A 243 -1.06 -9.87 10.12
N ILE A 244 -1.64 -10.94 10.65
CA ILE A 244 -1.55 -11.19 12.08
C ILE A 244 -0.11 -11.33 12.55
N VAL A 245 0.74 -12.05 11.82
CA VAL A 245 2.12 -12.23 12.24
C VAL A 245 2.84 -10.91 12.33
N LYS A 246 2.62 -10.03 11.36
CA LYS A 246 3.28 -8.73 11.38
C LYS A 246 2.85 -7.93 12.61
N TYR A 247 1.53 -7.86 12.82
CA TYR A 247 0.97 -7.12 13.92
C TYR A 247 1.25 -7.70 15.29
N VAL A 248 1.20 -9.00 15.53
CA VAL A 248 1.48 -9.50 16.87
C VAL A 248 2.94 -9.37 17.27
N SER A 249 3.84 -9.18 16.30
CA SER A 249 5.25 -8.96 16.62
C SER A 249 5.45 -7.57 17.20
N GLN A 250 4.49 -6.68 16.98
CA GLN A 250 4.49 -5.31 17.44
C GLN A 250 3.55 -5.01 18.60
N ARG A 251 2.90 -5.99 19.20
CA ARG A 251 2.10 -5.80 20.40
C ARG A 251 0.67 -5.29 20.17
N ALA A 252 0.07 -5.59 19.02
CA ALA A 252 -1.29 -5.12 18.76
C ALA A 252 -2.33 -6.17 19.12
N GLY A 253 -3.44 -5.80 19.74
CA GLY A 253 -4.56 -6.73 19.95
C GLY A 253 -5.23 -6.88 18.58
N ILE A 254 -5.67 -8.11 18.29
CA ILE A 254 -6.23 -8.40 16.98
C ILE A 254 -7.69 -8.84 17.05
N GLY A 255 -8.52 -8.36 16.15
CA GLY A 255 -9.92 -8.80 16.10
C GLY A 255 -10.06 -9.41 14.71
N ILE A 256 -10.41 -10.68 14.61
CA ILE A 256 -10.46 -11.38 13.34
C ILE A 256 -11.87 -11.80 12.96
N ASN A 257 -12.33 -11.45 11.76
CA ASN A 257 -13.66 -11.94 11.34
C ASN A 257 -13.39 -13.11 10.40
N ALA A 258 -13.68 -14.33 10.83
CA ALA A 258 -13.45 -15.49 9.96
C ALA A 258 -14.76 -16.21 9.65
N GLY A 259 -15.86 -15.47 9.66
CA GLY A 259 -17.19 -16.00 9.45
C GLY A 259 -17.48 -16.46 8.03
N ARG A 260 -16.80 -15.94 7.02
CA ARG A 260 -17.03 -16.33 5.65
C ARG A 260 -16.41 -17.69 5.31
N ILE A 261 -15.38 -18.14 6.00
CA ILE A 261 -14.78 -19.43 5.67
C ILE A 261 -15.85 -20.51 5.61
N ARG A 262 -15.92 -21.20 4.47
CA ARG A 262 -16.93 -22.24 4.25
C ARG A 262 -16.78 -23.41 5.21
N ALA A 263 -17.89 -24.10 5.43
CA ALA A 263 -17.96 -25.20 6.38
C ALA A 263 -17.28 -26.49 5.93
N LEU A 264 -17.03 -27.36 6.91
CA LEU A 264 -16.46 -28.68 6.67
C LEU A 264 -17.35 -29.52 5.77
N GLY A 265 -16.74 -30.19 4.79
CA GLY A 265 -17.51 -31.03 3.88
C GLY A 265 -17.86 -30.29 2.60
N SER A 266 -17.93 -28.97 2.66
CA SER A 266 -18.19 -28.16 1.48
C SER A 266 -17.24 -28.55 0.37
N PRO A 267 -17.69 -28.40 -0.85
CA PRO A 267 -16.96 -28.74 -2.07
C PRO A 267 -15.85 -27.76 -2.38
N ILE A 268 -14.71 -28.24 -2.91
CA ILE A 268 -13.65 -27.34 -3.32
C ILE A 268 -13.23 -27.58 -4.77
N ARG A 269 -13.34 -26.51 -5.57
CA ARG A 269 -12.97 -26.49 -6.98
C ARG A 269 -14.02 -27.14 -7.87
N GLY A 270 -15.07 -27.68 -7.28
CA GLY A 270 -16.14 -28.41 -7.92
C GLY A 270 -16.46 -29.63 -7.06
N GLY A 271 -15.98 -30.79 -7.48
CA GLY A 271 -16.14 -32.02 -6.72
C GLY A 271 -14.80 -32.77 -6.66
N GLU A 272 -13.74 -31.98 -6.90
CA GLU A 272 -12.39 -32.52 -6.91
C GLU A 272 -11.77 -32.44 -5.53
N ALA A 273 -12.40 -31.68 -4.64
CA ALA A 273 -11.93 -31.54 -3.25
C ALA A 273 -13.12 -31.24 -2.32
N PHE A 274 -13.02 -31.57 -1.04
CA PHE A 274 -14.08 -31.36 -0.07
C PHE A 274 -13.49 -30.76 1.22
N HIS A 275 -13.72 -29.47 1.44
CA HIS A 275 -13.21 -28.67 2.53
C HIS A 275 -12.83 -29.43 3.81
N THR A 276 -11.82 -28.88 4.46
CA THR A 276 -11.26 -29.46 5.68
C THR A 276 -11.83 -28.89 6.96
N GLY A 277 -12.56 -27.78 6.80
CA GLY A 277 -13.22 -27.11 7.91
C GLY A 277 -12.55 -25.77 8.25
N CYS A 278 -13.09 -25.09 9.27
CA CYS A 278 -12.53 -23.82 9.71
C CYS A 278 -11.53 -24.03 10.85
N ILE A 279 -11.80 -25.08 11.62
CA ILE A 279 -10.95 -25.39 12.77
C ILE A 279 -9.49 -25.30 12.38
N PRO A 280 -9.06 -26.07 11.38
CA PRO A 280 -7.70 -26.05 10.88
C PRO A 280 -7.19 -24.65 10.65
N PHE A 281 -7.97 -23.82 9.96
CA PHE A 281 -7.56 -22.44 9.72
C PHE A 281 -7.54 -21.65 11.02
N TYR A 282 -8.57 -21.83 11.87
CA TYR A 282 -8.58 -21.16 13.17
C TYR A 282 -7.26 -21.45 13.90
N LYS A 283 -6.81 -22.70 13.93
CA LYS A 283 -5.55 -23.08 14.55
C LYS A 283 -4.37 -22.37 13.89
N HIS A 284 -4.45 -22.08 12.59
CA HIS A 284 -3.40 -21.34 11.90
C HIS A 284 -3.41 -19.88 12.36
N PHE A 285 -4.61 -19.33 12.59
CA PHE A 285 -4.67 -17.94 13.08
C PHE A 285 -4.06 -17.86 14.47
N GLN A 286 -4.38 -18.84 15.32
CA GLN A 286 -3.87 -18.88 16.68
C GLN A 286 -2.35 -18.87 16.74
N THR A 287 -1.71 -19.66 15.86
CA THR A 287 -0.24 -19.66 15.85
C THR A 287 0.33 -18.35 15.31
N ALA A 288 -0.41 -17.73 14.38
CA ALA A 288 0.01 -16.42 13.91
C ALA A 288 -0.06 -15.42 15.08
N VAL A 289 -1.16 -15.43 15.83
CA VAL A 289 -1.35 -14.54 16.96
C VAL A 289 -0.25 -14.70 18.02
N LYS A 290 0.11 -15.95 18.28
CA LYS A 290 1.13 -16.26 19.29
C LYS A 290 2.55 -16.38 18.75
N SER A 291 2.74 -16.00 17.48
CA SER A 291 4.02 -16.04 16.82
C SER A 291 5.12 -15.23 17.49
N ALA A 292 4.84 -14.15 18.20
CA ALA A 292 5.84 -13.36 18.89
C ALA A 292 5.55 -13.37 20.40
N SER A 293 5.52 -14.58 20.96
CA SER A 293 5.25 -14.81 22.37
C SER A 293 6.26 -15.71 23.08
N GLN A 294 6.65 -15.43 24.32
CA GLN A 294 7.62 -16.26 25.03
C GLN A 294 7.11 -17.67 25.29
N GLY A 295 7.57 -18.63 24.50
CA GLY A 295 7.12 -20.02 24.63
C GLY A 295 6.02 -20.32 23.62
N GLY A 296 4.98 -19.49 23.61
CA GLY A 296 3.86 -19.63 22.71
C GLY A 296 2.51 -19.48 23.39
N VAL A 297 2.45 -18.66 24.43
CA VAL A 297 1.23 -18.46 25.21
C VAL A 297 1.02 -16.99 25.59
N ARG A 298 2.13 -16.40 25.99
CA ARG A 298 2.25 -15.06 26.51
C ARG A 298 2.16 -13.89 25.54
N GLY A 299 1.18 -13.03 25.76
CA GLY A 299 1.01 -11.84 24.93
C GLY A 299 0.46 -12.20 23.56
N GLY A 300 0.12 -11.17 22.77
CA GLY A 300 -0.47 -11.39 21.46
C GLY A 300 -1.85 -12.02 21.68
N ALA A 301 -2.89 -11.20 21.66
CA ALA A 301 -4.23 -11.72 21.93
C ALA A 301 -5.14 -11.45 20.74
N ALA A 302 -6.19 -12.25 20.65
CA ALA A 302 -7.13 -12.08 19.54
C ALA A 302 -8.53 -12.59 19.81
N THR A 303 -9.53 -11.98 19.18
CA THR A 303 -10.91 -12.43 19.34
C THR A 303 -11.43 -12.69 17.92
N LEU A 304 -11.95 -13.89 17.72
CA LEU A 304 -12.41 -14.34 16.41
C LEU A 304 -13.93 -14.38 16.31
N PHE A 305 -14.50 -13.72 15.30
CA PHE A 305 -15.95 -13.62 15.20
C PHE A 305 -16.56 -14.59 14.20
N TYR A 306 -17.80 -15.02 14.43
CA TYR A 306 -18.52 -15.84 13.47
C TYR A 306 -20.02 -15.75 13.74
N PRO A 307 -20.81 -15.90 12.69
CA PRO A 307 -22.25 -15.84 12.74
C PRO A 307 -22.76 -17.00 13.57
N MET A 308 -23.92 -16.86 14.18
CA MET A 308 -24.53 -17.94 14.96
C MET A 308 -25.12 -19.02 14.09
N TRP A 309 -25.44 -18.73 12.82
CA TRP A 309 -26.04 -19.74 11.94
C TRP A 309 -25.03 -20.52 11.13
N HIS A 310 -23.73 -20.26 11.29
CA HIS A 310 -22.73 -21.04 10.55
C HIS A 310 -23.00 -22.52 10.75
N LEU A 311 -22.72 -23.33 9.73
CA LEU A 311 -22.95 -24.77 9.81
C LEU A 311 -22.10 -25.47 10.86
N GLU A 312 -20.92 -24.96 11.18
CA GLU A 312 -20.06 -25.53 12.20
C GLU A 312 -20.16 -24.83 13.55
N VAL A 313 -21.24 -24.09 13.82
CA VAL A 313 -21.36 -23.37 15.07
C VAL A 313 -21.25 -24.21 16.33
N GLU A 314 -21.79 -25.43 16.34
CA GLU A 314 -21.68 -26.27 17.54
C GLU A 314 -20.25 -26.67 17.85
N SER A 315 -19.38 -26.80 16.85
CA SER A 315 -17.99 -27.16 17.05
C SER A 315 -17.18 -25.92 17.38
N LEU A 316 -17.64 -24.80 16.83
CA LEU A 316 -16.97 -23.53 17.10
C LEU A 316 -17.21 -23.09 18.54
N LEU A 317 -18.44 -23.23 19.02
CA LEU A 317 -18.84 -22.84 20.36
C LEU A 317 -18.05 -23.47 21.50
N VAL A 318 -17.51 -24.68 21.31
CA VAL A 318 -16.76 -25.36 22.34
C VAL A 318 -15.26 -25.39 22.08
N LEU A 319 -14.75 -24.48 21.27
CA LEU A 319 -13.32 -24.48 21.00
C LEU A 319 -12.47 -24.19 22.24
N LYS A 320 -12.90 -23.43 23.24
CA LYS A 320 -11.99 -23.23 24.37
C LYS A 320 -12.32 -24.19 25.51
N ASN A 321 -13.32 -25.05 25.30
CA ASN A 321 -13.66 -26.02 26.33
C ASN A 321 -12.38 -26.73 26.72
N ASN A 322 -12.07 -26.82 28.01
CA ASN A 322 -10.83 -27.44 28.46
C ASN A 322 -10.87 -28.96 28.55
N ARG A 323 -11.85 -29.61 27.96
CA ARG A 323 -12.02 -31.06 27.94
C ARG A 323 -12.28 -31.57 26.52
N GLY A 324 -11.28 -32.12 25.83
CA GLY A 324 -11.48 -32.64 24.47
C GLY A 324 -10.25 -33.07 23.70
N VAL A 325 -10.43 -33.72 22.54
CA VAL A 325 -9.29 -34.15 21.71
C VAL A 325 -8.58 -32.93 21.14
N GLU A 326 -7.25 -32.93 21.16
CA GLU A 326 -6.44 -31.82 20.68
C GLU A 326 -6.76 -31.37 19.27
N GLY A 327 -7.12 -32.25 18.35
CA GLY A 327 -7.44 -31.90 16.97
C GLY A 327 -8.76 -31.16 16.76
N ASN A 328 -9.55 -30.97 17.81
CA ASN A 328 -10.82 -30.26 17.72
C ASN A 328 -10.88 -29.12 18.72
N ARG A 329 -9.73 -28.65 19.19
CA ARG A 329 -9.68 -27.59 20.19
C ARG A 329 -8.68 -26.50 19.82
N VAL A 330 -9.17 -25.26 19.82
CA VAL A 330 -8.34 -24.07 19.65
C VAL A 330 -8.53 -23.22 20.90
N ARG A 331 -7.91 -23.64 22.00
CA ARG A 331 -8.07 -23.04 23.30
C ARG A 331 -7.49 -21.65 23.52
N HIS A 332 -6.43 -21.22 22.84
CA HIS A 332 -5.77 -19.97 23.19
C HIS A 332 -6.20 -18.77 22.37
N MET A 333 -7.49 -18.65 22.11
CA MET A 333 -8.09 -17.53 21.40
C MET A 333 -9.50 -17.35 21.94
N ASP A 334 -9.97 -16.11 22.14
CA ASP A 334 -11.34 -15.94 22.63
C ASP A 334 -12.25 -15.87 21.42
N TYR A 335 -13.55 -16.11 21.55
CA TYR A 335 -14.46 -16.07 20.41
C TYR A 335 -15.62 -15.11 20.66
N GLY A 336 -16.17 -14.55 19.57
CA GLY A 336 -17.31 -13.65 19.70
C GLY A 336 -18.42 -14.17 18.80
N VAL A 337 -19.51 -14.62 19.38
CA VAL A 337 -20.64 -15.11 18.60
C VAL A 337 -21.49 -13.94 18.14
N GLN A 338 -21.88 -13.92 16.87
CA GLN A 338 -22.68 -12.83 16.32
C GLN A 338 -24.15 -13.17 16.18
N ILE A 339 -24.97 -12.42 16.92
CA ILE A 339 -26.42 -12.62 16.90
C ILE A 339 -27.19 -11.38 16.44
N ASN A 340 -28.42 -11.61 15.97
CA ASN A 340 -29.29 -10.51 15.53
C ASN A 340 -30.71 -10.80 16.03
N LYS A 341 -31.63 -9.87 15.85
CA LYS A 341 -32.99 -10.04 16.35
C LYS A 341 -33.67 -11.34 15.97
N LEU A 342 -33.58 -11.78 14.72
CA LEU A 342 -34.25 -13.01 14.31
C LEU A 342 -33.87 -14.19 15.20
N MET A 343 -32.57 -14.35 15.44
CA MET A 343 -32.09 -15.43 16.30
C MET A 343 -32.73 -15.36 17.68
N TYR A 344 -32.75 -14.19 18.31
CA TYR A 344 -33.43 -14.06 19.61
C TYR A 344 -34.90 -14.42 19.50
N THR A 345 -35.61 -13.97 18.48
CA THR A 345 -37.03 -14.30 18.35
C THR A 345 -37.30 -15.80 18.28
N ARG A 346 -36.45 -16.54 17.58
CA ARG A 346 -36.60 -17.99 17.53
C ARG A 346 -36.52 -18.59 18.94
N LEU A 347 -35.59 -18.07 19.75
CA LEU A 347 -35.49 -18.50 21.12
C LEU A 347 -36.78 -18.24 21.89
N LEU A 348 -37.29 -17.01 21.86
CA LEU A 348 -38.48 -16.65 22.60
C LEU A 348 -39.68 -17.50 22.20
N LYS A 349 -39.85 -17.76 20.90
CA LYS A 349 -40.97 -18.57 20.43
C LYS A 349 -40.74 -20.07 20.57
N GLY A 350 -39.54 -20.51 20.93
CA GLY A 350 -39.25 -21.92 21.11
C GLY A 350 -39.20 -22.68 19.79
N GLU A 351 -38.74 -21.98 18.74
CA GLU A 351 -38.63 -22.53 17.42
C GLU A 351 -37.21 -23.03 17.16
N ASP A 352 -36.93 -23.42 15.91
CA ASP A 352 -35.61 -23.90 15.56
C ASP A 352 -34.79 -22.78 14.89
N ILE A 353 -33.49 -23.01 14.82
CA ILE A 353 -32.59 -22.10 14.12
C ILE A 353 -31.95 -22.93 13.00
N THR A 354 -31.93 -22.39 11.78
CA THR A 354 -31.35 -23.16 10.68
C THR A 354 -29.89 -22.78 10.45
N LEU A 355 -29.03 -23.80 10.35
CA LEU A 355 -27.61 -23.52 10.15
C LEU A 355 -27.22 -23.68 8.68
N PHE A 356 -26.53 -22.69 8.14
CA PHE A 356 -26.07 -22.72 6.76
C PHE A 356 -24.57 -22.41 6.60
N SER A 357 -23.99 -22.90 5.51
CA SER A 357 -22.61 -22.51 5.22
C SER A 357 -22.75 -21.26 4.38
N PRO A 358 -21.98 -20.23 4.72
CA PRO A 358 -21.97 -18.95 4.05
C PRO A 358 -21.86 -19.06 2.54
N SER A 359 -21.07 -19.97 2.01
CA SER A 359 -20.89 -20.15 0.58
C SER A 359 -22.16 -20.60 -0.14
N ASP A 360 -23.08 -21.25 0.55
CA ASP A 360 -24.27 -21.77 -0.09
C ASP A 360 -25.49 -20.87 -0.04
N VAL A 361 -25.40 -19.69 0.57
CA VAL A 361 -26.59 -18.83 0.64
C VAL A 361 -26.29 -17.40 0.19
N PRO A 362 -26.41 -17.17 -1.11
CA PRO A 362 -26.11 -15.90 -1.74
C PRO A 362 -26.84 -14.75 -1.07
N GLY A 363 -26.09 -13.71 -0.72
CA GLY A 363 -26.61 -12.52 -0.10
C GLY A 363 -26.86 -12.53 1.39
N LEU A 364 -27.05 -13.68 2.02
CA LEU A 364 -27.33 -13.82 3.43
C LEU A 364 -26.32 -13.16 4.35
N TYR A 365 -25.04 -13.54 4.27
CA TYR A 365 -24.02 -12.96 5.14
C TYR A 365 -24.06 -11.44 5.16
N ASP A 366 -23.95 -10.78 4.02
CA ASP A 366 -24.00 -9.31 3.97
C ASP A 366 -25.28 -8.80 4.62
N ALA A 367 -26.44 -9.33 4.26
CA ALA A 367 -27.71 -8.92 4.82
C ALA A 367 -27.72 -8.94 6.35
N PHE A 368 -27.13 -9.96 6.94
CA PHE A 368 -26.98 -10.11 8.39
C PHE A 368 -26.48 -8.85 9.07
N PHE A 369 -25.52 -8.13 8.49
CA PHE A 369 -25.04 -6.89 9.08
C PHE A 369 -25.78 -5.65 8.57
N ALA A 370 -26.03 -5.54 7.27
CA ALA A 370 -26.53 -4.31 6.71
C ALA A 370 -28.02 -4.17 6.46
N ASP A 371 -28.80 -5.24 6.50
CA ASP A 371 -30.25 -5.08 6.27
C ASP A 371 -31.02 -6.22 6.91
N GLN A 372 -31.65 -5.98 8.05
CA GLN A 372 -32.37 -7.04 8.76
C GLN A 372 -33.62 -7.47 8.01
N GLU A 373 -34.26 -6.57 7.27
CA GLU A 373 -35.44 -6.94 6.49
C GLU A 373 -35.01 -7.96 5.44
N GLU A 374 -33.97 -7.59 4.69
CA GLU A 374 -33.45 -8.47 3.66
C GLU A 374 -32.96 -9.79 4.24
N PHE A 375 -32.31 -9.76 5.42
CA PHE A 375 -31.86 -10.97 6.06
C PHE A 375 -33.03 -11.92 6.34
N GLU A 376 -34.10 -11.41 6.92
CA GLU A 376 -35.28 -12.24 7.19
C GLU A 376 -35.84 -12.81 5.89
N ARG A 377 -35.94 -11.97 4.85
CA ARG A 377 -36.44 -12.42 3.56
C ARG A 377 -35.63 -13.63 3.08
N LEU A 378 -34.34 -13.39 2.88
CA LEU A 378 -33.43 -14.43 2.40
C LEU A 378 -33.44 -15.65 3.31
N TYR A 379 -33.30 -15.45 4.62
CA TYR A 379 -33.26 -16.52 5.58
C TYR A 379 -34.46 -17.45 5.49
N THR A 380 -35.68 -16.92 5.43
CA THR A 380 -36.86 -17.79 5.34
C THR A 380 -36.88 -18.48 3.98
N LYS A 381 -36.56 -17.73 2.92
CA LYS A 381 -36.47 -18.33 1.59
C LYS A 381 -35.61 -19.58 1.63
N TYR A 382 -34.32 -19.43 1.95
CA TYR A 382 -33.37 -20.52 2.02
C TYR A 382 -33.71 -21.64 2.98
N GLU A 383 -34.50 -21.41 4.02
CA GLU A 383 -34.94 -22.49 4.90
C GLU A 383 -35.80 -23.49 4.13
N LYS A 384 -36.68 -22.99 3.27
CA LYS A 384 -37.56 -23.83 2.48
C LYS A 384 -36.90 -24.38 1.22
N ASP A 385 -35.90 -23.68 0.68
CA ASP A 385 -35.20 -24.18 -0.51
C ASP A 385 -34.54 -25.51 -0.20
N ASP A 386 -35.00 -26.58 -0.83
CA ASP A 386 -34.47 -27.92 -0.61
C ASP A 386 -33.11 -28.20 -1.24
N SER A 387 -32.66 -27.39 -2.19
CA SER A 387 -31.36 -27.58 -2.82
C SER A 387 -30.19 -27.14 -1.93
N ILE A 388 -30.46 -26.30 -0.94
CA ILE A 388 -29.43 -25.79 -0.05
C ILE A 388 -29.14 -26.75 1.10
N ARG A 389 -27.86 -27.00 1.32
CA ARG A 389 -27.43 -27.86 2.43
C ARG A 389 -27.68 -27.12 3.75
N LYS A 390 -28.41 -27.73 4.68
CA LYS A 390 -28.69 -27.05 5.94
C LYS A 390 -28.78 -28.02 7.10
N GLN A 391 -28.98 -27.46 8.29
CA GLN A 391 -29.18 -28.25 9.50
C GLN A 391 -30.08 -27.47 10.46
N ARG A 392 -31.00 -28.16 11.13
CA ARG A 392 -31.91 -27.48 12.05
C ARG A 392 -31.54 -27.81 13.49
N VAL A 393 -31.52 -26.83 14.37
CA VAL A 393 -31.29 -27.07 15.79
C VAL A 393 -32.29 -26.26 16.62
N LYS A 394 -32.62 -26.80 17.79
CA LYS A 394 -33.55 -26.14 18.69
C LYS A 394 -32.89 -24.90 19.28
N ALA A 395 -33.48 -23.73 19.06
CA ALA A 395 -32.93 -22.47 19.56
C ALA A 395 -32.54 -22.47 21.03
N VAL A 396 -33.34 -23.09 21.89
CA VAL A 396 -33.00 -23.25 23.30
C VAL A 396 -31.70 -24.03 23.48
N GLU A 397 -31.52 -25.09 22.69
CA GLU A 397 -30.33 -25.91 22.76
C GLU A 397 -29.09 -25.10 22.37
N LEU A 398 -29.16 -24.42 21.23
CA LEU A 398 -28.04 -23.61 20.76
C LEU A 398 -27.69 -22.49 21.73
N PHE A 399 -28.72 -21.77 22.21
CA PHE A 399 -28.45 -20.70 23.17
C PHE A 399 -27.84 -21.25 24.45
N SER A 400 -28.34 -22.39 24.96
CA SER A 400 -27.77 -22.93 26.20
C SER A 400 -26.38 -23.50 25.94
N LEU A 401 -26.18 -24.16 24.79
CA LEU A 401 -24.84 -24.70 24.52
C LEU A 401 -23.86 -23.52 24.57
N MET A 402 -24.23 -22.46 23.85
CA MET A 402 -23.42 -21.24 23.83
C MET A 402 -23.27 -20.66 25.25
N MET A 403 -24.36 -20.49 25.98
CA MET A 403 -24.25 -19.90 27.32
C MET A 403 -23.49 -20.79 28.28
N GLN A 404 -23.66 -22.11 28.19
CA GLN A 404 -22.91 -23.04 29.06
C GLN A 404 -21.42 -22.81 28.86
N GLU A 405 -21.00 -22.76 27.59
CA GLU A 405 -19.61 -22.53 27.23
C GLU A 405 -19.12 -21.15 27.66
N ARG A 406 -20.00 -20.15 27.59
CA ARG A 406 -19.63 -18.80 28.02
C ARG A 406 -19.51 -18.80 29.55
N ALA A 407 -20.41 -19.51 30.22
CA ALA A 407 -20.36 -19.58 31.68
C ALA A 407 -19.09 -20.27 32.16
N SER A 408 -18.80 -21.45 31.65
CA SER A 408 -17.64 -22.22 32.07
C SER A 408 -16.29 -21.64 31.70
N THR A 409 -16.15 -20.98 30.56
CA THR A 409 -14.83 -20.45 30.22
C THR A 409 -14.71 -18.97 30.58
N GLY A 410 -15.82 -18.25 30.43
CA GLY A 410 -15.87 -16.82 30.72
C GLY A 410 -15.52 -16.01 29.49
N ARG A 411 -15.06 -16.66 28.42
CA ARG A 411 -14.55 -16.00 27.24
C ARG A 411 -15.32 -16.30 25.96
N ILE A 412 -16.61 -16.59 26.02
CA ILE A 412 -17.38 -16.77 24.79
C ILE A 412 -18.29 -15.54 24.69
N TYR A 413 -17.88 -14.61 23.86
CA TYR A 413 -18.56 -13.32 23.78
C TYR A 413 -19.70 -13.27 22.77
N ILE A 414 -20.56 -12.27 22.94
CA ILE A 414 -21.72 -12.07 22.07
C ILE A 414 -21.56 -10.74 21.34
N GLN A 415 -22.05 -10.69 20.12
CA GLN A 415 -22.09 -9.45 19.35
C GLN A 415 -23.43 -9.34 18.61
N ASN A 416 -24.20 -8.32 18.99
CA ASN A 416 -25.51 -8.08 18.37
C ASN A 416 -25.29 -7.27 17.10
N VAL A 417 -25.29 -7.96 15.95
CA VAL A 417 -24.88 -7.32 14.71
C VAL A 417 -25.88 -6.26 14.26
N ASP A 418 -27.18 -6.54 14.46
CA ASP A 418 -28.20 -5.56 14.06
C ASP A 418 -27.98 -4.24 14.81
N HIS A 419 -27.87 -4.30 16.14
CA HIS A 419 -27.58 -3.10 16.92
C HIS A 419 -26.31 -2.41 16.44
N CYS A 420 -25.26 -3.14 16.09
CA CYS A 420 -24.04 -2.52 15.60
C CYS A 420 -24.21 -1.78 14.27
N ASN A 421 -25.26 -2.05 13.49
CA ASN A 421 -25.40 -1.32 12.24
C ASN A 421 -26.61 -0.41 12.23
N THR A 422 -27.63 -0.61 13.04
CA THR A 422 -28.80 0.26 13.00
C THR A 422 -28.56 1.51 13.85
N HIS A 423 -27.62 1.38 14.78
CA HIS A 423 -27.24 2.50 15.64
C HIS A 423 -25.73 2.67 15.59
N SER A 424 -25.24 3.29 14.52
CA SER A 424 -23.80 3.50 14.35
C SER A 424 -23.48 4.70 13.48
N PRO A 425 -22.21 5.06 13.48
CA PRO A 425 -21.66 6.16 12.71
C PRO A 425 -21.44 5.85 11.25
N PHE A 426 -21.68 4.61 10.83
CA PHE A 426 -21.48 4.21 9.44
C PHE A 426 -22.78 3.82 8.74
N ASP A 427 -22.79 4.05 7.43
CA ASP A 427 -23.91 3.65 6.59
C ASP A 427 -23.66 2.19 6.21
N PRO A 428 -24.50 1.28 6.66
CA PRO A 428 -24.41 -0.14 6.43
C PRO A 428 -24.38 -0.55 4.96
N ALA A 429 -24.99 0.22 4.06
CA ALA A 429 -24.92 -0.06 2.64
C ALA A 429 -23.50 0.10 2.09
N ILE A 430 -22.75 1.09 2.56
CA ILE A 430 -21.41 1.34 2.10
C ILE A 430 -20.30 0.77 2.99
N ALA A 431 -20.44 0.88 4.30
CA ALA A 431 -19.40 0.41 5.21
C ALA A 431 -19.99 -0.14 6.50
N PRO A 432 -20.53 -1.34 6.40
CA PRO A 432 -21.13 -2.07 7.50
C PRO A 432 -20.11 -2.43 8.57
N VAL A 433 -20.58 -2.70 9.79
CA VAL A 433 -19.68 -3.14 10.86
C VAL A 433 -19.93 -4.64 11.05
N ARG A 434 -18.91 -5.46 10.79
CA ARG A 434 -19.09 -6.90 10.75
C ARG A 434 -18.34 -7.69 11.80
N GLN A 435 -17.72 -7.02 12.77
CA GLN A 435 -16.94 -7.70 13.81
C GLN A 435 -16.53 -6.71 14.90
N SER A 436 -15.84 -7.18 15.93
CA SER A 436 -15.32 -6.26 16.94
C SER A 436 -13.81 -6.56 17.12
N ASN A 437 -13.24 -6.15 18.25
CA ASN A 437 -11.79 -6.39 18.52
C ASN A 437 -11.62 -7.42 19.63
N LEU A 438 -10.43 -7.41 20.17
CA LEU A 438 -10.04 -8.33 21.24
C LEU A 438 -10.98 -8.18 22.44
N CYS A 439 -11.17 -6.94 22.88
CA CYS A 439 -11.95 -6.68 24.11
C CYS A 439 -13.39 -6.27 23.85
N LEU A 440 -13.85 -6.47 22.63
CA LEU A 440 -15.23 -6.20 22.27
C LEU A 440 -15.74 -4.78 22.43
N GLU A 441 -14.91 -3.76 22.28
CA GLU A 441 -15.39 -2.38 22.39
C GLU A 441 -15.22 -1.60 21.11
N ILE A 442 -14.36 -2.05 20.19
CA ILE A 442 -14.20 -1.38 18.90
C ILE A 442 -15.17 -1.94 17.87
N ALA A 443 -15.69 -1.09 16.99
CA ALA A 443 -16.60 -1.58 15.94
C ALA A 443 -16.44 -0.66 14.73
N LEU A 444 -15.58 -1.12 13.82
CA LEU A 444 -15.18 -0.40 12.63
C LEU A 444 -15.34 -1.30 11.40
N PRO A 445 -15.52 -0.69 10.25
CA PRO A 445 -15.71 -1.40 8.98
C PRO A 445 -14.41 -2.02 8.50
N THR A 446 -14.48 -3.15 7.79
CA THR A 446 -13.33 -3.89 7.31
C THR A 446 -13.58 -4.56 5.95
N LYS A 447 -12.49 -4.78 5.19
CA LYS A 447 -12.55 -5.43 3.89
C LYS A 447 -11.45 -6.49 3.81
N PRO A 448 -11.77 -7.67 3.35
CA PRO A 448 -10.85 -8.78 3.23
C PRO A 448 -9.72 -8.50 2.26
N LEU A 449 -8.55 -9.06 2.52
CA LEU A 449 -7.41 -8.91 1.62
C LEU A 449 -7.30 -10.15 0.73
N ASN A 450 -6.61 -10.01 -0.40
CA ASN A 450 -6.30 -11.14 -1.27
C ASN A 450 -4.81 -11.40 -1.22
N ASP A 451 -4.09 -10.51 -0.56
CA ASP A 451 -2.63 -10.62 -0.45
C ASP A 451 -2.17 -9.71 0.68
N VAL A 452 -1.03 -9.95 1.33
CA VAL A 452 -0.60 -9.07 2.40
C VAL A 452 -0.61 -7.61 1.95
N ASN A 453 -0.04 -7.31 0.78
CA ASN A 453 0.05 -5.93 0.32
C ASN A 453 -1.11 -5.47 -0.54
N ASP A 454 -2.20 -6.23 -0.57
CA ASP A 454 -3.39 -5.83 -1.34
C ASP A 454 -3.80 -4.43 -0.91
N GLU A 455 -3.88 -3.50 -1.86
CA GLU A 455 -4.24 -2.13 -1.53
C GLU A 455 -5.74 -1.87 -1.55
N ASN A 456 -6.55 -2.84 -1.93
CA ASN A 456 -7.99 -2.71 -1.97
C ASN A 456 -8.64 -3.29 -0.72
N GLY A 457 -7.83 -3.79 0.19
CA GLY A 457 -8.38 -4.36 1.43
C GLY A 457 -8.44 -3.27 2.49
N GLU A 458 -9.04 -3.59 3.64
CA GLU A 458 -9.12 -2.63 4.73
C GLU A 458 -9.01 -3.29 6.09
N ILE A 459 -8.00 -2.86 6.83
CA ILE A 459 -7.79 -3.36 8.19
C ILE A 459 -8.05 -2.22 9.18
N ALA A 460 -9.02 -2.42 10.06
CA ALA A 460 -9.36 -1.37 11.02
C ALA A 460 -8.32 -1.26 12.12
N LEU A 461 -8.01 -0.02 12.50
CA LEU A 461 -7.11 0.28 13.60
C LEU A 461 -7.81 1.30 14.50
N CYS A 462 -7.49 1.36 15.79
CA CYS A 462 -8.13 2.37 16.62
C CYS A 462 -7.19 2.94 17.67
N THR A 463 -7.15 4.27 17.71
CA THR A 463 -6.30 4.93 18.71
C THR A 463 -7.15 5.26 19.93
N LEU A 464 -6.66 4.88 21.12
CA LEU A 464 -7.46 5.08 22.32
C LEU A 464 -6.87 6.06 23.34
N SER A 465 -7.70 6.40 24.32
CA SER A 465 -7.39 7.28 25.43
C SER A 465 -8.65 7.38 26.31
N ALA A 466 -8.55 8.15 27.39
CA ALA A 466 -9.75 8.23 28.23
C ALA A 466 -9.75 9.46 29.14
N PHE A 467 -10.97 9.83 29.51
CA PHE A 467 -11.19 10.95 30.42
C PHE A 467 -11.30 10.41 31.85
N ASN A 468 -10.58 11.04 32.78
CA ASN A 468 -10.70 10.63 34.18
C ASN A 468 -11.89 11.36 34.80
N LEU A 469 -13.05 10.71 34.98
CA LEU A 469 -14.19 11.39 35.59
C LEU A 469 -13.96 11.80 37.03
N GLY A 470 -12.95 11.33 37.76
CA GLY A 470 -12.74 11.75 39.14
C GLY A 470 -11.86 12.98 39.26
N ALA A 471 -11.39 13.50 38.13
CA ALA A 471 -10.50 14.66 38.14
C ALA A 471 -11.13 15.91 37.56
N ILE A 472 -12.42 15.87 37.25
CA ILE A 472 -13.07 17.09 36.74
C ILE A 472 -14.08 17.61 37.77
N ASN A 473 -14.20 18.92 37.91
CA ASN A 473 -15.16 19.46 38.86
C ASN A 473 -16.56 19.47 38.26
N ASN A 474 -16.65 20.04 37.05
CA ASN A 474 -17.98 20.08 36.39
C ASN A 474 -17.82 19.56 34.98
N LEU A 475 -18.91 19.13 34.37
CA LEU A 475 -18.90 18.58 33.02
C LEU A 475 -18.48 19.51 31.91
N ASP A 476 -18.48 20.83 32.07
CA ASP A 476 -18.01 21.76 31.05
C ASP A 476 -16.50 21.83 30.96
N GLU A 477 -15.79 21.09 31.80
CA GLU A 477 -14.35 20.97 31.77
C GLU A 477 -13.97 20.07 30.59
N LEU A 478 -14.92 19.25 30.16
CA LEU A 478 -14.77 18.33 29.04
C LEU A 478 -14.61 19.02 27.68
N GLU A 479 -15.06 20.25 27.50
CA GLU A 479 -14.79 21.00 26.28
C GLU A 479 -13.28 21.11 26.05
N GLU A 480 -12.50 21.64 27.00
CA GLU A 480 -11.06 21.78 26.82
C GLU A 480 -10.42 20.41 26.60
N LEU A 481 -10.82 19.48 27.48
CA LEU A 481 -10.27 18.13 27.48
C LEU A 481 -10.52 17.40 26.17
N ALA A 482 -11.72 17.54 25.60
CA ALA A 482 -12.00 16.90 24.31
C ALA A 482 -11.13 17.52 23.22
N ILE A 483 -10.98 18.84 23.18
CA ILE A 483 -10.09 19.47 22.22
C ILE A 483 -8.70 18.81 22.27
N LEU A 484 -8.09 18.86 23.46
CA LEU A 484 -6.76 18.28 23.63
C LEU A 484 -6.69 16.79 23.25
N ALA A 485 -7.64 15.99 23.71
CA ALA A 485 -7.64 14.57 23.40
C ALA A 485 -7.75 14.31 21.90
N VAL A 486 -8.73 14.90 21.22
CA VAL A 486 -8.88 14.68 19.79
C VAL A 486 -7.67 15.20 19.02
N ARG A 487 -7.24 16.44 19.26
CA ARG A 487 -6.10 16.96 18.50
C ARG A 487 -4.83 16.13 18.65
N ALA A 488 -4.51 15.72 19.87
CA ALA A 488 -3.31 14.91 20.09
C ALA A 488 -3.38 13.55 19.41
N LEU A 489 -4.52 12.86 19.50
CA LEU A 489 -4.61 11.54 18.88
C LEU A 489 -4.69 11.63 17.37
N ASP A 490 -5.30 12.68 16.79
CA ASP A 490 -5.33 12.83 15.34
C ASP A 490 -3.92 13.04 14.83
N ALA A 491 -3.09 13.76 15.58
CA ALA A 491 -1.70 14.02 15.16
C ALA A 491 -0.94 12.70 15.13
N LEU A 492 -1.20 11.87 16.15
CA LEU A 492 -0.62 10.54 16.23
C LEU A 492 -0.89 9.69 15.01
N LEU A 493 -2.09 9.72 14.41
CA LEU A 493 -2.37 8.94 13.22
C LEU A 493 -1.41 9.26 12.09
N ASP A 494 -0.90 10.49 11.96
CA ASP A 494 0.07 10.79 10.92
C ASP A 494 1.50 10.52 11.39
N TYR A 495 1.70 10.36 12.68
CA TYR A 495 3.05 10.16 13.23
C TYR A 495 3.53 8.72 13.12
N GLN A 496 2.68 7.75 13.39
CA GLN A 496 3.01 6.35 13.47
C GLN A 496 3.16 5.65 12.12
N ASP A 497 3.77 4.45 12.18
CA ASP A 497 4.02 3.67 10.98
C ASP A 497 2.96 2.61 10.72
N TYR A 498 2.79 2.26 9.44
CA TYR A 498 1.82 1.27 9.01
C TYR A 498 2.50 0.16 8.19
N PRO A 499 2.66 -1.00 8.80
CA PRO A 499 3.33 -2.14 8.21
C PRO A 499 2.60 -2.79 7.06
N ILE A 500 1.28 -2.63 6.98
CA ILE A 500 0.48 -3.23 5.94
C ILE A 500 -0.38 -2.18 5.25
N PRO A 501 -0.26 -2.06 3.93
CA PRO A 501 -1.03 -1.15 3.09
C PRO A 501 -2.47 -0.98 3.54
N ALA A 502 -3.20 -2.10 3.65
CA ALA A 502 -4.61 -2.08 4.02
C ALA A 502 -4.90 -1.37 5.33
N ALA A 503 -3.99 -1.43 6.30
CA ALA A 503 -4.19 -0.77 7.59
C ALA A 503 -4.00 0.74 7.42
N LYS A 504 -3.00 1.19 6.68
CA LYS A 504 -2.88 2.61 6.36
C LYS A 504 -4.15 3.09 5.68
N ARG A 505 -4.70 2.36 4.72
CA ARG A 505 -5.92 2.73 4.02
C ARG A 505 -7.06 3.13 4.95
N GLY A 506 -7.33 2.29 5.94
CA GLY A 506 -8.41 2.55 6.90
C GLY A 506 -8.08 3.75 7.80
N ALA A 507 -6.85 3.82 8.28
CA ALA A 507 -6.48 4.92 9.17
C ALA A 507 -6.51 6.28 8.46
N MET A 508 -5.96 6.39 7.26
CA MET A 508 -6.01 7.66 6.55
C MET A 508 -7.39 7.95 6.00
N GLY A 509 -8.16 6.93 5.63
CA GLY A 509 -9.48 7.12 5.06
C GLY A 509 -10.48 7.66 6.07
N ARG A 510 -10.55 6.98 7.21
CA ARG A 510 -11.60 7.25 8.19
C ARG A 510 -11.10 7.90 9.48
N ARG A 511 -9.80 7.94 9.69
CA ARG A 511 -9.17 8.52 10.88
C ARG A 511 -9.92 8.21 12.17
N THR A 512 -10.21 6.94 12.47
CA THR A 512 -11.07 6.53 13.58
C THR A 512 -10.40 6.58 14.95
N LEU A 513 -11.12 7.10 15.94
CA LEU A 513 -10.59 7.21 17.30
C LEU A 513 -11.52 6.53 18.30
N GLY A 514 -10.97 6.21 19.46
CA GLY A 514 -11.75 5.54 20.52
C GLY A 514 -11.38 6.14 21.89
N ILE A 515 -12.15 7.15 22.29
CA ILE A 515 -11.86 7.77 23.59
C ILE A 515 -12.92 7.31 24.57
N GLY A 516 -12.52 6.93 25.78
CA GLY A 516 -13.52 6.43 26.73
C GLY A 516 -13.30 7.02 28.12
N VAL A 517 -13.76 6.34 29.17
CA VAL A 517 -13.62 6.88 30.52
C VAL A 517 -12.98 5.89 31.47
N ILE A 518 -12.42 6.39 32.56
CA ILE A 518 -11.90 5.62 33.67
C ILE A 518 -12.45 6.32 34.92
N ASN A 519 -12.45 5.64 36.06
CA ASN A 519 -12.92 6.23 37.31
C ASN A 519 -14.42 6.40 37.39
N PHE A 520 -15.22 5.68 36.62
CA PHE A 520 -16.67 5.83 36.69
C PHE A 520 -17.19 5.56 38.10
N ALA A 521 -16.77 4.44 38.69
CA ALA A 521 -17.22 3.98 40.00
C ALA A 521 -17.03 5.07 41.05
N TYR A 522 -15.81 5.60 41.10
CA TYR A 522 -15.50 6.70 42.01
C TYR A 522 -16.47 7.87 41.78
N TYR A 523 -16.63 8.26 40.52
CA TYR A 523 -17.54 9.32 40.11
C TYR A 523 -18.93 9.09 40.68
N LEU A 524 -19.49 7.89 40.47
CA LEU A 524 -20.81 7.59 41.01
C LEU A 524 -20.81 7.67 42.54
N ALA A 525 -19.72 7.20 43.14
CA ALA A 525 -19.61 7.19 44.61
C ALA A 525 -19.72 8.60 45.18
N LYS A 526 -18.94 9.52 44.61
CA LYS A 526 -18.98 10.89 45.14
C LYS A 526 -20.25 11.65 44.79
N HIS A 527 -21.13 11.11 43.96
CA HIS A 527 -22.39 11.75 43.63
C HIS A 527 -23.52 10.99 44.33
N GLY A 528 -23.13 10.09 45.24
CA GLY A 528 -24.05 9.30 46.01
C GLY A 528 -24.99 8.42 45.20
N LYS A 529 -24.50 7.82 44.12
CA LYS A 529 -25.32 6.92 43.32
C LYS A 529 -24.68 5.52 43.29
N ARG A 530 -25.49 4.52 42.97
CA ARG A 530 -25.03 3.14 42.89
C ARG A 530 -25.29 2.58 41.50
N TYR A 531 -24.83 1.35 41.26
CA TYR A 531 -25.03 0.70 39.98
C TYR A 531 -26.34 -0.09 39.87
N SER A 532 -26.67 -0.86 40.91
CA SER A 532 -27.78 -1.78 40.84
C SER A 532 -29.22 -1.29 40.98
N ASP A 533 -29.51 -0.13 41.56
CA ASP A 533 -30.91 0.23 41.76
C ASP A 533 -31.53 1.20 40.78
N GLY A 534 -30.78 1.67 39.80
CA GLY A 534 -31.28 2.58 38.78
C GLY A 534 -31.07 4.03 39.18
N SER A 535 -30.48 4.24 40.35
CA SER A 535 -30.26 5.58 40.86
C SER A 535 -29.31 6.43 40.05
N ALA A 536 -28.47 5.85 39.19
CA ALA A 536 -27.52 6.63 38.39
C ALA A 536 -27.93 6.80 36.93
N ASN A 537 -29.05 6.24 36.50
CA ASN A 537 -29.47 6.38 35.09
C ASN A 537 -29.40 7.82 34.60
N ASN A 538 -30.13 8.77 35.19
CA ASN A 538 -30.15 10.14 34.67
C ASN A 538 -28.78 10.80 34.73
N LEU A 539 -28.01 10.58 35.80
CA LEU A 539 -26.68 11.19 35.89
C LEU A 539 -25.80 10.63 34.77
N THR A 540 -25.92 9.32 34.54
CA THR A 540 -25.15 8.70 33.46
C THR A 540 -25.53 9.28 32.11
N HIS A 541 -26.84 9.46 31.86
CA HIS A 541 -27.32 10.05 30.63
C HIS A 541 -26.77 11.47 30.45
N LYS A 542 -26.80 12.24 31.53
CA LYS A 542 -26.28 13.61 31.48
C LYS A 542 -24.79 13.57 31.17
N THR A 543 -24.07 12.72 31.89
CA THR A 543 -22.62 12.63 31.75
C THR A 543 -22.16 12.19 30.36
N PHE A 544 -22.86 11.20 29.79
CA PHE A 544 -22.42 10.70 28.48
C PHE A 544 -22.87 11.61 27.36
N GLU A 545 -23.93 12.41 27.57
CA GLU A 545 -24.26 13.41 26.56
C GLU A 545 -23.14 14.44 26.48
N ALA A 546 -22.64 14.91 27.63
CA ALA A 546 -21.55 15.88 27.60
C ALA A 546 -20.35 15.35 26.80
N ILE A 547 -19.90 14.15 27.17
CA ILE A 547 -18.73 13.53 26.54
C ILE A 547 -18.87 13.44 25.03
N GLN A 548 -19.99 12.87 24.57
CA GLN A 548 -20.18 12.78 23.12
C GLN A 548 -20.33 14.14 22.46
N TYR A 549 -21.07 15.06 23.09
CA TYR A 549 -21.24 16.38 22.53
C TYR A 549 -19.89 17.06 22.32
N TYR A 550 -19.09 17.20 23.37
CA TYR A 550 -17.81 17.89 23.25
C TYR A 550 -16.80 17.19 22.35
N LEU A 551 -16.84 15.87 22.23
CA LEU A 551 -15.95 15.12 21.34
C LEU A 551 -16.28 15.43 19.88
N LEU A 552 -17.57 15.43 19.55
CA LEU A 552 -17.99 15.78 18.20
C LEU A 552 -17.62 17.24 17.92
N LYS A 553 -17.85 18.14 18.88
CA LYS A 553 -17.41 19.51 18.73
C LYS A 553 -15.91 19.56 18.41
N ALA A 554 -15.07 18.90 19.19
CA ALA A 554 -13.63 18.92 18.94
C ALA A 554 -13.27 18.41 17.55
N SER A 555 -13.80 17.26 17.19
CA SER A 555 -13.49 16.64 15.90
C SER A 555 -13.98 17.57 14.80
N ASN A 556 -15.19 18.09 14.97
CA ASN A 556 -15.76 19.03 14.01
C ASN A 556 -14.91 20.29 13.87
N GLU A 557 -14.44 20.86 14.98
CA GLU A 557 -13.53 22.01 14.90
C GLU A 557 -12.29 21.62 14.09
N LEU A 558 -11.67 20.48 14.39
CA LEU A 558 -10.48 20.02 13.70
C LEU A 558 -10.67 19.87 12.19
N ALA A 559 -11.84 19.42 11.75
CA ALA A 559 -12.13 19.27 10.33
C ALA A 559 -12.15 20.63 9.63
N LYS A 560 -12.71 21.62 10.33
CA LYS A 560 -12.68 22.99 9.82
C LYS A 560 -11.24 23.41 9.56
N GLU A 561 -10.40 23.21 10.56
CA GLU A 561 -9.00 23.57 10.45
C GLU A 561 -8.25 22.75 9.41
N GLN A 562 -8.41 21.43 9.38
CA GLN A 562 -7.51 20.56 8.62
C GLN A 562 -8.18 19.63 7.61
N GLY A 563 -9.50 19.74 7.47
CA GLY A 563 -10.22 18.92 6.50
C GLY A 563 -10.75 17.64 7.13
N ALA A 564 -11.95 17.24 6.70
CA ALA A 564 -12.54 16.01 7.21
C ALA A 564 -11.74 14.81 6.70
N CYS A 565 -12.01 13.63 7.26
CA CYS A 565 -11.34 12.43 6.78
C CYS A 565 -11.81 12.07 5.39
N PRO A 566 -10.92 11.61 4.53
CA PRO A 566 -11.18 11.21 3.18
C PRO A 566 -12.52 10.51 2.99
N TRP A 567 -12.72 9.41 3.70
CA TRP A 567 -13.95 8.63 3.57
C TRP A 567 -15.06 9.05 4.52
N PHE A 568 -15.18 10.35 4.79
CA PHE A 568 -16.25 10.86 5.64
C PHE A 568 -17.63 10.61 5.06
N ASN A 569 -17.78 10.57 3.74
CA ASN A 569 -19.00 10.28 3.05
C ASN A 569 -19.59 8.91 3.29
N GLU A 570 -18.88 7.96 3.88
CA GLU A 570 -19.40 6.64 4.20
C GLU A 570 -20.03 6.58 5.58
N THR A 571 -19.99 7.67 6.34
CA THR A 571 -20.54 7.71 7.68
C THR A 571 -21.99 8.19 7.68
N THR A 572 -22.73 7.87 8.74
CA THR A 572 -24.10 8.36 8.91
C THR A 572 -24.04 9.84 9.29
N TYR A 573 -22.93 10.23 9.93
CA TYR A 573 -22.71 11.61 10.31
C TYR A 573 -22.80 12.52 9.08
N ALA A 574 -22.17 12.10 7.97
CA ALA A 574 -22.23 12.81 6.70
C ALA A 574 -23.65 13.11 6.24
N LYS A 575 -24.63 12.25 6.54
CA LYS A 575 -26.01 12.48 6.18
C LYS A 575 -26.83 13.22 7.22
N GLY A 576 -26.19 13.80 8.23
CA GLY A 576 -26.89 14.52 9.29
C GLY A 576 -27.52 13.64 10.35
N ILE A 577 -27.20 12.36 10.37
CA ILE A 577 -27.74 11.44 11.36
C ILE A 577 -26.82 11.41 12.59
N LEU A 578 -27.44 11.46 13.77
CA LEU A 578 -26.71 11.48 15.02
C LEU A 578 -27.05 10.33 15.96
N PRO A 579 -26.16 10.08 16.91
CA PRO A 579 -26.30 9.00 17.88
C PRO A 579 -27.67 9.07 18.52
N ILE A 580 -28.10 10.28 18.88
CA ILE A 580 -29.41 10.54 19.44
C ILE A 580 -30.59 10.29 18.51
N ASP A 581 -30.40 9.97 17.24
CA ASP A 581 -31.49 9.67 16.35
C ASP A 581 -31.68 8.17 16.14
N THR A 582 -30.65 7.36 16.41
CA THR A 582 -30.78 5.93 16.13
C THR A 582 -30.73 4.99 17.31
N TYR A 583 -30.69 5.51 18.53
CA TYR A 583 -30.54 4.66 19.72
C TYR A 583 -31.74 3.75 19.92
N LYS A 584 -31.60 2.71 20.74
CA LYS A 584 -32.71 1.77 20.96
C LYS A 584 -33.80 2.46 21.77
N LYS A 585 -34.99 2.64 21.18
CA LYS A 585 -36.09 3.32 21.85
C LYS A 585 -36.49 2.82 23.21
N ASP A 586 -36.37 1.54 23.55
CA ASP A 586 -36.65 1.05 24.89
C ASP A 586 -35.99 1.85 26.00
N LEU A 587 -34.82 2.43 25.74
CA LEU A 587 -34.09 3.27 26.65
C LEU A 587 -34.91 4.38 27.28
N ASP A 588 -35.87 4.93 26.54
CA ASP A 588 -36.75 5.97 27.03
C ASP A 588 -37.48 5.59 28.32
N THR A 589 -37.86 4.33 28.50
CA THR A 589 -38.51 3.87 29.71
C THR A 589 -37.62 3.79 30.94
N ILE A 590 -36.29 3.84 30.82
CA ILE A 590 -35.45 3.72 32.01
C ILE A 590 -34.63 4.95 32.31
N ALA A 591 -34.79 6.03 31.57
CA ALA A 591 -34.05 7.26 31.86
C ALA A 591 -34.87 8.46 31.38
N ASN A 592 -34.98 9.51 32.19
CA ASN A 592 -35.80 10.64 31.75
C ASN A 592 -35.02 11.93 31.60
N GLU A 593 -33.72 11.89 31.84
CA GLU A 593 -32.88 13.08 31.71
C GLU A 593 -32.95 13.66 30.30
N PRO A 594 -33.09 14.97 30.23
CA PRO A 594 -33.17 15.73 28.99
C PRO A 594 -31.82 15.99 28.36
N LEU A 595 -31.77 16.38 27.09
CA LEU A 595 -30.47 16.69 26.47
C LEU A 595 -30.10 18.10 26.91
N HIS A 596 -28.87 18.36 27.32
CA HIS A 596 -28.53 19.69 27.81
C HIS A 596 -27.72 20.48 26.81
N TYR A 597 -27.28 19.83 25.73
CA TYR A 597 -26.42 20.50 24.75
C TYR A 597 -27.12 20.72 23.42
N ASP A 598 -26.66 21.70 22.65
CA ASP A 598 -27.30 22.03 21.39
C ASP A 598 -26.90 21.03 20.31
N TRP A 599 -27.66 19.95 20.18
CA TRP A 599 -27.31 18.92 19.20
C TRP A 599 -27.65 19.35 17.78
N GLU A 600 -28.72 20.13 17.62
CA GLU A 600 -29.14 20.60 16.31
C GLU A 600 -28.18 21.60 15.69
N ALA A 601 -27.52 22.43 16.50
CA ALA A 601 -26.52 23.35 15.93
C ALA A 601 -25.40 22.48 15.34
N LEU A 602 -24.97 21.52 16.16
CA LEU A 602 -23.92 20.58 15.84
C LEU A 602 -24.26 19.74 14.62
N ARG A 603 -25.50 19.27 14.53
CA ARG A 603 -25.92 18.49 13.36
C ARG A 603 -25.57 19.24 12.08
N GLU A 604 -25.99 20.50 11.97
CA GLU A 604 -25.69 21.33 10.84
C GLU A 604 -24.20 21.49 10.56
N SER A 605 -23.42 21.79 11.60
CA SER A 605 -21.99 21.99 11.44
C SER A 605 -21.25 20.75 10.95
N ILE A 606 -21.68 19.58 11.41
CA ILE A 606 -21.12 18.31 10.94
C ILE A 606 -21.42 18.16 9.45
N LYS A 607 -22.69 18.30 9.06
CA LYS A 607 -23.10 18.21 7.67
C LYS A 607 -22.27 19.12 6.76
N THR A 608 -22.03 20.34 7.21
CA THR A 608 -21.35 21.34 6.41
C THR A 608 -19.83 21.14 6.36
N HIS A 609 -19.18 21.06 7.52
CA HIS A 609 -17.73 20.94 7.59
C HIS A 609 -17.21 19.53 7.85
N GLY A 610 -18.10 18.59 8.11
CA GLY A 610 -17.73 17.20 8.34
C GLY A 610 -16.93 16.93 9.60
N LEU A 611 -16.43 15.71 9.73
CA LEU A 611 -15.64 15.32 10.88
C LEU A 611 -14.23 14.91 10.45
N ARG A 612 -13.24 15.23 11.30
CA ARG A 612 -11.85 14.86 11.00
C ARG A 612 -11.74 13.34 11.15
N ASN A 613 -12.48 12.86 12.16
CA ASN A 613 -12.50 11.47 12.55
C ASN A 613 -13.88 10.86 12.39
N SER A 614 -13.96 9.71 11.74
CA SER A 614 -15.23 9.04 11.51
C SER A 614 -15.88 8.49 12.78
N THR A 615 -15.10 8.15 13.80
CA THR A 615 -15.62 7.65 15.06
C THR A 615 -14.76 8.30 16.17
N LEU A 616 -15.38 8.68 17.27
CA LEU A 616 -14.63 9.33 18.35
C LEU A 616 -14.65 8.58 19.67
N SER A 617 -15.78 7.93 20.02
CA SER A 617 -15.84 7.30 21.34
C SER A 617 -15.99 5.80 21.34
N ALA A 618 -15.42 5.20 22.39
CA ALA A 618 -15.46 3.77 22.64
C ALA A 618 -14.99 3.51 24.08
N LEU A 619 -15.84 2.82 24.83
CA LEU A 619 -15.58 2.49 26.25
C LEU A 619 -14.81 1.19 26.38
N MET A 620 -13.57 1.31 26.77
CA MET A 620 -12.67 0.16 26.91
C MET A 620 -12.23 -0.08 28.33
N PRO A 621 -11.88 -1.32 28.65
CA PRO A 621 -11.32 -1.66 29.93
C PRO A 621 -9.98 -0.96 30.05
N SER A 622 -9.46 -0.93 31.26
CA SER A 622 -8.15 -0.31 31.53
C SER A 622 -7.66 -0.79 32.89
N GLU A 623 -6.43 -1.23 32.96
CA GLU A 623 -5.88 -1.70 34.23
C GLU A 623 -4.68 -0.85 34.62
N THR A 624 -3.89 -0.72 33.65
CA THR A 624 -2.61 -0.10 33.75
C THR A 624 -2.71 1.45 33.78
N SER A 625 -3.54 2.03 32.91
CA SER A 625 -3.73 3.52 32.85
C SER A 625 -4.38 4.01 34.17
N SER A 626 -5.39 3.27 34.61
CA SER A 626 -6.12 3.57 35.84
C SER A 626 -5.16 3.53 37.03
N GLN A 627 -4.24 2.57 37.04
CA GLN A 627 -3.27 2.44 38.11
C GLN A 627 -2.43 3.70 38.27
N ILE A 628 -2.03 4.32 37.17
CA ILE A 628 -1.21 5.53 37.19
C ILE A 628 -1.92 6.71 37.84
N SER A 629 -3.23 6.83 37.68
CA SER A 629 -3.99 7.92 38.26
C SER A 629 -4.81 7.49 39.48
N ASN A 630 -4.49 6.34 40.07
CA ASN A 630 -5.25 5.82 41.21
C ASN A 630 -6.73 6.01 40.95
N ALA A 631 -7.22 5.33 39.92
CA ALA A 631 -8.61 5.40 39.49
C ALA A 631 -9.29 4.05 39.34
N THR A 632 -10.60 4.01 39.56
CA THR A 632 -11.28 2.73 39.35
C THR A 632 -11.22 2.44 37.83
N ASN A 633 -11.12 1.17 37.45
CA ASN A 633 -10.90 0.82 36.07
C ASN A 633 -12.16 1.04 35.21
N GLY A 634 -11.90 1.67 34.06
CA GLY A 634 -12.94 1.95 33.09
C GLY A 634 -14.28 2.28 33.74
N ILE A 635 -15.31 1.52 33.40
CA ILE A 635 -16.63 1.79 33.97
C ILE A 635 -17.05 0.71 34.98
N GLU A 636 -16.10 -0.13 35.37
CA GLU A 636 -16.45 -1.22 36.28
C GLU A 636 -16.33 -0.88 37.75
N PRO A 637 -17.21 -1.46 38.54
CA PRO A 637 -17.17 -1.38 39.99
C PRO A 637 -15.98 -2.16 40.51
N PRO A 638 -15.32 -1.64 41.51
CA PRO A 638 -14.17 -2.29 42.12
C PRO A 638 -14.60 -3.65 42.66
N ARG A 639 -13.64 -4.57 42.78
CA ARG A 639 -13.94 -5.87 43.37
C ARG A 639 -13.80 -5.76 44.88
N GLY A 640 -13.04 -4.77 45.34
CA GLY A 640 -12.87 -4.50 46.76
C GLY A 640 -12.20 -3.15 47.00
N TYR A 641 -12.05 -2.76 48.26
CA TYR A 641 -11.44 -1.48 48.59
C TYR A 641 -9.94 -1.51 48.29
N VAL A 642 -9.28 -2.65 48.53
CA VAL A 642 -7.85 -2.72 48.27
C VAL A 642 -7.48 -3.75 47.22
N SER A 643 -6.65 -3.30 46.27
CA SER A 643 -6.16 -4.15 45.20
C SER A 643 -4.81 -4.77 45.56
N ILE A 644 -4.65 -6.07 45.38
CA ILE A 644 -3.35 -6.69 45.65
C ILE A 644 -2.77 -7.17 44.32
N LYS A 645 -1.51 -6.82 44.06
CA LYS A 645 -0.84 -7.25 42.84
C LYS A 645 0.56 -7.76 43.21
N ALA A 646 1.05 -8.75 42.48
CA ALA A 646 2.37 -9.32 42.74
C ALA A 646 3.47 -8.61 41.97
N SER A 647 4.65 -8.51 42.58
CA SER A 647 5.78 -7.86 41.94
C SER A 647 7.08 -8.53 42.37
N LYS A 648 8.18 -8.19 41.70
CA LYS A 648 9.48 -8.75 42.08
C LYS A 648 9.92 -8.14 43.42
N ASP A 649 9.61 -6.86 43.62
CA ASP A 649 9.97 -6.15 44.84
C ASP A 649 9.09 -6.51 46.02
N GLY A 650 7.85 -6.93 45.77
CA GLY A 650 6.97 -7.29 46.87
C GLY A 650 5.50 -7.18 46.46
N ILE A 651 4.62 -7.18 47.47
CA ILE A 651 3.20 -7.09 47.22
C ILE A 651 2.75 -5.66 47.01
N LEU A 652 2.10 -5.39 45.88
CA LEU A 652 1.62 -4.04 45.58
C LEU A 652 0.17 -3.86 46.01
N ARG A 653 -0.08 -2.89 46.88
CA ARG A 653 -1.44 -2.61 47.34
C ARG A 653 -1.90 -1.23 46.90
N GLN A 654 -3.17 -1.13 46.52
CA GLN A 654 -3.73 0.15 46.08
C GLN A 654 -5.14 0.31 46.64
N VAL A 655 -5.36 1.40 47.36
CA VAL A 655 -6.66 1.66 47.97
C VAL A 655 -7.52 2.56 47.08
N VAL A 656 -8.79 2.18 46.93
CA VAL A 656 -9.68 2.98 46.08
C VAL A 656 -9.63 4.44 46.49
N PRO A 657 -9.78 5.33 45.54
CA PRO A 657 -9.75 6.77 45.74
C PRO A 657 -10.70 7.24 46.82
N ASP A 658 -10.19 8.08 47.72
CA ASP A 658 -10.98 8.66 48.80
C ASP A 658 -11.83 7.64 49.56
N TYR A 659 -11.17 6.54 49.95
CA TYR A 659 -11.83 5.49 50.72
C TYR A 659 -12.28 6.07 52.06
N GLU A 660 -11.39 6.85 52.68
CA GLU A 660 -11.66 7.53 53.94
C GLU A 660 -13.08 8.06 54.05
N HIS A 661 -13.49 8.89 53.09
CA HIS A 661 -14.79 9.52 53.08
C HIS A 661 -15.89 8.82 52.28
N LEU A 662 -15.54 7.92 51.37
CA LEU A 662 -16.56 7.28 50.53
C LEU A 662 -16.73 5.79 50.68
N HIS A 663 -16.10 5.16 51.68
CA HIS A 663 -16.23 3.72 51.86
C HIS A 663 -17.67 3.25 51.77
N ASP A 664 -18.61 3.89 52.48
CA ASP A 664 -20.01 3.48 52.40
C ASP A 664 -20.70 3.87 51.10
N ALA A 665 -20.12 4.76 50.31
CA ALA A 665 -20.72 5.22 49.08
C ALA A 665 -20.52 4.23 47.93
N TYR A 666 -19.33 3.63 47.92
CA TYR A 666 -18.98 2.66 46.88
C TYR A 666 -20.01 1.53 46.87
N GLU A 667 -20.10 0.86 45.74
CA GLU A 667 -20.92 -0.35 45.61
C GLU A 667 -20.01 -1.42 44.98
N LEU A 668 -19.44 -2.30 45.81
CA LEU A 668 -18.47 -3.27 45.28
C LEU A 668 -19.14 -4.25 44.34
N LEU A 669 -18.36 -4.77 43.40
CA LEU A 669 -18.81 -5.71 42.40
C LEU A 669 -19.72 -6.82 42.93
N TRP A 670 -19.32 -7.57 43.95
CA TRP A 670 -20.18 -8.65 44.45
C TRP A 670 -21.31 -8.20 45.35
N GLU A 671 -21.49 -6.91 45.56
CA GLU A 671 -22.57 -6.39 46.38
C GLU A 671 -23.83 -6.22 45.56
N MET A 672 -23.64 -6.04 44.25
CA MET A 672 -24.82 -5.89 43.39
C MET A 672 -25.61 -7.19 43.44
N PRO A 673 -26.92 -7.08 43.52
CA PRO A 673 -27.85 -8.17 43.55
C PRO A 673 -28.05 -8.81 42.18
N GLY A 674 -27.65 -8.12 41.11
CA GLY A 674 -27.84 -8.69 39.78
C GLY A 674 -27.14 -7.88 38.69
N ASN A 675 -27.50 -8.11 37.43
CA ASN A 675 -26.90 -7.36 36.34
C ASN A 675 -27.80 -6.27 35.80
N ASP A 676 -29.09 -6.23 36.17
CA ASP A 676 -30.01 -5.26 35.57
C ASP A 676 -29.52 -3.83 35.64
N GLY A 677 -29.20 -3.36 36.85
CA GLY A 677 -28.78 -1.98 37.02
C GLY A 677 -27.67 -1.64 36.02
N TYR A 678 -26.61 -2.45 36.08
CA TYR A 678 -25.42 -2.23 35.27
C TYR A 678 -25.76 -2.31 33.79
N LEU A 679 -26.57 -3.32 33.43
CA LEU A 679 -26.95 -3.40 32.02
C LEU A 679 -27.70 -2.17 31.56
N GLN A 680 -28.56 -1.57 32.39
CA GLN A 680 -29.23 -0.33 32.00
C GLN A 680 -28.25 0.83 31.78
N LEU A 681 -27.22 0.93 32.62
CA LEU A 681 -26.23 2.00 32.49
C LEU A 681 -25.40 1.86 31.22
N VAL A 682 -25.13 0.61 30.85
CA VAL A 682 -24.42 0.36 29.59
C VAL A 682 -25.31 0.80 28.42
N GLY A 683 -26.60 0.48 28.49
CA GLY A 683 -27.56 0.88 27.47
C GLY A 683 -27.59 2.39 27.28
N ILE A 684 -27.64 3.10 28.41
CA ILE A 684 -27.68 4.57 28.41
C ILE A 684 -26.40 5.14 27.79
N MET A 685 -25.27 4.51 28.10
CA MET A 685 -23.99 4.91 27.56
C MET A 685 -23.93 4.67 26.05
N GLN A 686 -24.53 3.56 25.60
CA GLN A 686 -24.52 3.23 24.19
C GLN A 686 -25.36 4.15 23.31
N LYS A 687 -26.23 4.95 23.93
CA LYS A 687 -27.01 5.94 23.19
C LYS A 687 -26.06 6.88 22.46
N PHE A 688 -25.05 7.35 23.20
CA PHE A 688 -24.13 8.34 22.67
C PHE A 688 -22.80 7.81 22.15
N ILE A 689 -22.41 6.57 22.41
CA ILE A 689 -21.07 6.13 22.00
C ILE A 689 -20.99 5.70 20.54
N ASP A 690 -19.99 6.22 19.82
CA ASP A 690 -19.80 5.85 18.42
C ASP A 690 -19.62 4.36 18.20
N GLN A 691 -18.71 3.78 18.99
CA GLN A 691 -18.40 2.35 18.84
C GLN A 691 -19.19 1.46 19.79
N SER A 692 -18.47 0.75 20.67
CA SER A 692 -19.12 -0.11 21.63
C SER A 692 -18.46 -0.01 23.00
N ILE A 693 -18.97 -0.82 23.93
CA ILE A 693 -18.50 -0.83 25.31
C ILE A 693 -18.08 -2.24 25.71
N SER A 694 -17.04 -2.40 26.53
CA SER A 694 -16.65 -3.73 26.99
C SER A 694 -17.50 -4.16 28.19
N ALA A 695 -18.78 -4.42 28.00
CA ALA A 695 -19.66 -4.80 29.11
C ALA A 695 -19.33 -6.17 29.67
N ASN A 696 -19.40 -6.30 31.00
CA ASN A 696 -19.20 -7.60 31.63
C ASN A 696 -20.55 -8.08 32.17
N THR A 697 -20.64 -9.35 32.51
CA THR A 697 -21.82 -9.89 33.19
C THR A 697 -21.24 -10.60 34.41
N ASN A 698 -21.81 -10.46 35.59
CA ASN A 698 -21.26 -11.11 36.78
C ASN A 698 -22.28 -11.95 37.53
N TYR A 699 -21.91 -13.18 37.93
CA TYR A 699 -22.79 -14.10 38.61
C TYR A 699 -22.11 -14.71 39.83
N ASP A 700 -22.85 -14.78 40.93
CA ASP A 700 -22.34 -15.35 42.17
C ASP A 700 -23.18 -16.56 42.53
N PRO A 701 -22.53 -17.71 42.57
CA PRO A 701 -23.14 -19.01 42.84
C PRO A 701 -23.91 -19.05 44.15
N SER A 702 -23.35 -18.45 45.20
CA SER A 702 -23.95 -18.45 46.52
C SER A 702 -25.24 -17.64 46.67
N ARG A 703 -25.68 -16.97 45.62
CA ARG A 703 -26.93 -16.24 45.58
C ARG A 703 -28.03 -17.10 44.94
N PHE A 704 -27.67 -18.32 44.56
CA PHE A 704 -28.62 -19.22 43.91
C PHE A 704 -28.74 -20.57 44.62
N PRO A 705 -29.96 -21.11 44.63
CA PRO A 705 -30.28 -22.38 45.22
C PRO A 705 -29.36 -23.48 44.73
N SER A 706 -28.68 -24.15 45.66
CA SER A 706 -27.76 -25.23 45.37
C SER A 706 -26.44 -24.76 44.76
N GLY A 707 -26.16 -23.48 44.78
CA GLY A 707 -24.95 -22.87 44.26
C GLY A 707 -24.75 -23.03 42.76
N LYS A 708 -25.85 -23.06 42.01
CA LYS A 708 -25.78 -23.22 40.56
C LYS A 708 -26.58 -22.15 39.82
N VAL A 709 -25.89 -21.44 38.93
CA VAL A 709 -26.50 -20.39 38.14
C VAL A 709 -27.46 -20.98 37.10
N PRO A 710 -28.72 -20.64 37.23
CA PRO A 710 -29.76 -21.13 36.33
C PRO A 710 -29.54 -20.64 34.90
N MET A 711 -29.73 -21.52 33.93
CA MET A 711 -29.69 -21.12 32.52
C MET A 711 -30.75 -20.05 32.26
N GLN A 712 -31.94 -20.20 32.85
CA GLN A 712 -32.97 -19.17 32.76
C GLN A 712 -32.38 -17.78 33.00
N GLN A 713 -31.72 -17.59 34.14
CA GLN A 713 -31.15 -16.29 34.47
C GLN A 713 -30.13 -15.82 33.43
N LEU A 714 -29.26 -16.72 32.97
CA LEU A 714 -28.28 -16.34 31.95
C LEU A 714 -28.96 -15.89 30.66
N LEU A 715 -30.03 -16.57 30.23
CA LEU A 715 -30.72 -16.16 29.00
C LEU A 715 -31.48 -14.87 29.23
N LYS A 716 -32.10 -14.73 30.40
CA LYS A 716 -32.83 -13.51 30.73
C LYS A 716 -31.91 -12.29 30.60
N ASP A 717 -30.73 -12.34 31.19
CA ASP A 717 -29.79 -11.21 31.10
C ASP A 717 -29.33 -10.94 29.68
N LEU A 718 -29.19 -12.01 28.88
CA LEU A 718 -28.81 -11.84 27.47
C LEU A 718 -29.86 -10.97 26.81
N LEU A 719 -31.14 -11.36 26.97
CA LEU A 719 -32.25 -10.63 26.36
C LEU A 719 -32.35 -9.19 26.83
N THR A 720 -32.20 -8.98 28.13
CA THR A 720 -32.22 -7.63 28.69
C THR A 720 -31.21 -6.75 27.97
N ALA A 721 -29.95 -7.21 27.91
CA ALA A 721 -28.92 -6.49 27.18
C ALA A 721 -29.40 -6.16 25.76
N TYR A 722 -29.99 -7.13 25.05
CA TYR A 722 -30.44 -6.83 23.69
C TYR A 722 -31.52 -5.76 23.70
N LYS A 723 -32.45 -5.84 24.65
CA LYS A 723 -33.55 -4.89 24.71
C LYS A 723 -33.10 -3.44 24.86
N PHE A 724 -32.06 -3.16 25.63
CA PHE A 724 -31.60 -1.80 25.81
C PHE A 724 -30.50 -1.35 24.86
N GLY A 725 -30.38 -2.03 23.73
CA GLY A 725 -29.47 -1.69 22.67
C GLY A 725 -28.00 -1.99 22.92
N VAL A 726 -27.68 -2.94 23.81
CA VAL A 726 -26.27 -3.24 24.04
C VAL A 726 -25.69 -3.97 22.83
N LYS A 727 -24.57 -3.43 22.31
CA LYS A 727 -24.02 -4.00 21.09
C LYS A 727 -23.24 -5.29 21.30
N THR A 728 -22.34 -5.31 22.29
CA THR A 728 -21.52 -6.49 22.54
C THR A 728 -21.54 -6.87 24.02
N LEU A 729 -20.99 -8.05 24.34
CA LEU A 729 -20.78 -8.47 25.72
C LEU A 729 -19.41 -9.16 25.84
N TYR A 730 -18.63 -8.63 26.77
CA TYR A 730 -17.29 -9.13 27.05
C TYR A 730 -17.37 -10.22 28.11
N TYR A 731 -16.37 -10.28 28.97
CA TYR A 731 -16.21 -11.30 29.97
C TYR A 731 -17.51 -11.63 30.70
N GLN A 732 -17.55 -12.83 31.26
CA GLN A 732 -18.57 -13.21 32.22
C GLN A 732 -17.77 -13.62 33.46
N ASN A 733 -17.93 -12.89 34.55
CA ASN A 733 -17.20 -13.22 35.77
C ASN A 733 -18.07 -14.10 36.66
N THR A 734 -17.55 -15.24 37.10
CA THR A 734 -18.25 -16.06 38.08
C THR A 734 -17.40 -16.01 39.35
N ARG A 735 -18.01 -15.93 40.50
CA ARG A 735 -17.26 -15.82 41.74
C ARG A 735 -16.59 -17.10 42.20
N ASP A 736 -15.42 -16.91 42.80
CA ASP A 736 -14.60 -18.02 43.33
C ASP A 736 -14.80 -18.06 44.84
N GLY A 737 -16.02 -18.45 45.21
CA GLY A 737 -16.49 -18.55 46.58
C GLY A 737 -17.92 -19.11 46.59
N GLN B 5 -20.83 -22.92 38.68
CA GLN B 5 -21.74 -24.02 38.40
C GLN B 5 -23.06 -23.50 37.84
N ILE B 6 -23.58 -24.14 36.79
CA ILE B 6 -24.84 -23.69 36.21
C ILE B 6 -25.90 -24.80 36.23
N ASP B 7 -27.15 -24.37 36.35
CA ASP B 7 -28.31 -25.26 36.30
C ASP B 7 -28.95 -25.09 34.93
N SER B 8 -28.75 -26.05 34.04
CA SER B 8 -29.28 -25.96 32.69
C SER B 8 -30.75 -26.36 32.60
N GLU B 9 -31.61 -25.42 32.97
CA GLU B 9 -33.06 -25.62 32.96
C GLU B 9 -33.71 -24.35 32.38
N VAL B 10 -34.14 -24.45 31.13
CA VAL B 10 -34.73 -23.31 30.45
C VAL B 10 -36.25 -23.44 30.28
N ASP B 11 -36.95 -22.41 30.76
CA ASP B 11 -38.40 -22.33 30.64
C ASP B 11 -38.70 -21.43 29.45
N THR B 12 -39.09 -22.02 28.32
CA THR B 12 -39.36 -21.24 27.10
C THR B 12 -40.68 -20.50 27.18
N ASP B 13 -41.61 -21.00 27.99
CA ASP B 13 -42.90 -20.35 28.19
C ASP B 13 -42.78 -19.04 28.96
N ASP B 14 -41.75 -18.93 29.80
CA ASP B 14 -41.50 -17.73 30.58
C ASP B 14 -40.78 -16.66 29.77
N LEU B 15 -39.90 -17.09 28.86
CA LEU B 15 -39.14 -16.16 28.04
C LEU B 15 -39.96 -15.59 26.89
N SER B 16 -40.93 -16.34 26.40
CA SER B 16 -41.74 -15.96 25.26
C SER B 16 -42.38 -14.58 25.30
N ASN B 17 -42.78 -14.09 26.47
CA ASN B 17 -43.40 -12.79 26.58
C ASN B 17 -42.44 -11.64 26.31
N PHE B 18 -41.18 -11.79 26.69
CA PHE B 18 -40.17 -10.76 26.49
C PHE B 18 -40.34 -10.04 25.16
N GLN B 19 -40.13 -8.73 25.20
CA GLN B 19 -40.21 -7.87 24.02
C GLN B 19 -38.81 -7.35 23.70
N LEU B 20 -38.26 -7.73 22.55
CA LEU B 20 -36.94 -7.30 22.16
C LEU B 20 -36.88 -5.84 21.70
N LEU C 5 -34.54 -69.74 -5.92
CA LEU C 5 -33.64 -68.63 -5.57
C LEU C 5 -33.79 -67.50 -6.59
N LEU C 6 -34.53 -66.45 -6.22
CA LEU C 6 -34.74 -65.33 -7.13
C LEU C 6 -33.55 -64.37 -7.11
N VAL C 7 -33.22 -63.80 -8.26
CA VAL C 7 -32.13 -62.84 -8.37
C VAL C 7 -32.67 -61.50 -8.85
N THR C 8 -32.25 -60.41 -8.22
CA THR C 8 -32.68 -59.07 -8.58
C THR C 8 -31.60 -58.37 -9.41
N LYS C 9 -31.98 -57.61 -10.43
CA LYS C 9 -31.00 -56.94 -11.28
C LYS C 9 -30.86 -55.44 -11.06
N ARG C 10 -30.03 -54.81 -11.89
CA ARG C 10 -29.70 -53.39 -11.82
C ARG C 10 -30.89 -52.46 -11.95
N ASP C 11 -31.86 -52.80 -12.80
CA ASP C 11 -33.08 -52.00 -12.93
C ASP C 11 -34.06 -52.35 -11.81
N GLY C 12 -33.78 -53.43 -11.10
CA GLY C 12 -34.59 -53.87 -9.96
C GLY C 12 -35.64 -54.87 -10.45
N SER C 13 -35.23 -55.71 -11.39
CA SER C 13 -36.11 -56.72 -11.97
C SER C 13 -35.68 -58.14 -11.63
N THR C 14 -36.65 -59.00 -11.36
CA THR C 14 -36.41 -60.37 -10.96
C THR C 14 -36.25 -61.43 -12.04
N GLU C 15 -35.16 -62.19 -11.93
CA GLU C 15 -34.88 -63.32 -12.80
C GLU C 15 -34.58 -64.54 -11.91
N ARG C 16 -34.58 -65.75 -12.46
CA ARG C 16 -34.27 -66.93 -11.66
C ARG C 16 -32.77 -67.17 -11.59
N ILE C 17 -32.32 -67.71 -10.46
CA ILE C 17 -30.89 -67.97 -10.25
C ILE C 17 -30.35 -68.93 -11.30
N ASN C 18 -29.14 -68.67 -11.77
CA ASN C 18 -28.47 -69.51 -12.76
C ASN C 18 -27.08 -69.87 -12.24
N LEU C 19 -26.99 -70.95 -11.46
CA LEU C 19 -25.74 -71.39 -10.87
C LEU C 19 -24.69 -71.81 -11.87
N ASP C 20 -25.07 -72.25 -13.06
CA ASP C 20 -24.12 -72.68 -14.08
C ASP C 20 -23.38 -71.49 -14.67
N LYS C 21 -24.08 -70.36 -14.81
CA LYS C 21 -23.45 -69.14 -15.32
C LYS C 21 -22.33 -68.72 -14.36
N ILE C 22 -22.63 -68.70 -13.06
CA ILE C 22 -21.63 -68.34 -12.04
C ILE C 22 -20.39 -69.22 -12.18
N HIS C 23 -20.59 -70.54 -12.21
CA HIS C 23 -19.50 -71.50 -12.36
C HIS C 23 -18.63 -71.23 -13.57
N ARG C 24 -19.24 -70.89 -14.71
CA ARG C 24 -18.51 -70.58 -15.93
C ARG C 24 -17.51 -69.45 -15.66
N VAL C 25 -17.98 -68.36 -15.05
CA VAL C 25 -17.10 -67.22 -14.74
C VAL C 25 -15.97 -67.63 -13.82
N LEU C 26 -16.29 -68.43 -12.80
CA LEU C 26 -15.26 -68.94 -11.89
C LEU C 26 -14.23 -69.76 -12.67
N ASP C 27 -14.72 -70.63 -13.54
CA ASP C 27 -13.84 -71.46 -14.36
C ASP C 27 -12.92 -70.55 -15.18
N TRP C 28 -13.54 -69.58 -15.85
CA TRP C 28 -12.79 -68.62 -16.66
C TRP C 28 -11.64 -68.01 -15.88
N ALA C 29 -11.96 -67.36 -14.77
CA ALA C 29 -11.02 -66.71 -13.87
C ALA C 29 -9.87 -67.60 -13.42
N ALA C 30 -10.15 -68.88 -13.18
CA ALA C 30 -9.16 -69.84 -12.72
C ALA C 30 -8.16 -70.26 -13.78
N GLU C 31 -8.52 -70.13 -15.05
CA GLU C 31 -7.64 -70.54 -16.14
C GLU C 31 -6.18 -70.16 -15.90
N GLY C 32 -5.33 -71.17 -15.91
CA GLY C 32 -3.90 -71.02 -15.73
C GLY C 32 -3.38 -70.92 -14.31
N LEU C 33 -4.27 -70.84 -13.32
CA LEU C 33 -3.82 -70.70 -11.94
C LEU C 33 -3.61 -72.07 -11.32
N HIS C 34 -2.74 -72.14 -10.32
CA HIS C 34 -2.43 -73.41 -9.64
C HIS C 34 -2.85 -73.34 -8.17
N ASN C 35 -3.32 -74.49 -7.68
CA ASN C 35 -3.74 -74.66 -6.29
C ASN C 35 -4.96 -73.88 -5.87
N VAL C 36 -5.83 -73.49 -6.81
CA VAL C 36 -7.07 -72.81 -6.44
C VAL C 36 -8.26 -73.75 -6.66
N SER C 37 -9.11 -73.82 -5.64
CA SER C 37 -10.28 -74.68 -5.72
C SER C 37 -11.56 -73.91 -6.05
N ILE C 38 -12.11 -74.14 -7.23
CA ILE C 38 -13.37 -73.49 -7.59
C ILE C 38 -14.50 -73.94 -6.64
N SER C 39 -14.56 -75.22 -6.32
CA SER C 39 -15.58 -75.73 -5.41
C SER C 39 -15.48 -75.03 -4.05
N GLN C 40 -14.27 -74.93 -3.51
CA GLN C 40 -14.05 -74.24 -2.25
C GLN C 40 -14.69 -72.85 -2.30
N VAL C 41 -14.38 -72.06 -3.33
CA VAL C 41 -15.04 -70.78 -3.52
C VAL C 41 -16.55 -70.87 -3.63
N GLU C 42 -17.09 -71.83 -4.37
CA GLU C 42 -18.54 -71.94 -4.51
C GLU C 42 -19.20 -72.30 -3.18
N LEU C 43 -18.58 -73.21 -2.42
CA LEU C 43 -19.19 -73.59 -1.15
C LEU C 43 -19.37 -72.37 -0.25
N ARG C 44 -18.29 -71.61 -0.07
CA ARG C 44 -18.28 -70.43 0.76
C ARG C 44 -19.21 -69.30 0.34
N SER C 45 -19.49 -69.13 -0.94
CA SER C 45 -20.34 -68.03 -1.37
C SER C 45 -21.80 -68.42 -1.55
N HIS C 46 -22.08 -69.64 -1.98
CA HIS C 46 -23.46 -70.07 -2.17
C HIS C 46 -24.26 -70.04 -0.89
N ILE C 47 -23.67 -70.39 0.25
CA ILE C 47 -24.34 -70.39 1.54
C ILE C 47 -24.83 -69.03 1.98
N GLN C 48 -24.29 -67.94 1.46
CA GLN C 48 -24.77 -66.61 1.81
C GLN C 48 -25.77 -66.05 0.79
N PHE C 49 -26.17 -66.83 -0.20
CA PHE C 49 -27.17 -66.34 -1.15
C PHE C 49 -28.56 -66.43 -0.52
N TYR C 50 -29.51 -65.65 -1.02
CA TYR C 50 -30.87 -65.67 -0.52
C TYR C 50 -31.83 -65.14 -1.58
N ASP C 51 -33.10 -65.49 -1.48
CA ASP C 51 -34.12 -65.03 -2.41
C ASP C 51 -34.09 -63.52 -2.60
N GLY C 52 -33.99 -63.08 -3.85
CA GLY C 52 -34.04 -61.67 -4.21
C GLY C 52 -32.75 -60.91 -3.99
N ILE C 53 -31.62 -61.63 -4.02
CA ILE C 53 -30.32 -61.00 -3.83
C ILE C 53 -29.87 -60.32 -5.12
N LYS C 54 -29.45 -59.05 -5.03
CA LYS C 54 -29.06 -58.36 -6.26
C LYS C 54 -27.86 -59.07 -6.89
N THR C 55 -27.74 -58.90 -8.20
CA THR C 55 -26.65 -59.50 -8.97
C THR C 55 -25.29 -58.96 -8.54
N SER C 56 -25.21 -57.67 -8.27
CA SER C 56 -23.97 -57.04 -7.82
C SER C 56 -23.47 -57.70 -6.55
N ASP C 57 -24.41 -58.01 -5.66
CA ASP C 57 -24.10 -58.65 -4.39
C ASP C 57 -23.56 -60.06 -4.56
N ILE C 58 -23.99 -60.77 -5.60
CA ILE C 58 -23.44 -62.08 -5.91
C ILE C 58 -21.97 -61.95 -6.29
N HIS C 59 -21.69 -60.95 -7.12
CA HIS C 59 -20.32 -60.67 -7.56
C HIS C 59 -19.41 -60.37 -6.37
N GLU C 60 -19.87 -59.50 -5.49
CA GLU C 60 -19.08 -59.14 -4.32
C GLU C 60 -18.78 -60.35 -3.45
N THR C 61 -19.80 -61.17 -3.23
CA THR C 61 -19.68 -62.38 -2.43
C THR C 61 -18.65 -63.36 -2.96
N ILE C 62 -18.68 -63.67 -4.26
CA ILE C 62 -17.67 -64.59 -4.81
C ILE C 62 -16.29 -63.94 -4.78
N ILE C 63 -16.20 -62.63 -5.12
CA ILE C 63 -14.92 -61.96 -5.05
C ILE C 63 -14.30 -62.14 -3.66
N LYS C 64 -15.06 -61.73 -2.63
CA LYS C 64 -14.57 -61.84 -1.26
C LYS C 64 -14.19 -63.29 -0.93
N ALA C 65 -15.03 -64.23 -1.34
CA ALA C 65 -14.77 -65.64 -1.08
C ALA C 65 -13.35 -66.02 -1.51
N ALA C 66 -13.07 -65.68 -2.79
CA ALA C 66 -11.74 -65.91 -3.33
C ALA C 66 -10.70 -65.19 -2.47
N ALA C 67 -10.91 -63.88 -2.30
CA ALA C 67 -10.01 -63.05 -1.54
C ALA C 67 -9.65 -63.63 -0.18
N ASP C 68 -10.63 -64.19 0.54
CA ASP C 68 -10.38 -64.77 1.85
C ASP C 68 -9.53 -66.03 1.83
N LEU C 69 -9.29 -66.64 0.67
CA LEU C 69 -8.40 -67.78 0.62
C LEU C 69 -6.96 -67.41 0.29
N ILE C 70 -6.65 -66.16 -0.04
CA ILE C 70 -5.26 -65.79 -0.32
C ILE C 70 -4.36 -66.25 0.82
N SER C 71 -3.23 -66.86 0.46
CA SER C 71 -2.28 -67.33 1.47
C SER C 71 -0.91 -67.63 0.87
N ARG C 72 0.07 -67.91 1.72
CA ARG C 72 1.40 -68.26 1.22
C ARG C 72 1.31 -69.58 0.45
N ASP C 73 0.52 -70.52 0.99
CA ASP C 73 0.33 -71.83 0.40
C ASP C 73 -0.49 -71.81 -0.87
N ALA C 74 -1.26 -70.77 -1.14
CA ALA C 74 -2.01 -70.70 -2.40
C ALA C 74 -2.14 -69.25 -2.85
N PRO C 75 -1.04 -68.68 -3.33
CA PRO C 75 -0.93 -67.30 -3.74
C PRO C 75 -1.68 -66.99 -5.01
N ASP C 76 -2.06 -67.99 -5.79
CA ASP C 76 -2.79 -67.77 -7.03
C ASP C 76 -4.24 -67.35 -6.81
N TYR C 77 -4.74 -67.40 -5.57
CA TYR C 77 -6.05 -66.88 -5.24
C TYR C 77 -6.09 -65.37 -5.45
N GLN C 78 -4.94 -64.75 -5.21
CA GLN C 78 -4.71 -63.33 -5.48
C GLN C 78 -5.22 -63.03 -6.89
N TYR C 79 -4.83 -63.87 -7.84
CA TYR C 79 -5.30 -63.73 -9.22
C TYR C 79 -6.72 -64.22 -9.39
N LEU C 80 -7.14 -65.30 -8.72
CA LEU C 80 -8.54 -65.72 -8.87
C LEU C 80 -9.50 -64.59 -8.49
N ALA C 81 -9.24 -63.99 -7.33
CA ALA C 81 -10.04 -62.86 -6.86
C ALA C 81 -9.95 -61.69 -7.83
N ALA C 82 -8.71 -61.38 -8.20
CA ALA C 82 -8.43 -60.28 -9.12
C ALA C 82 -9.26 -60.32 -10.40
N ARG C 83 -9.14 -61.44 -11.11
CA ARG C 83 -9.87 -61.61 -12.37
C ARG C 83 -11.37 -61.45 -12.15
N LEU C 84 -11.90 -62.12 -11.13
CA LEU C 84 -13.30 -61.94 -10.77
C LEU C 84 -13.61 -60.45 -10.59
N ALA C 85 -12.78 -59.76 -9.80
CA ALA C 85 -12.92 -58.31 -9.64
C ALA C 85 -12.94 -57.58 -10.98
N ILE C 86 -11.93 -57.85 -11.82
CA ILE C 86 -11.84 -57.20 -13.12
C ILE C 86 -13.13 -57.40 -13.90
N PHE C 87 -13.56 -58.66 -13.99
CA PHE C 87 -14.82 -58.99 -14.65
C PHE C 87 -15.96 -58.09 -14.19
N HIS C 88 -16.16 -58.03 -12.86
CA HIS C 88 -17.22 -57.21 -12.27
C HIS C 88 -17.08 -55.72 -12.62
N LEU C 89 -15.85 -55.21 -12.62
CA LEU C 89 -15.62 -53.81 -12.97
C LEU C 89 -15.92 -53.55 -14.45
N ARG C 90 -15.59 -54.51 -15.31
CA ARG C 90 -15.91 -54.36 -16.74
C ARG C 90 -17.41 -54.17 -16.93
N LYS C 91 -18.18 -55.09 -16.37
CA LYS C 91 -19.64 -55.00 -16.48
C LYS C 91 -20.15 -53.72 -15.84
N LYS C 92 -19.59 -53.34 -14.69
CA LYS C 92 -19.91 -52.09 -14.02
C LYS C 92 -19.67 -50.84 -14.85
N ALA C 93 -18.70 -50.82 -15.75
CA ALA C 93 -18.45 -49.60 -16.52
C ALA C 93 -19.06 -49.64 -17.92
N TYR C 94 -18.96 -50.80 -18.57
CA TYR C 94 -19.34 -50.94 -19.97
C TYR C 94 -20.62 -51.74 -20.18
N GLY C 95 -21.13 -52.35 -19.11
CA GLY C 95 -22.36 -53.11 -19.15
C GLY C 95 -22.22 -54.50 -19.78
N GLN C 96 -20.97 -54.91 -19.95
CA GLN C 96 -20.58 -56.17 -20.54
C GLN C 96 -19.09 -56.40 -20.24
N PHE C 97 -18.58 -57.58 -20.52
CA PHE C 97 -17.17 -57.84 -20.25
C PHE C 97 -16.26 -57.09 -21.21
N GLU C 98 -16.62 -57.12 -22.48
CA GLU C 98 -15.84 -56.47 -23.52
C GLU C 98 -15.94 -54.96 -23.49
N PRO C 99 -14.80 -54.32 -23.36
CA PRO C 99 -14.68 -52.87 -23.36
C PRO C 99 -15.04 -52.34 -24.74
N PRO C 100 -15.58 -51.15 -24.77
CA PRO C 100 -15.94 -50.43 -25.98
C PRO C 100 -14.69 -50.02 -26.74
N ALA C 101 -14.92 -49.51 -27.95
CA ALA C 101 -13.79 -49.04 -28.76
C ALA C 101 -13.20 -47.78 -28.13
N LEU C 102 -11.88 -47.64 -28.13
CA LEU C 102 -11.22 -46.49 -27.53
C LEU C 102 -11.89 -45.17 -27.88
N TYR C 103 -12.10 -44.92 -29.17
CA TYR C 103 -12.68 -43.67 -29.62
C TYR C 103 -14.03 -43.40 -28.99
N ASP C 104 -14.93 -44.38 -29.03
CA ASP C 104 -16.25 -44.20 -28.43
C ASP C 104 -16.13 -43.88 -26.95
N HIS C 105 -15.32 -44.65 -26.24
CA HIS C 105 -15.06 -44.42 -24.82
C HIS C 105 -14.62 -42.99 -24.60
N VAL C 106 -13.54 -42.54 -25.24
CA VAL C 106 -13.06 -41.17 -25.04
C VAL C 106 -14.15 -40.14 -25.33
N VAL C 107 -14.87 -40.26 -26.44
CA VAL C 107 -15.94 -39.31 -26.75
C VAL C 107 -16.96 -39.21 -25.63
N LYS C 108 -17.41 -40.35 -25.12
CA LYS C 108 -18.40 -40.39 -24.05
C LYS C 108 -17.88 -39.71 -22.79
N MET C 109 -16.65 -40.04 -22.40
CA MET C 109 -16.05 -39.46 -21.21
C MET C 109 -15.83 -37.97 -21.32
N VAL C 110 -15.45 -37.47 -22.50
CA VAL C 110 -15.23 -36.04 -22.68
C VAL C 110 -16.54 -35.28 -22.54
N GLU C 111 -17.63 -35.86 -23.03
CA GLU C 111 -18.96 -35.28 -22.96
C GLU C 111 -19.51 -35.21 -21.55
N MET C 112 -19.09 -36.15 -20.70
CA MET C 112 -19.48 -36.20 -19.31
C MET C 112 -18.59 -35.35 -18.40
N GLY C 113 -17.55 -34.75 -18.95
CA GLY C 113 -16.63 -33.91 -18.21
C GLY C 113 -15.65 -34.70 -17.36
N LYS C 114 -15.45 -35.97 -17.70
CA LYS C 114 -14.57 -36.82 -16.90
C LYS C 114 -13.17 -36.90 -17.50
N TYR C 115 -13.05 -36.60 -18.79
CA TYR C 115 -11.76 -36.61 -19.46
C TYR C 115 -11.47 -35.23 -20.07
N ASP C 116 -10.18 -34.88 -20.15
CA ASP C 116 -9.85 -33.57 -20.72
C ASP C 116 -10.34 -33.50 -22.15
N ASN C 117 -10.75 -32.32 -22.62
CA ASN C 117 -11.23 -32.19 -23.99
C ASN C 117 -10.08 -32.09 -25.00
N HIS C 118 -8.88 -31.76 -24.54
CA HIS C 118 -7.72 -31.66 -25.41
C HIS C 118 -7.45 -32.98 -26.12
N LEU C 119 -7.70 -34.12 -25.48
CA LEU C 119 -7.55 -35.42 -26.09
C LEU C 119 -8.17 -35.48 -27.48
N LEU C 120 -9.41 -35.02 -27.63
CA LEU C 120 -10.09 -35.02 -28.92
C LEU C 120 -9.50 -34.00 -29.89
N GLU C 121 -8.92 -32.91 -29.41
CA GLU C 121 -8.33 -31.91 -30.30
C GLU C 121 -6.95 -32.38 -30.75
N ASP C 122 -6.21 -33.00 -29.83
CA ASP C 122 -4.85 -33.42 -30.05
C ASP C 122 -4.69 -34.65 -30.94
N TYR C 123 -5.68 -35.54 -30.95
CA TYR C 123 -5.59 -36.76 -31.76
C TYR C 123 -6.82 -36.89 -32.65
N THR C 124 -6.64 -37.47 -33.84
CA THR C 124 -7.76 -37.64 -34.75
C THR C 124 -8.45 -38.96 -34.45
N GLU C 125 -9.62 -39.20 -35.03
CA GLU C 125 -10.33 -40.46 -34.82
C GLU C 125 -9.57 -41.63 -35.42
N GLU C 126 -8.87 -41.43 -36.54
CA GLU C 126 -8.02 -42.46 -37.11
C GLU C 126 -6.90 -42.83 -36.14
N GLU C 127 -6.31 -41.83 -35.50
CA GLU C 127 -5.25 -42.05 -34.53
C GLU C 127 -5.72 -42.82 -33.30
N PHE C 128 -6.95 -42.56 -32.87
CA PHE C 128 -7.55 -43.32 -31.76
C PHE C 128 -7.83 -44.75 -32.19
N LYS C 129 -8.22 -44.95 -33.46
CA LYS C 129 -8.40 -46.31 -33.99
C LYS C 129 -7.08 -47.07 -33.94
N GLN C 130 -5.99 -46.42 -34.31
CA GLN C 130 -4.66 -47.00 -34.30
C GLN C 130 -4.20 -47.37 -32.91
N MET C 131 -4.51 -46.51 -31.96
CA MET C 131 -4.18 -46.71 -30.55
C MET C 131 -4.91 -47.93 -30.00
N ASP C 132 -6.19 -48.08 -30.37
CA ASP C 132 -6.99 -49.22 -29.95
C ASP C 132 -6.35 -50.56 -30.29
N THR C 133 -5.69 -50.67 -31.44
CA THR C 133 -4.98 -51.87 -31.85
C THR C 133 -3.76 -52.17 -30.99
N PHE C 134 -3.25 -51.21 -30.21
CA PHE C 134 -2.14 -51.42 -29.30
C PHE C 134 -2.58 -52.05 -27.98
N ILE C 135 -3.75 -51.62 -27.54
CA ILE C 135 -4.32 -52.05 -26.27
C ILE C 135 -4.42 -53.57 -26.25
N ASP C 136 -4.16 -54.12 -25.07
CA ASP C 136 -4.40 -55.54 -24.82
C ASP C 136 -5.21 -55.61 -23.52
N HIS C 137 -6.52 -55.81 -23.65
CA HIS C 137 -7.38 -55.86 -22.47
C HIS C 137 -7.18 -57.12 -21.65
N ASP C 138 -6.59 -58.17 -22.21
CA ASP C 138 -6.25 -59.36 -21.45
C ASP C 138 -5.14 -59.13 -20.44
N ARG C 139 -4.47 -57.98 -20.49
CA ARG C 139 -3.50 -57.60 -19.49
C ARG C 139 -4.19 -57.33 -18.15
N ASP C 140 -5.48 -56.96 -18.13
CA ASP C 140 -6.25 -56.86 -16.89
C ASP C 140 -6.28 -58.16 -16.09
N MET C 141 -6.17 -59.32 -16.74
CA MET C 141 -6.09 -60.60 -16.09
C MET C 141 -4.77 -60.89 -15.38
N THR C 142 -3.81 -59.96 -15.38
CA THR C 142 -2.52 -60.20 -14.75
C THR C 142 -2.34 -59.47 -13.42
N PHE C 143 -3.37 -58.73 -13.00
CA PHE C 143 -3.28 -57.99 -11.74
C PHE C 143 -3.52 -58.93 -10.55
N SER C 144 -3.10 -58.54 -9.35
CA SER C 144 -3.40 -59.34 -8.16
C SER C 144 -4.56 -58.68 -7.43
N TYR C 145 -5.24 -59.42 -6.53
CA TYR C 145 -6.40 -58.85 -5.86
C TYR C 145 -6.08 -57.49 -5.25
N ALA C 146 -5.00 -57.43 -4.47
CA ALA C 146 -4.57 -56.18 -3.85
C ALA C 146 -4.54 -55.04 -4.87
N ALA C 147 -3.82 -55.29 -5.96
CA ALA C 147 -3.71 -54.34 -7.06
C ALA C 147 -5.05 -53.85 -7.58
N VAL C 148 -6.02 -54.75 -7.83
CA VAL C 148 -7.32 -54.29 -8.32
C VAL C 148 -8.01 -53.41 -7.28
N LYS C 149 -7.89 -53.77 -6.00
CA LYS C 149 -8.43 -52.90 -4.95
C LYS C 149 -7.83 -51.51 -5.07
N GLN C 150 -6.51 -51.35 -5.21
CA GLN C 150 -5.96 -50.01 -5.35
C GLN C 150 -6.52 -49.29 -6.56
N LEU C 151 -6.51 -49.98 -7.70
CA LEU C 151 -7.00 -49.42 -8.96
C LEU C 151 -8.41 -48.84 -8.83
N GLU C 152 -9.29 -49.65 -8.23
CA GLU C 152 -10.68 -49.28 -8.03
C GLU C 152 -10.80 -48.18 -6.98
N GLY C 153 -9.92 -48.22 -5.99
CA GLY C 153 -9.93 -47.28 -4.89
C GLY C 153 -9.43 -45.89 -5.20
N LYS C 154 -8.33 -45.77 -5.95
CA LYS C 154 -7.80 -44.44 -6.18
C LYS C 154 -7.21 -44.17 -7.55
N TYR C 155 -7.44 -44.99 -8.56
CA TYR C 155 -6.83 -44.74 -9.87
C TYR C 155 -7.89 -44.58 -10.96
N LEU C 156 -8.81 -45.52 -11.07
CA LEU C 156 -9.83 -45.48 -12.11
C LEU C 156 -10.79 -44.30 -12.02
N VAL C 157 -11.04 -43.64 -13.15
CA VAL C 157 -11.97 -42.51 -13.17
C VAL C 157 -13.33 -42.97 -12.64
N GLN C 158 -13.88 -42.24 -11.67
CA GLN C 158 -15.17 -42.66 -11.11
C GLN C 158 -15.95 -41.53 -10.45
N ASN C 159 -17.22 -41.80 -10.14
CA ASN C 159 -18.05 -40.81 -9.44
C ASN C 159 -17.99 -41.19 -7.97
N ARG C 160 -17.30 -40.41 -7.16
CA ARG C 160 -17.11 -40.71 -5.75
C ARG C 160 -18.39 -40.72 -4.94
N VAL C 161 -19.38 -39.91 -5.33
CA VAL C 161 -20.67 -39.87 -4.67
C VAL C 161 -21.51 -41.10 -5.01
N THR C 162 -21.75 -41.34 -6.29
CA THR C 162 -22.61 -42.44 -6.71
C THR C 162 -21.95 -43.81 -6.73
N GLY C 163 -20.62 -43.86 -6.73
CA GLY C 163 -19.88 -45.09 -6.73
C GLY C 163 -19.74 -45.75 -8.10
N GLU C 164 -19.93 -44.96 -9.15
CA GLU C 164 -19.85 -45.46 -10.51
C GLU C 164 -18.41 -45.42 -11.04
N ILE C 165 -17.96 -46.52 -11.63
CA ILE C 165 -16.62 -46.57 -12.22
C ILE C 165 -16.79 -46.41 -13.74
N TYR C 166 -16.05 -45.49 -14.35
CA TYR C 166 -16.23 -45.23 -15.77
C TYR C 166 -15.22 -45.87 -16.71
N GLU C 167 -14.10 -46.38 -16.23
CA GLU C 167 -13.10 -46.92 -17.14
C GLU C 167 -12.43 -48.18 -16.62
N SER C 168 -11.57 -48.79 -17.44
CA SER C 168 -10.79 -49.94 -17.03
C SER C 168 -9.30 -49.65 -17.19
N ALA C 169 -8.49 -50.40 -16.45
CA ALA C 169 -7.04 -50.26 -16.45
C ALA C 169 -6.41 -49.93 -17.80
N GLN C 170 -6.61 -50.75 -18.83
CA GLN C 170 -6.01 -50.49 -20.13
C GLN C 170 -6.35 -49.16 -20.77
N PHE C 171 -7.51 -48.55 -20.54
CA PHE C 171 -7.77 -47.22 -21.10
C PHE C 171 -6.96 -46.19 -20.31
N LEU C 172 -6.79 -46.44 -19.02
CA LEU C 172 -5.99 -45.56 -18.18
C LEU C 172 -4.56 -45.49 -18.73
N TYR C 173 -3.95 -46.66 -18.87
CA TYR C 173 -2.60 -46.73 -19.40
C TYR C 173 -2.47 -46.11 -20.78
N ILE C 174 -3.32 -46.48 -21.74
CA ILE C 174 -3.18 -45.92 -23.09
C ILE C 174 -3.33 -44.41 -23.09
N LEU C 175 -4.31 -43.87 -22.38
CA LEU C 175 -4.53 -42.43 -22.37
C LEU C 175 -3.47 -41.66 -21.62
N VAL C 176 -2.88 -42.26 -20.57
CA VAL C 176 -1.78 -41.56 -19.90
C VAL C 176 -0.69 -41.30 -20.94
N ALA C 177 -0.37 -42.36 -21.68
CA ALA C 177 0.63 -42.32 -22.74
C ALA C 177 0.25 -41.28 -23.80
N ALA C 178 -1.02 -41.34 -24.21
CA ALA C 178 -1.55 -40.40 -25.19
C ALA C 178 -1.27 -38.95 -24.77
N CYS C 179 -1.64 -38.66 -23.52
CA CYS C 179 -1.47 -37.30 -23.02
C CYS C 179 -0.02 -36.87 -22.99
N LEU C 180 0.81 -37.64 -22.30
CA LEU C 180 2.23 -37.30 -22.15
C LEU C 180 2.99 -37.11 -23.45
N PHE C 181 2.67 -37.83 -24.53
CA PHE C 181 3.39 -37.64 -25.78
C PHE C 181 2.50 -36.98 -26.83
N SER C 182 1.54 -36.18 -26.39
CA SER C 182 0.64 -35.50 -27.32
C SER C 182 1.32 -34.43 -28.14
N ASN C 183 2.36 -33.76 -27.63
CA ASN C 183 3.05 -32.72 -28.38
C ASN C 183 4.21 -33.20 -29.24
N TYR C 184 4.29 -34.50 -29.50
CA TYR C 184 5.35 -35.07 -30.30
C TYR C 184 4.99 -35.00 -31.77
N PRO C 185 6.01 -34.89 -32.61
CA PRO C 185 5.86 -34.80 -34.06
C PRO C 185 5.03 -35.98 -34.51
N ARG C 186 4.18 -35.84 -35.52
CA ARG C 186 3.33 -36.94 -35.95
C ARG C 186 4.11 -38.14 -36.48
N GLU C 187 5.30 -37.96 -37.01
CA GLU C 187 6.12 -39.05 -37.50
C GLU C 187 6.49 -40.03 -36.40
N THR C 188 6.77 -39.56 -35.19
CA THR C 188 7.13 -40.46 -34.11
C THR C 188 6.14 -40.55 -32.95
N ARG C 189 5.14 -39.69 -32.88
CA ARG C 189 4.17 -39.67 -31.81
C ARG C 189 3.61 -41.02 -31.41
N LEU C 190 2.88 -41.72 -32.26
CA LEU C 190 2.27 -43.01 -31.92
C LEU C 190 3.27 -44.14 -31.63
N GLN C 191 4.46 -44.08 -32.19
CA GLN C 191 5.49 -45.09 -31.91
C GLN C 191 5.80 -45.04 -30.41
N TYR C 192 6.00 -43.81 -29.92
CA TYR C 192 6.28 -43.55 -28.51
C TYR C 192 5.10 -43.93 -27.62
N VAL C 193 3.90 -43.55 -28.04
CA VAL C 193 2.70 -43.90 -27.30
C VAL C 193 2.65 -45.43 -27.12
N LYS C 194 2.71 -46.21 -28.19
CA LYS C 194 2.68 -47.66 -28.05
C LYS C 194 3.78 -48.18 -27.13
N ARG C 195 5.03 -47.76 -27.31
CA ARG C 195 6.13 -48.23 -26.47
C ARG C 195 5.91 -47.93 -25.00
N PHE C 196 5.46 -46.71 -24.68
CA PHE C 196 5.22 -46.34 -23.28
C PHE C 196 4.08 -47.16 -22.68
N TYR C 197 3.02 -47.32 -23.47
CA TYR C 197 1.88 -48.12 -23.04
C TYR C 197 2.31 -49.54 -22.71
N ASP C 198 3.08 -50.18 -23.60
CA ASP C 198 3.59 -51.51 -23.30
C ASP C 198 4.38 -51.49 -22.00
N ALA C 199 5.32 -50.57 -21.85
CA ALA C 199 6.13 -50.46 -20.64
C ALA C 199 5.28 -50.51 -19.37
N VAL C 200 4.27 -49.64 -19.33
CA VAL C 200 3.48 -49.53 -18.10
C VAL C 200 2.42 -50.60 -18.00
N SER C 201 1.87 -51.08 -19.11
CA SER C 201 0.83 -52.10 -19.03
C SER C 201 1.42 -53.46 -18.67
N THR C 202 2.69 -53.67 -18.95
CA THR C 202 3.33 -54.94 -18.63
C THR C 202 4.30 -54.77 -17.45
N PHE C 203 3.95 -53.83 -16.58
CA PHE C 203 4.59 -53.47 -15.34
C PHE C 203 6.08 -53.20 -15.35
N LYS C 204 6.68 -52.76 -16.45
CA LYS C 204 8.12 -52.51 -16.46
C LYS C 204 8.44 -51.15 -15.84
N ILE C 205 7.57 -50.19 -16.03
CA ILE C 205 7.71 -48.84 -15.47
C ILE C 205 6.54 -48.51 -14.54
N SER C 206 6.86 -48.02 -13.33
CA SER C 206 5.81 -47.66 -12.37
C SER C 206 5.64 -46.14 -12.29
N LEU C 207 4.41 -45.66 -12.33
CA LEU C 207 4.18 -44.21 -12.24
C LEU C 207 3.48 -43.87 -10.92
N PRO C 208 3.78 -42.70 -10.37
CA PRO C 208 3.22 -42.19 -9.13
C PRO C 208 1.72 -42.12 -9.15
N THR C 209 1.16 -42.17 -7.93
CA THR C 209 -0.30 -42.17 -7.73
C THR C 209 -0.97 -40.94 -8.42
N PRO C 210 -0.47 -39.69 -8.26
CA PRO C 210 -1.09 -38.48 -8.89
C PRO C 210 -1.22 -38.57 -10.40
N ILE C 211 -0.17 -39.01 -11.07
CA ILE C 211 -0.18 -39.14 -12.54
C ILE C 211 -1.21 -40.18 -12.95
N MET C 212 -1.16 -41.34 -12.29
CA MET C 212 -2.00 -42.47 -12.58
C MET C 212 -3.49 -42.19 -12.47
N SER C 213 -3.90 -41.26 -11.61
CA SER C 213 -5.30 -40.94 -11.46
C SER C 213 -5.70 -39.67 -12.20
N GLY C 214 -4.74 -38.81 -12.53
CA GLY C 214 -5.10 -37.53 -13.13
C GLY C 214 -4.89 -37.32 -14.60
N VAL C 215 -3.69 -37.65 -15.08
CA VAL C 215 -3.40 -37.47 -16.51
C VAL C 215 -4.46 -38.16 -17.37
N ARG C 216 -5.20 -37.36 -18.11
CA ARG C 216 -6.28 -37.74 -18.99
C ARG C 216 -7.57 -37.02 -18.55
N THR C 217 -7.59 -36.61 -17.29
CA THR C 217 -8.74 -35.88 -16.74
C THR C 217 -8.45 -34.40 -16.87
N PRO C 218 -9.43 -33.55 -16.65
CA PRO C 218 -9.34 -32.11 -16.75
C PRO C 218 -8.35 -31.41 -15.86
N THR C 219 -7.92 -32.00 -14.75
CA THR C 219 -6.96 -31.39 -13.85
C THR C 219 -5.57 -31.22 -14.43
N ARG C 220 -4.73 -30.49 -13.71
CA ARG C 220 -3.34 -30.24 -14.11
C ARG C 220 -2.44 -30.19 -12.87
N GLN C 221 -2.95 -30.68 -11.76
CA GLN C 221 -2.20 -30.69 -10.50
C GLN C 221 -1.54 -32.03 -10.27
N PHE C 222 -0.25 -32.17 -10.59
CA PHE C 222 0.45 -33.44 -10.45
C PHE C 222 1.67 -33.42 -9.53
N SER C 223 1.93 -32.30 -8.87
CA SER C 223 3.09 -32.17 -7.99
C SER C 223 2.89 -32.85 -6.64
N SER C 224 3.85 -33.68 -6.26
CA SER C 224 3.79 -34.44 -5.01
C SER C 224 4.92 -34.02 -4.06
N CYS C 225 5.95 -33.43 -4.61
CA CYS C 225 7.08 -32.96 -3.80
C CYS C 225 7.42 -31.51 -4.10
N VAL C 226 7.53 -30.79 -3.00
CA VAL C 226 7.92 -29.38 -3.00
C VAL C 226 8.83 -29.15 -1.79
N LEU C 227 9.97 -28.56 -2.11
CA LEU C 227 10.98 -28.21 -1.12
C LEU C 227 11.02 -26.69 -0.97
N ILE C 228 10.76 -26.20 0.24
CA ILE C 228 10.71 -24.76 0.51
C ILE C 228 11.80 -24.36 1.49
N GLU C 229 12.56 -23.32 1.18
CA GLU C 229 13.58 -22.82 2.09
C GLU C 229 13.12 -21.50 2.68
N CYS C 230 13.24 -21.37 3.99
CA CYS C 230 12.71 -20.16 4.66
C CYS C 230 13.82 -19.26 5.17
N GLY C 231 13.75 -17.98 4.84
CA GLY C 231 14.79 -17.05 5.29
C GLY C 231 14.52 -16.63 6.72
N ASP C 232 15.42 -15.84 7.30
CA ASP C 232 15.28 -15.33 8.67
C ASP C 232 14.60 -13.97 8.70
N SER C 233 13.33 -13.94 8.29
CA SER C 233 12.58 -12.68 8.22
C SER C 233 11.07 -12.93 8.21
N LEU C 234 10.35 -12.04 8.92
CA LEU C 234 8.90 -12.13 8.98
C LEU C 234 8.30 -12.22 7.58
N ASP C 235 8.81 -11.44 6.62
CA ASP C 235 8.31 -11.54 5.24
C ASP C 235 8.51 -12.94 4.67
N SER C 236 9.70 -13.51 4.89
CA SER C 236 10.00 -14.85 4.39
C SER C 236 9.19 -15.90 5.15
N ILE C 237 9.06 -15.72 6.46
CA ILE C 237 8.23 -16.64 7.25
C ILE C 237 6.80 -16.63 6.74
N ASN C 238 6.30 -15.45 6.37
CA ASN C 238 4.94 -15.39 5.84
C ASN C 238 4.85 -16.03 4.46
N ALA C 239 5.87 -15.80 3.65
CA ALA C 239 5.93 -16.36 2.28
C ALA C 239 5.92 -17.89 2.31
N THR C 240 6.83 -18.42 3.12
CA THR C 240 6.93 -19.85 3.32
C THR C 240 5.55 -20.40 3.71
N SER C 241 4.99 -19.89 4.81
CA SER C 241 3.68 -20.31 5.27
C SER C 241 2.62 -20.23 4.18
N SER C 242 2.58 -19.14 3.40
CA SER C 242 1.57 -19.02 2.34
C SER C 242 1.75 -20.11 1.28
N ALA C 243 3.03 -20.38 0.95
CA ALA C 243 3.38 -21.40 -0.02
C ALA C 243 2.92 -22.79 0.42
N ILE C 244 3.16 -23.13 1.68
CA ILE C 244 2.72 -24.41 2.20
C ILE C 244 1.21 -24.55 2.10
N VAL C 245 0.43 -23.53 2.45
CA VAL C 245 -1.03 -23.64 2.41
C VAL C 245 -1.50 -23.92 1.00
N LYS C 246 -0.90 -23.26 0.02
CA LYS C 246 -1.32 -23.50 -1.37
C LYS C 246 -1.05 -24.95 -1.77
N TYR C 247 0.18 -25.39 -1.50
CA TYR C 247 0.59 -26.73 -1.84
C TYR C 247 -0.08 -27.83 -1.06
N VAL C 248 -0.33 -27.74 0.24
CA VAL C 248 -0.98 -28.85 0.93
C VAL C 248 -2.45 -28.98 0.56
N SER C 249 -3.06 -27.96 -0.02
CA SER C 249 -4.44 -28.06 -0.49
C SER C 249 -4.53 -28.93 -1.74
N GLN C 250 -3.40 -29.13 -2.41
CA GLN C 250 -3.26 -29.91 -3.61
C GLN C 250 -2.57 -31.25 -3.45
N ARG C 251 -2.27 -31.69 -2.24
CA ARG C 251 -1.73 -33.01 -1.99
C ARG C 251 -0.23 -33.18 -2.20
N ALA C 252 0.56 -32.13 -2.03
CA ALA C 252 2.00 -32.25 -2.22
C ALA C 252 2.74 -32.50 -0.91
N GLY C 253 3.73 -33.39 -0.89
CA GLY C 253 4.58 -33.55 0.30
C GLY C 253 5.51 -32.34 0.31
N ILE C 254 5.78 -31.84 1.51
CA ILE C 254 6.57 -30.62 1.64
C ILE C 254 7.86 -30.83 2.40
N GLY C 255 8.95 -30.24 1.94
CA GLY C 255 10.23 -30.34 2.65
C GLY C 255 10.57 -28.88 2.97
N ILE C 256 10.72 -28.54 4.23
CA ILE C 256 10.94 -27.16 4.64
C ILE C 256 12.29 -26.94 5.29
N ASN C 257 13.08 -25.98 4.80
CA ASN C 257 14.35 -25.70 5.48
C ASN C 257 14.09 -24.47 6.32
N ALA C 258 14.07 -24.60 7.64
CA ALA C 258 13.84 -23.44 8.51
C ALA C 258 15.03 -23.20 9.42
N GLY C 259 16.22 -23.60 8.97
CA GLY C 259 17.44 -23.50 9.72
C GLY C 259 17.97 -22.09 9.93
N ARG C 260 17.64 -21.14 9.06
CA ARG C 260 18.11 -19.78 9.21
C ARG C 260 17.37 -18.99 10.29
N ILE C 261 16.13 -19.36 10.63
CA ILE C 261 15.40 -18.61 11.65
C ILE C 261 16.26 -18.46 12.90
N ARG C 262 16.46 -17.22 13.34
CA ARG C 262 17.29 -16.93 14.50
C ARG C 262 16.73 -17.52 15.79
N ALA C 263 17.61 -17.75 16.75
CA ALA C 263 17.27 -18.39 18.01
C ALA C 263 16.51 -17.52 18.99
N LEU C 264 15.89 -18.18 19.96
CA LEU C 264 15.17 -17.52 21.04
C LEU C 264 16.08 -16.60 21.85
N GLY C 265 15.59 -15.39 22.14
CA GLY C 265 16.40 -14.45 22.91
C GLY C 265 17.15 -13.48 22.03
N SER C 266 17.44 -13.89 20.80
CA SER C 266 18.11 -13.03 19.83
C SER C 266 17.37 -11.69 19.76
N PRO C 267 18.11 -10.65 19.47
CA PRO C 267 17.63 -9.29 19.36
C PRO C 267 16.80 -9.02 18.12
N ILE C 268 15.75 -8.21 18.21
CA ILE C 268 14.99 -7.85 17.02
C ILE C 268 14.88 -6.33 16.85
N ARG C 269 15.35 -5.87 15.70
CA ARG C 269 15.32 -4.46 15.29
C ARG C 269 16.42 -3.64 15.95
N GLY C 270 17.19 -4.26 16.83
CA GLY C 270 18.24 -3.66 17.62
C GLY C 270 18.14 -4.22 19.05
N GLY C 271 17.56 -3.44 19.95
CA GLY C 271 17.33 -3.88 21.32
C GLY C 271 15.90 -3.51 21.73
N GLU C 272 15.09 -3.28 20.71
CA GLU C 272 13.69 -2.90 20.91
C GLU C 272 12.80 -4.13 20.99
N ALA C 273 13.33 -5.28 20.59
CA ALA C 273 12.59 -6.55 20.65
C ALA C 273 13.56 -7.71 20.82
N PHE C 274 13.13 -8.82 21.38
CA PHE C 274 13.96 -10.01 21.64
C PHE C 274 13.21 -11.27 21.20
N HIS C 275 13.60 -11.85 20.08
CA HIS C 275 13.00 -12.99 19.43
C HIS C 275 12.21 -13.94 20.33
N THR C 276 11.19 -14.53 19.74
CA THR C 276 10.28 -15.44 20.42
C THR C 276 10.64 -16.89 20.27
N GLY C 277 11.55 -17.16 19.35
CA GLY C 277 12.05 -18.50 19.07
C GLY C 277 11.58 -19.05 17.73
N CYS C 278 11.97 -20.28 17.41
CA CYS C 278 11.56 -20.92 16.18
C CYS C 278 10.31 -21.77 16.39
N ILE C 279 10.20 -22.30 17.62
CA ILE C 279 9.07 -23.15 17.96
C ILE C 279 7.77 -22.54 17.47
N PRO C 280 7.46 -21.32 17.89
CA PRO C 280 6.28 -20.60 17.47
C PRO C 280 6.08 -20.64 15.97
N PHE C 281 7.12 -20.34 15.21
CA PHE C 281 7.04 -20.39 13.75
C PHE C 281 6.86 -21.82 13.28
N TYR C 282 7.62 -22.76 13.86
CA TYR C 282 7.45 -24.18 13.49
C TYR C 282 5.98 -24.56 13.63
N LYS C 283 5.32 -24.18 14.74
CA LYS C 283 3.91 -24.45 14.92
C LYS C 283 3.05 -23.79 13.84
N HIS C 284 3.47 -22.64 13.32
CA HIS C 284 2.75 -21.99 12.24
C HIS C 284 2.91 -22.80 10.95
N PHE C 285 4.10 -23.38 10.74
CA PHE C 285 4.29 -24.19 9.54
C PHE C 285 3.41 -25.44 9.61
N GLN C 286 3.35 -26.05 10.80
CA GLN C 286 2.55 -27.24 11.01
C GLN C 286 1.07 -27.02 10.67
N THR C 287 0.52 -25.88 11.08
CA THR C 287 -0.88 -25.60 10.77
C THR C 287 -1.07 -25.32 9.28
N ALA C 288 -0.05 -24.73 8.66
CA ALA C 288 -0.10 -24.54 7.20
C ALA C 288 -0.14 -25.91 6.52
N VAL C 289 0.74 -26.82 6.95
CA VAL C 289 0.82 -28.15 6.38
C VAL C 289 -0.49 -28.93 6.51
N LYS C 290 -1.12 -28.79 7.67
CA LYS C 290 -2.39 -29.49 7.95
C LYS C 290 -3.65 -28.68 7.62
N SER C 291 -3.47 -27.55 6.96
CA SER C 291 -4.55 -26.67 6.56
C SER C 291 -5.61 -27.32 5.68
N ALA C 292 -5.32 -28.32 4.87
CA ALA C 292 -6.30 -29.00 4.04
C ALA C 292 -6.36 -30.48 4.44
N SER C 293 -6.68 -30.71 5.71
CA SER C 293 -6.78 -32.04 6.30
C SER C 293 -8.06 -32.30 7.08
N GLN C 294 -8.68 -33.48 6.98
CA GLN C 294 -9.92 -33.77 7.70
C GLN C 294 -9.73 -33.76 9.22
N GLY C 295 -10.15 -32.67 9.86
CA GLY C 295 -10.00 -32.54 11.31
C GLY C 295 -8.77 -31.69 11.63
N GLY C 296 -7.63 -32.08 11.07
CA GLY C 296 -6.37 -31.38 11.27
C GLY C 296 -5.21 -32.32 11.56
N VAL C 297 -5.24 -33.53 11.03
CA VAL C 297 -4.22 -34.54 11.27
C VAL C 297 -3.86 -35.32 10.01
N ARG C 298 -4.90 -35.64 9.27
CA ARG C 298 -4.90 -36.46 8.07
C ARG C 298 -4.39 -35.84 6.79
N GLY C 299 -3.34 -36.45 6.23
CA GLY C 299 -2.79 -35.99 4.96
C GLY C 299 -2.01 -34.69 5.13
N GLY C 300 -1.33 -34.29 4.07
CA GLY C 300 -0.49 -33.08 4.13
C GLY C 300 0.67 -33.36 5.09
N ALA C 301 1.81 -33.75 4.53
CA ALA C 301 2.94 -34.11 5.39
C ALA C 301 4.13 -33.21 5.09
N ALA C 302 5.02 -33.12 6.06
CA ALA C 302 6.20 -32.28 5.87
C ALA C 302 7.39 -32.66 6.73
N THR C 303 8.60 -32.39 6.25
CA THR C 303 9.81 -32.67 7.01
C THR C 303 10.58 -31.36 7.08
N LEU C 304 10.91 -30.95 8.29
CA LEU C 304 11.57 -29.67 8.54
C LEU C 304 13.04 -29.85 8.90
N PHE C 305 13.93 -29.16 8.20
CA PHE C 305 15.37 -29.35 8.40
C PHE C 305 16.00 -28.26 9.25
N TYR C 306 17.06 -28.60 9.98
CA TYR C 306 17.83 -27.60 10.74
C TYR C 306 19.23 -28.14 11.04
N PRO C 307 20.19 -27.26 11.13
CA PRO C 307 21.57 -27.58 11.41
C PRO C 307 21.66 -28.16 12.81
N MET C 308 22.67 -28.99 13.06
CA MET C 308 22.88 -29.56 14.38
C MET C 308 23.46 -28.57 15.37
N TRP C 309 24.09 -27.49 14.90
CA TRP C 309 24.70 -26.52 15.80
C TRP C 309 23.77 -25.35 16.15
N HIS C 310 22.55 -25.34 15.65
CA HIS C 310 21.62 -24.26 15.99
C HIS C 310 21.58 -24.12 17.51
N LEU C 311 21.40 -22.90 18.00
CA LEU C 311 21.35 -22.66 19.44
C LEU C 311 20.17 -23.31 20.14
N GLU C 312 19.06 -23.55 19.45
CA GLU C 312 17.90 -24.21 20.02
C GLU C 312 17.81 -25.69 19.67
N VAL C 313 18.91 -26.33 19.27
CA VAL C 313 18.88 -27.73 18.87
C VAL C 313 18.33 -28.68 19.91
N GLU C 314 18.63 -28.49 21.20
CA GLU C 314 18.11 -29.39 22.22
C GLU C 314 16.59 -29.32 22.34
N SER C 315 15.97 -28.19 22.06
CA SER C 315 14.53 -28.03 22.14
C SER C 315 13.89 -28.51 20.84
N LEU C 316 14.66 -28.37 19.77
CA LEU C 316 14.18 -28.82 18.46
C LEU C 316 14.15 -30.34 18.41
N LEU C 317 15.19 -30.99 18.91
CA LEU C 317 15.34 -32.43 18.91
C LEU C 317 14.21 -33.20 19.57
N VAL C 318 13.54 -32.63 20.56
CA VAL C 318 12.46 -33.30 21.26
C VAL C 318 11.07 -32.78 20.90
N LEU C 319 10.94 -32.13 19.75
CA LEU C 319 9.62 -31.63 19.37
C LEU C 319 8.58 -32.73 19.17
N LYS C 320 8.89 -33.95 18.75
CA LYS C 320 7.79 -34.90 18.59
C LYS C 320 7.68 -35.80 19.82
N ASN C 321 8.53 -35.57 20.81
CA ASN C 321 8.47 -36.36 22.05
C ASN C 321 7.02 -36.33 22.52
N ASN C 322 6.41 -37.47 22.80
CA ASN C 322 5.01 -37.52 23.21
C ASN C 322 4.77 -37.23 24.68
N ARG C 323 5.73 -36.68 25.39
CA ARG C 323 5.63 -36.33 26.80
C ARG C 323 6.12 -34.89 27.05
N GLY C 324 5.24 -33.92 27.20
CA GLY C 324 5.64 -32.53 27.45
C GLY C 324 4.56 -31.45 27.42
N VAL C 325 4.89 -30.22 27.83
CA VAL C 325 3.91 -29.13 27.82
C VAL C 325 3.57 -28.76 26.38
N GLU C 326 2.29 -28.54 26.08
CA GLU C 326 1.82 -28.22 24.74
C GLU C 326 2.53 -27.05 24.09
N GLY C 327 2.93 -26.02 24.81
CA GLY C 327 3.62 -24.87 24.26
C GLY C 327 5.05 -25.08 23.81
N ASN C 328 5.60 -26.27 24.02
CA ASN C 328 6.96 -26.59 23.61
C ASN C 328 7.00 -27.85 22.76
N ARG C 329 5.87 -28.21 22.15
CA ARG C 329 5.78 -29.41 21.35
C ARG C 329 5.10 -29.15 20.00
N VAL C 330 5.79 -29.55 18.94
CA VAL C 330 5.24 -29.55 17.59
C VAL C 330 5.28 -31.00 17.08
N ARG C 331 4.36 -31.82 17.58
CA ARG C 331 4.31 -33.24 17.32
C ARG C 331 3.95 -33.69 15.91
N HIS C 332 3.18 -32.96 15.11
CA HIS C 332 2.69 -33.49 13.85
C HIS C 332 3.49 -33.09 12.63
N MET C 333 4.81 -33.11 12.75
CA MET C 333 5.74 -32.82 11.66
C MET C 333 7.00 -33.65 11.93
N ASP C 334 7.62 -34.22 10.90
CA ASP C 334 8.85 -34.99 11.15
C ASP C 334 10.02 -34.02 11.03
N TYR C 335 11.19 -34.32 11.57
CA TYR C 335 12.32 -33.40 11.50
C TYR C 335 13.55 -34.10 10.91
N GLY C 336 14.40 -33.31 10.27
CA GLY C 336 15.63 -33.86 9.69
C GLY C 336 16.82 -33.07 10.24
N VAL C 337 17.65 -33.71 11.04
CA VAL C 337 18.82 -33.04 11.59
C VAL C 337 19.95 -33.05 10.58
N GLN C 338 20.62 -31.93 10.38
CA GLN C 338 21.69 -31.83 9.39
C GLN C 338 23.08 -31.87 10.03
N ILE C 339 23.83 -32.91 9.65
CA ILE C 339 25.18 -33.10 10.16
C ILE C 339 26.24 -33.12 9.05
N ASN C 340 27.49 -32.83 9.45
CA ASN C 340 28.61 -32.85 8.51
C ASN C 340 29.81 -33.51 9.21
N LYS C 341 30.90 -33.74 8.49
CA LYS C 341 32.07 -34.41 9.06
C LYS C 341 32.56 -33.85 10.38
N LEU C 342 32.69 -32.53 10.51
CA LEU C 342 33.21 -31.94 11.74
C LEU C 342 32.43 -32.42 12.97
N MET C 343 31.10 -32.38 12.88
CA MET C 343 30.26 -32.84 13.97
C MET C 343 30.56 -34.28 14.35
N TYR C 344 30.65 -35.18 13.37
CA TYR C 344 31.02 -36.56 13.68
C TYR C 344 32.40 -36.65 14.32
N THR C 345 33.39 -35.91 13.84
CA THR C 345 34.72 -35.97 14.44
C THR C 345 34.73 -35.57 15.91
N ARG C 346 33.94 -34.56 16.29
CA ARG C 346 33.85 -34.17 17.69
C ARG C 346 33.35 -35.35 18.53
N LEU C 347 32.36 -36.08 18.01
CA LEU C 347 31.87 -37.26 18.69
C LEU C 347 32.98 -38.28 18.88
N LEU C 348 33.69 -38.65 17.82
CA LEU C 348 34.73 -39.67 17.91
C LEU C 348 35.81 -39.30 18.90
N LYS C 349 36.23 -38.03 18.91
CA LYS C 349 37.26 -37.57 19.84
C LYS C 349 36.76 -37.28 21.24
N GLY C 350 35.45 -37.30 21.47
CA GLY C 350 34.88 -37.05 22.78
C GLY C 350 34.99 -35.59 23.20
N GLU C 351 34.92 -34.70 22.22
CA GLU C 351 35.01 -33.27 22.45
C GLU C 351 33.63 -32.65 22.54
N ASP C 352 33.58 -31.32 22.58
CA ASP C 352 32.31 -30.62 22.67
C ASP C 352 31.89 -30.12 21.28
N ILE C 353 30.61 -29.77 21.19
CA ILE C 353 30.07 -29.16 19.99
C ILE C 353 29.57 -27.77 20.38
N THR C 354 29.92 -26.75 19.62
CA THR C 354 29.48 -25.40 19.97
C THR C 354 28.20 -25.02 19.24
N LEU C 355 27.23 -24.51 20.00
CA LEU C 355 25.95 -24.13 19.38
C LEU C 355 25.88 -22.63 19.12
N PHE C 356 25.53 -22.24 17.90
CA PHE C 356 25.39 -20.84 17.54
C PHE C 356 24.05 -20.51 16.89
N SER C 357 23.66 -19.24 16.99
CA SER C 357 22.47 -18.81 16.26
C SER C 357 23.00 -18.35 14.89
N PRO C 358 22.38 -18.79 13.83
CA PRO C 358 22.75 -18.48 12.47
C PRO C 358 22.96 -17.00 12.22
N SER C 359 22.17 -16.12 12.81
CA SER C 359 22.30 -14.68 12.63
C SER C 359 23.59 -14.11 13.19
N ASP C 360 24.20 -14.77 14.16
CA ASP C 360 25.40 -14.24 14.79
C ASP C 360 26.71 -14.74 14.22
N VAL C 361 26.70 -15.60 13.21
CA VAL C 361 27.97 -16.10 12.67
C VAL C 361 28.04 -15.98 11.15
N PRO C 362 28.48 -14.83 10.67
CA PRO C 362 28.57 -14.49 9.28
C PRO C 362 29.31 -15.56 8.49
N GLY C 363 28.70 -16.02 7.40
CA GLY C 363 29.27 -17.01 6.51
C GLY C 363 29.16 -18.46 6.91
N LEU C 364 28.99 -18.79 8.17
CA LEU C 364 28.93 -20.16 8.65
C LEU C 364 27.85 -21.02 8.00
N TYR C 365 26.59 -20.62 8.05
CA TYR C 365 25.51 -21.41 7.46
C TYR C 365 25.81 -21.82 6.04
N ASP C 366 26.09 -20.88 5.12
CA ASP C 366 26.39 -21.22 3.74
C ASP C 366 27.56 -22.20 3.68
N ALA C 367 28.67 -21.93 4.37
CA ALA C 367 29.83 -22.79 4.38
C ALA C 367 29.49 -24.24 4.73
N PHE C 368 28.60 -24.45 5.69
CA PHE C 368 28.10 -25.75 6.09
C PHE C 368 27.69 -26.64 4.92
N PHE C 369 27.02 -26.08 3.91
CA PHE C 369 26.64 -26.87 2.74
C PHE C 369 27.68 -26.84 1.63
N ALA C 370 28.24 -25.67 1.31
CA ALA C 370 29.07 -25.55 0.13
C ALA C 370 30.58 -25.61 0.27
N ASP C 371 31.13 -25.52 1.48
CA ASP C 371 32.59 -25.60 1.61
C ASP C 371 33.00 -26.06 2.99
N GLN C 372 33.37 -27.32 3.14
CA GLN C 372 33.72 -27.85 4.47
C GLN C 372 35.01 -27.26 5.00
N GLU C 373 35.95 -26.90 4.13
CA GLU C 373 37.19 -26.27 4.57
C GLU C 373 36.84 -24.95 5.24
N GLU C 374 36.09 -24.13 4.49
CA GLU C 374 35.66 -22.83 4.99
C GLU C 374 34.83 -22.97 6.27
N PHE C 375 33.95 -23.97 6.33
CA PHE C 375 33.15 -24.20 7.53
C PHE C 375 34.04 -24.43 8.74
N GLU C 376 35.03 -25.31 8.62
CA GLU C 376 35.94 -25.56 9.73
C GLU C 376 36.69 -24.28 10.13
N ARG C 377 37.17 -23.53 9.14
CA ARG C 377 37.86 -22.28 9.40
C ARG C 377 36.99 -21.37 10.26
N LEU C 378 35.84 -21.00 9.71
CA LEU C 378 34.90 -20.13 10.40
C LEU C 378 34.47 -20.67 11.75
N TYR C 379 34.07 -21.95 11.80
CA TYR C 379 33.64 -22.59 13.03
C TYR C 379 34.65 -22.47 14.16
N THR C 380 35.91 -22.77 13.91
CA THR C 380 36.91 -22.68 14.98
C THR C 380 37.13 -21.22 15.35
N LYS C 381 37.19 -20.34 14.34
CA LYS C 381 37.30 -18.91 14.62
C LYS C 381 36.24 -18.47 15.62
N TYR C 382 34.97 -18.59 15.24
CA TYR C 382 33.85 -18.21 16.09
C TYR C 382 33.76 -18.90 17.44
N GLU C 383 34.32 -20.09 17.61
CA GLU C 383 34.34 -20.73 18.92
C GLU C 383 35.17 -19.90 19.91
N LYS C 384 36.30 -19.37 19.44
CA LYS C 384 37.18 -18.55 20.27
C LYS C 384 36.73 -17.11 20.39
N ASP C 385 36.03 -16.58 19.38
CA ASP C 385 35.54 -15.21 19.44
C ASP C 385 34.60 -15.04 20.63
N ASP C 386 35.00 -14.26 21.62
CA ASP C 386 34.21 -14.02 22.82
C ASP C 386 33.00 -13.12 22.65
N SER C 387 32.93 -12.34 21.57
CA SER C 387 31.79 -11.46 21.34
C SER C 387 30.55 -12.19 20.84
N ILE C 388 30.73 -13.40 20.31
CA ILE C 388 29.63 -14.19 19.78
C ILE C 388 28.92 -15.00 20.86
N ARG C 389 27.59 -14.91 20.87
CA ARG C 389 26.79 -15.67 21.83
C ARG C 389 26.85 -17.15 21.46
N LYS C 390 27.24 -18.01 22.39
CA LYS C 390 27.33 -19.44 22.08
C LYS C 390 26.99 -20.31 23.27
N GLN C 391 27.00 -21.61 23.04
CA GLN C 391 26.78 -22.60 24.09
C GLN C 391 27.56 -23.87 23.75
N ARG C 392 28.16 -24.50 24.76
CA ARG C 392 28.95 -25.71 24.50
C ARG C 392 28.21 -26.93 25.04
N VAL C 393 28.16 -28.01 24.29
CA VAL C 393 27.57 -29.25 24.76
C VAL C 393 28.48 -30.43 24.39
N LYS C 394 28.43 -31.46 25.22
CA LYS C 394 29.23 -32.66 25.00
C LYS C 394 28.69 -33.41 23.79
N ALA C 395 29.50 -33.61 22.77
CA ALA C 395 29.08 -34.29 21.55
C ALA C 395 28.38 -35.63 21.78
N VAL C 396 28.83 -36.43 22.73
CA VAL C 396 28.16 -37.68 23.10
C VAL C 396 26.74 -37.41 23.60
N GLU C 397 26.57 -36.35 24.39
CA GLU C 397 25.26 -36.00 24.92
C GLU C 397 24.31 -35.61 23.78
N LEU C 398 24.75 -34.72 22.92
CA LEU C 398 23.93 -34.27 21.79
C LEU C 398 23.57 -35.43 20.86
N PHE C 399 24.56 -36.25 20.50
CA PHE C 399 24.28 -37.37 19.63
C PHE C 399 23.31 -38.34 20.29
N SER C 400 23.47 -38.63 21.59
CA SER C 400 22.55 -39.55 22.24
C SER C 400 21.17 -38.92 22.41
N LEU C 401 21.12 -37.63 22.75
CA LEU C 401 19.82 -36.98 22.90
C LEU C 401 19.07 -37.16 21.57
N MET C 402 19.77 -36.82 20.50
CA MET C 402 19.21 -36.97 19.16
C MET C 402 18.86 -38.42 18.87
N MET C 403 19.77 -39.37 19.11
CA MET C 403 19.45 -40.76 18.80
C MET C 403 18.35 -41.31 19.69
N GLN C 404 18.29 -40.93 20.95
CA GLN C 404 17.23 -41.38 21.86
C GLN C 404 15.88 -40.99 21.26
N GLU C 405 15.78 -39.71 20.87
CA GLU C 405 14.57 -39.18 20.24
C GLU C 405 14.24 -39.84 18.91
N ARG C 406 15.28 -40.19 18.14
CA ARG C 406 15.06 -40.88 16.87
C ARG C 406 14.59 -42.31 17.17
N ALA C 407 15.18 -42.93 18.18
CA ALA C 407 14.78 -44.29 18.54
C ALA C 407 13.34 -44.35 19.02
N SER C 408 12.98 -43.50 19.98
CA SER C 408 11.63 -43.51 20.54
C SER C 408 10.52 -43.06 19.60
N THR C 409 10.76 -42.11 18.70
CA THR C 409 9.67 -41.69 17.82
C THR C 409 9.73 -42.39 16.46
N GLY C 410 10.96 -42.63 16.00
CA GLY C 410 11.17 -43.27 14.71
C GLY C 410 11.28 -42.24 13.61
N ARG C 411 10.96 -40.98 13.89
CA ARG C 411 10.86 -39.94 12.89
C ARG C 411 11.83 -38.78 13.08
N ILE C 412 13.01 -38.99 13.66
CA ILE C 412 13.99 -37.91 13.75
C ILE C 412 15.10 -38.30 12.76
N TYR C 413 15.06 -37.67 11.60
CA TYR C 413 15.96 -38.05 10.52
C TYR C 413 17.29 -37.32 10.51
N ILE C 414 18.26 -37.88 9.80
CA ILE C 414 19.60 -37.30 9.67
C ILE C 414 19.84 -36.93 8.21
N GLN C 415 20.60 -35.85 8.03
CA GLN C 415 21.04 -35.46 6.69
C GLN C 415 22.51 -35.02 6.74
N ASN C 416 23.33 -35.78 6.02
CA ASN C 416 24.76 -35.48 5.96
C ASN C 416 25.00 -34.44 4.86
N VAL C 417 25.14 -33.19 5.27
CA VAL C 417 25.13 -32.08 4.31
C VAL C 417 26.39 -32.11 3.44
N ASP C 418 27.53 -32.46 4.04
CA ASP C 418 28.77 -32.52 3.25
C ASP C 418 28.62 -33.52 2.10
N HIS C 419 28.21 -34.75 2.42
CA HIS C 419 27.96 -35.74 1.37
C HIS C 419 26.97 -35.24 0.32
N CYS C 420 25.91 -34.52 0.71
CA CYS C 420 24.97 -34.00 -0.26
C CYS C 420 25.56 -32.95 -1.20
N ASN C 421 26.70 -32.33 -0.87
CA ASN C 421 27.25 -31.36 -1.81
C ASN C 421 28.58 -31.79 -2.40
N THR C 422 29.33 -32.70 -1.80
CA THR C 422 30.61 -33.10 -2.39
C THR C 422 30.39 -34.17 -3.44
N HIS C 423 29.27 -34.86 -3.33
CA HIS C 423 28.91 -35.89 -4.29
C HIS C 423 27.49 -35.61 -4.81
N SER C 424 27.38 -34.66 -5.75
CA SER C 424 26.08 -34.30 -6.30
C SER C 424 26.18 -33.73 -7.70
N PRO C 425 25.02 -33.58 -8.33
CA PRO C 425 24.86 -33.03 -9.66
C PRO C 425 24.94 -31.52 -9.72
N PHE C 426 25.04 -30.84 -8.58
CA PHE C 426 25.11 -29.40 -8.54
C PHE C 426 26.44 -28.86 -8.02
N ASP C 427 26.79 -27.68 -8.51
CA ASP C 427 27.99 -26.97 -8.06
C ASP C 427 27.59 -26.21 -6.81
N PRO C 428 28.11 -26.56 -5.67
CA PRO C 428 27.83 -25.95 -4.38
C PRO C 428 28.06 -24.45 -4.30
N ALA C 429 28.98 -23.90 -5.09
CA ALA C 429 29.20 -22.47 -5.14
C ALA C 429 28.00 -21.73 -5.73
N ILE C 430 27.34 -22.29 -6.72
CA ILE C 430 26.20 -21.67 -7.38
C ILE C 430 24.84 -22.17 -6.89
N ALA C 431 24.70 -23.47 -6.69
CA ALA C 431 23.41 -24.03 -6.28
C ALA C 431 23.58 -25.22 -5.36
N PRO C 432 23.91 -24.93 -4.11
CA PRO C 432 24.11 -25.89 -3.05
C PRO C 432 22.83 -26.64 -2.70
N VAL C 433 22.96 -27.81 -2.08
CA VAL C 433 21.76 -28.56 -1.64
C VAL C 433 21.69 -28.39 -0.13
N ARG C 434 20.64 -27.75 0.37
CA ARG C 434 20.58 -27.38 1.77
C ARG C 434 19.47 -28.06 2.58
N GLN C 435 18.78 -29.04 2.01
CA GLN C 435 17.68 -29.71 2.70
C GLN C 435 17.21 -30.91 1.90
N SER C 436 16.22 -31.65 2.40
CA SER C 436 15.65 -32.74 1.63
C SER C 436 14.12 -32.57 1.60
N ASN C 437 13.38 -33.66 1.33
CA ASN C 437 11.89 -33.59 1.29
C ASN C 437 11.29 -34.35 2.47
N LEU C 438 10.03 -34.65 2.32
CA LEU C 438 9.26 -35.36 3.32
C LEU C 438 9.90 -36.72 3.64
N CYS C 439 10.21 -37.49 2.60
CA CYS C 439 10.72 -38.86 2.80
C CYS C 439 12.23 -38.97 2.67
N LEU C 440 12.92 -37.84 2.71
CA LEU C 440 14.37 -37.81 2.68
C LEU C 440 15.06 -38.43 1.47
N GLU C 441 14.48 -38.39 0.28
CA GLU C 441 15.16 -38.93 -0.90
C GLU C 441 15.43 -37.88 -1.95
N ILE C 442 14.74 -36.74 -1.89
CA ILE C 442 15.00 -35.66 -2.85
C ILE C 442 16.06 -34.70 -2.31
N ALA C 443 16.90 -34.18 -3.19
CA ALA C 443 17.93 -33.23 -2.74
C ALA C 443 18.21 -32.28 -3.91
N LEU C 444 17.52 -31.15 -3.86
CA LEU C 444 17.53 -30.11 -4.88
C LEU C 444 17.81 -28.76 -4.26
N PRO C 445 18.35 -27.85 -5.03
CA PRO C 445 18.70 -26.50 -4.59
C PRO C 445 17.46 -25.64 -4.39
N THR C 446 17.49 -24.69 -3.46
CA THR C 446 16.37 -23.84 -3.11
C THR C 446 16.80 -22.43 -2.72
N LYS C 447 15.89 -21.46 -2.90
CA LYS C 447 16.13 -20.06 -2.53
C LYS C 447 14.90 -19.52 -1.80
N PRO C 448 15.12 -18.83 -0.70
CA PRO C 448 14.07 -18.28 0.12
C PRO C 448 13.25 -17.22 -0.61
N LEU C 449 11.97 -17.12 -0.27
CA LEU C 449 11.12 -16.10 -0.86
C LEU C 449 10.99 -14.91 0.10
N ASN C 450 10.62 -13.75 -0.43
CA ASN C 450 10.33 -12.59 0.40
C ASN C 450 8.84 -12.30 0.32
N ASP C 451 8.16 -13.03 -0.55
CA ASP C 451 6.72 -12.84 -0.76
C ASP C 451 6.17 -14.06 -1.48
N VAL C 452 4.89 -14.40 -1.36
CA VAL C 452 4.38 -15.58 -2.07
C VAL C 452 4.76 -15.51 -3.56
N ASN C 453 4.53 -14.39 -4.22
CA ASN C 453 4.79 -14.28 -5.65
C ASN C 453 6.18 -13.78 -6.01
N ASP C 454 7.09 -13.76 -5.05
CA ASP C 454 8.47 -13.34 -5.31
C ASP C 454 9.01 -14.17 -6.48
N GLU C 455 9.48 -13.52 -7.54
CA GLU C 455 9.99 -14.26 -8.70
C GLU C 455 11.47 -14.58 -8.60
N ASN C 456 12.16 -14.11 -7.58
CA ASN C 456 13.58 -14.36 -7.39
C ASN C 456 13.82 -15.51 -6.43
N GLY C 457 12.75 -16.12 -5.94
CA GLY C 457 12.87 -17.24 -5.01
C GLY C 457 12.89 -18.54 -5.81
N GLU C 458 13.15 -19.66 -5.13
CA GLU C 458 13.13 -20.94 -5.80
C GLU C 458 12.62 -22.06 -4.91
N ILE C 459 11.55 -22.69 -5.38
CA ILE C 459 10.95 -23.82 -4.66
C ILE C 459 11.17 -25.09 -5.48
N ALA C 460 11.87 -26.06 -4.90
CA ALA C 460 12.15 -27.30 -5.61
C ALA C 460 10.92 -28.18 -5.72
N LEU C 461 10.76 -28.80 -6.88
CA LEU C 461 9.69 -29.76 -7.14
C LEU C 461 10.35 -31.00 -7.77
N CYS C 462 9.76 -32.18 -7.62
CA CYS C 462 10.35 -33.34 -8.25
C CYS C 462 9.31 -34.33 -8.79
N THR C 463 9.51 -34.69 -10.05
CA THR C 463 8.58 -35.65 -10.67
C THR C 463 9.17 -37.05 -10.54
N LEU C 464 8.36 -37.99 -10.03
CA LEU C 464 8.88 -39.33 -9.79
C LEU C 464 8.25 -40.43 -10.63
N SER C 465 8.88 -41.60 -10.56
CA SER C 465 8.50 -42.82 -11.24
C SER C 465 9.52 -43.92 -10.86
N ALA C 466 9.30 -45.12 -11.38
CA ALA C 466 10.28 -46.16 -11.02
C ALA C 466 10.29 -47.34 -11.99
N PHE C 467 11.45 -48.00 -11.99
CA PHE C 467 11.63 -49.19 -12.81
C PHE C 467 11.33 -50.44 -11.97
N ASN C 468 10.54 -51.34 -12.54
CA ASN C 468 10.26 -52.60 -11.83
C ASN C 468 11.39 -53.59 -12.12
N LEU C 469 12.33 -53.80 -11.21
CA LEU C 469 13.41 -54.76 -11.47
C LEU C 469 12.93 -56.19 -11.60
N GLY C 470 11.71 -56.58 -11.24
CA GLY C 470 11.27 -57.95 -11.38
C GLY C 470 10.63 -58.23 -12.73
N ALA C 471 10.52 -57.19 -13.57
CA ALA C 471 9.86 -57.34 -14.86
C ALA C 471 10.81 -57.22 -16.05
N ILE C 472 12.11 -57.15 -15.78
CA ILE C 472 13.07 -57.09 -16.90
C ILE C 472 13.90 -58.38 -16.95
N ASN C 473 14.21 -58.87 -18.15
CA ASN C 473 15.00 -60.09 -18.24
C ASN C 473 16.48 -59.76 -18.06
N ASN C 474 16.95 -58.79 -18.84
CA ASN C 474 18.37 -58.41 -18.71
C ASN C 474 18.45 -56.90 -18.56
N LEU C 475 19.56 -56.40 -18.05
CA LEU C 475 19.76 -54.98 -17.80
C LEU C 475 19.78 -54.09 -19.02
N ASP C 476 19.96 -54.57 -20.23
CA ASP C 476 19.92 -53.76 -21.44
C ASP C 476 18.50 -53.42 -21.87
N GLU C 477 17.50 -53.91 -21.14
CA GLU C 477 16.11 -53.58 -21.36
C GLU C 477 15.86 -52.16 -20.84
N LEU C 478 16.72 -51.71 -19.93
CA LEU C 478 16.67 -50.40 -19.34
C LEU C 478 16.96 -49.24 -20.29
N GLU C 479 17.64 -49.48 -21.42
CA GLU C 479 17.78 -48.46 -22.44
C GLU C 479 16.41 -48.00 -22.94
N GLU C 480 15.55 -48.89 -23.42
CA GLU C 480 14.24 -48.49 -23.91
C GLU C 480 13.42 -47.83 -22.80
N LEU C 481 13.46 -48.49 -21.64
CA LEU C 481 12.69 -48.05 -20.47
C LEU C 481 13.10 -46.67 -20.01
N ALA C 482 14.41 -46.37 -20.00
CA ALA C 482 14.85 -45.04 -19.58
C ALA C 482 14.37 -44.00 -20.60
N ILE C 483 14.48 -44.28 -21.90
CA ILE C 483 13.93 -43.36 -22.90
C ILE C 483 12.48 -42.99 -22.58
N LEU C 484 11.64 -44.02 -22.50
CA LEU C 484 10.22 -43.80 -22.22
C LEU C 484 9.98 -43.05 -20.91
N ALA C 485 10.65 -43.46 -19.84
CA ALA C 485 10.47 -42.80 -18.54
C ALA C 485 10.88 -41.32 -18.59
N VAL C 486 12.08 -41.01 -19.07
CA VAL C 486 12.51 -39.61 -19.14
C VAL C 486 11.62 -38.81 -20.06
N ARG C 487 11.36 -39.26 -21.29
CA ARG C 487 10.54 -38.47 -22.20
C ARG C 487 9.14 -38.18 -21.66
N ALA C 488 8.47 -39.17 -21.09
CA ALA C 488 7.14 -38.97 -20.54
C ALA C 488 7.12 -37.98 -19.38
N LEU C 489 8.07 -38.10 -18.44
CA LEU C 489 8.08 -37.19 -17.30
C LEU C 489 8.51 -35.78 -17.69
N ASP C 490 9.41 -35.62 -18.66
CA ASP C 490 9.79 -34.28 -19.11
C ASP C 490 8.60 -33.60 -19.74
N ALA C 491 7.76 -34.34 -20.46
CA ALA C 491 6.57 -33.77 -21.10
C ALA C 491 5.62 -33.26 -20.02
N LEU C 492 5.50 -34.06 -18.95
CA LEU C 492 4.68 -33.70 -17.81
C LEU C 492 5.07 -32.37 -17.18
N LEU C 493 6.35 -32.03 -17.08
CA LEU C 493 6.77 -30.76 -16.52
C LEU C 493 6.16 -29.58 -17.28
N ASP C 494 5.92 -29.67 -18.59
CA ASP C 494 5.27 -28.59 -19.32
C ASP C 494 3.76 -28.71 -19.28
N TYR C 495 3.24 -29.86 -18.90
CA TYR C 495 1.79 -30.08 -18.90
C TYR C 495 1.10 -29.53 -17.67
N GLN C 496 1.69 -29.70 -16.49
CA GLN C 496 1.11 -29.36 -15.21
C GLN C 496 1.14 -27.88 -14.87
N ASP C 497 0.34 -27.51 -13.86
CA ASP C 497 0.23 -26.13 -13.42
C ASP C 497 1.11 -25.80 -12.23
N TYR C 498 1.52 -24.53 -12.13
CA TYR C 498 2.37 -24.03 -11.05
C TYR C 498 1.72 -22.86 -10.33
N PRO C 499 1.21 -23.12 -9.12
CA PRO C 499 0.50 -22.15 -8.33
C PRO C 499 1.36 -21.01 -7.78
N ILE C 500 2.66 -21.23 -7.65
CA ILE C 500 3.57 -20.22 -7.13
C ILE C 500 4.73 -19.99 -8.08
N PRO C 501 4.94 -18.75 -8.50
CA PRO C 501 6.02 -18.32 -9.37
C PRO C 501 7.34 -19.04 -9.11
N ALA C 502 7.81 -19.00 -7.87
CA ALA C 502 9.08 -19.61 -7.49
C ALA C 502 9.18 -21.09 -7.82
N ALA C 503 8.07 -21.82 -7.75
CA ALA C 503 8.09 -23.26 -8.07
C ALA C 503 8.21 -23.45 -9.58
N LYS C 504 7.50 -22.68 -10.39
CA LYS C 504 7.71 -22.71 -11.84
C LYS C 504 9.17 -22.42 -12.15
N ARG C 505 9.79 -21.42 -11.54
CA ARG C 505 11.17 -21.07 -11.76
C ARG C 505 12.13 -22.25 -11.69
N GLY C 506 12.02 -23.04 -10.63
CA GLY C 506 12.87 -24.20 -10.43
C GLY C 506 12.57 -25.30 -11.44
N ALA C 507 11.28 -25.56 -11.70
CA ALA C 507 10.92 -26.61 -12.64
C ALA C 507 11.35 -26.29 -14.07
N MET C 508 11.11 -25.08 -14.56
CA MET C 508 11.55 -24.74 -15.91
C MET C 508 13.06 -24.54 -15.99
N GLY C 509 13.69 -24.07 -14.91
CA GLY C 509 15.12 -23.81 -14.93
C GLY C 509 15.95 -25.08 -15.00
N ARG C 510 15.62 -26.01 -14.09
CA ARG C 510 16.45 -27.20 -13.91
C ARG C 510 15.80 -28.49 -14.37
N ARG C 511 14.50 -28.48 -14.65
CA ARG C 511 13.74 -29.64 -15.09
C ARG C 511 14.11 -30.92 -14.35
N THR C 512 14.09 -30.94 -13.03
CA THR C 512 14.59 -32.04 -12.21
C THR C 512 13.65 -33.23 -12.11
N LEU C 513 14.21 -34.43 -12.24
CA LEU C 513 13.41 -35.66 -12.18
C LEU C 513 13.95 -36.61 -11.10
N GLY C 514 13.10 -37.54 -10.67
CA GLY C 514 13.48 -38.50 -9.64
C GLY C 514 12.93 -39.89 -10.00
N ILE C 515 13.76 -40.67 -10.71
CA ILE C 515 13.28 -42.01 -11.10
C ILE C 515 13.99 -43.02 -10.21
N GLY C 516 13.27 -44.00 -9.68
CA GLY C 516 13.93 -44.96 -8.78
C GLY C 516 13.50 -46.38 -9.09
N VAL C 517 13.58 -47.30 -8.13
CA VAL C 517 13.24 -48.69 -8.38
C VAL C 517 12.22 -49.23 -7.37
N ILE C 518 11.52 -50.28 -7.76
CA ILE C 518 10.64 -51.05 -6.90
C ILE C 518 11.00 -52.52 -7.18
N ASN C 519 10.63 -53.42 -6.29
CA ASN C 519 10.89 -54.85 -6.48
C ASN C 519 12.35 -55.24 -6.30
N PHE C 520 13.17 -54.47 -5.59
CA PHE C 520 14.56 -54.84 -5.39
C PHE C 520 14.69 -56.20 -4.71
N ALA C 521 13.96 -56.40 -3.62
CA ALA C 521 14.01 -57.61 -2.82
C ALA C 521 13.78 -58.85 -3.67
N TYR C 522 12.68 -58.81 -4.43
CA TYR C 522 12.38 -59.90 -5.36
C TYR C 522 13.56 -60.15 -6.30
N TYR C 523 14.07 -59.08 -6.90
CA TYR C 523 15.23 -59.13 -7.80
C TYR C 523 16.39 -59.85 -7.14
N LEU C 524 16.75 -59.46 -5.92
CA LEU C 524 17.84 -60.13 -5.22
C LEU C 524 17.51 -61.60 -4.98
N ALA C 525 16.24 -61.87 -4.65
CA ALA C 525 15.81 -63.22 -4.36
C ALA C 525 16.03 -64.15 -5.55
N LYS C 526 15.58 -63.72 -6.72
CA LYS C 526 15.72 -64.56 -7.90
C LYS C 526 17.16 -64.65 -8.41
N HIS C 527 18.10 -63.89 -7.87
CA HIS C 527 19.49 -63.97 -8.27
C HIS C 527 20.28 -64.64 -7.15
N GLY C 528 19.54 -65.20 -6.19
CA GLY C 528 20.11 -65.90 -5.06
C GLY C 528 21.04 -65.08 -4.19
N LYS C 529 20.72 -63.80 -3.96
CA LYS C 529 21.52 -62.97 -3.08
C LYS C 529 20.66 -62.47 -1.91
N ARG C 530 21.34 -62.06 -0.83
CA ARG C 530 20.67 -61.55 0.36
C ARG C 530 21.14 -60.13 0.66
N TYR C 531 20.55 -59.51 1.67
CA TYR C 531 20.90 -58.17 2.06
C TYR C 531 22.04 -58.11 3.08
N SER C 532 22.00 -58.95 4.10
CA SER C 532 22.92 -58.85 5.22
C SER C 532 24.34 -59.35 5.10
N ASP C 533 24.70 -60.26 4.19
CA ASP C 533 26.06 -60.80 4.19
C ASP C 533 27.05 -60.22 3.21
N GLY C 534 26.63 -59.27 2.39
CA GLY C 534 27.51 -58.62 1.42
C GLY C 534 27.47 -59.34 0.08
N SER C 535 26.67 -60.40 -0.01
CA SER C 535 26.58 -61.18 -1.22
C SER C 535 26.00 -60.45 -2.43
N ALA C 536 25.29 -59.34 -2.23
CA ALA C 536 24.71 -58.61 -3.35
C ALA C 536 25.45 -57.34 -3.74
N ASN C 537 26.53 -56.99 -3.05
CA ASN C 537 27.28 -55.77 -3.37
C ASN C 537 27.58 -55.64 -4.88
N ASN C 538 28.32 -56.58 -5.49
CA ASN C 538 28.68 -56.43 -6.89
C ASN C 538 27.47 -56.42 -7.81
N LEU C 539 26.45 -57.24 -7.56
CA LEU C 539 25.27 -57.23 -8.41
C LEU C 539 24.59 -55.87 -8.32
N THR C 540 24.52 -55.34 -7.09
CA THR C 540 23.92 -54.02 -6.91
C THR C 540 24.70 -52.95 -7.66
N HIS C 541 26.03 -53.01 -7.58
CA HIS C 541 26.88 -52.07 -8.30
C HIS C 541 26.64 -52.15 -9.81
N LYS C 542 26.56 -53.38 -10.31
CA LYS C 542 26.32 -53.59 -11.74
C LYS C 542 24.95 -53.01 -12.09
N THR C 543 23.94 -53.35 -11.30
CA THR C 543 22.58 -52.94 -11.57
C THR C 543 22.38 -51.42 -11.55
N PHE C 544 22.99 -50.76 -10.57
CA PHE C 544 22.79 -49.32 -10.47
C PHE C 544 23.65 -48.55 -11.47
N GLU C 545 24.74 -49.15 -11.95
CA GLU C 545 25.47 -48.50 -13.04
C GLU C 545 24.59 -48.50 -14.29
N ALA C 546 23.94 -49.61 -14.61
CA ALA C 546 23.07 -49.62 -15.78
C ALA C 546 22.01 -48.52 -15.72
N ILE C 547 21.29 -48.48 -14.60
CA ILE C 547 20.20 -47.52 -14.40
C ILE C 547 20.67 -46.08 -14.60
N GLN C 548 21.74 -45.69 -13.90
CA GLN C 548 22.23 -44.34 -14.08
C GLN C 548 22.77 -44.08 -15.48
N TYR C 549 23.49 -45.04 -16.06
CA TYR C 549 24.01 -44.88 -17.40
C TYR C 549 22.89 -44.60 -18.39
N TYR C 550 21.91 -45.50 -18.48
CA TYR C 550 20.82 -45.32 -19.45
C TYR C 550 19.94 -44.11 -19.20
N LEU C 551 19.78 -43.67 -17.96
CA LEU C 551 19.00 -42.48 -17.64
C LEU C 551 19.71 -41.22 -18.17
N LEU C 552 21.02 -41.15 -17.94
CA LEU C 552 21.78 -40.02 -18.47
C LEU C 552 21.76 -40.06 -20.00
N LYS C 553 21.92 -41.25 -20.60
CA LYS C 553 21.76 -41.37 -22.05
C LYS C 553 20.42 -40.81 -22.49
N ALA C 554 19.31 -41.23 -21.88
CA ALA C 554 17.99 -40.74 -22.28
C ALA C 554 17.87 -39.22 -22.18
N SER C 555 18.26 -38.68 -21.03
CA SER C 555 18.16 -37.25 -20.78
C SER C 555 19.04 -36.52 -21.80
N ASN C 556 20.24 -37.03 -21.98
CA ASN C 556 21.17 -36.47 -22.95
C ASN C 556 20.61 -36.50 -24.36
N GLU C 557 20.01 -37.61 -24.78
CA GLU C 557 19.36 -37.67 -26.09
C GLU C 557 18.29 -36.58 -26.17
N LEU C 558 17.43 -36.47 -25.17
CA LEU C 558 16.38 -35.47 -25.14
C LEU C 558 16.86 -34.04 -25.27
N ALA C 559 18.00 -33.71 -24.68
CA ALA C 559 18.59 -32.38 -24.77
C ALA C 559 19.00 -32.06 -26.20
N LYS C 560 19.54 -33.08 -26.89
CA LYS C 560 19.88 -32.94 -28.30
C LYS C 560 18.64 -32.54 -29.07
N GLU C 561 17.56 -33.29 -28.85
CA GLU C 561 16.31 -33.01 -29.54
C GLU C 561 15.69 -31.70 -29.14
N GLN C 562 15.61 -31.36 -27.86
CA GLN C 562 14.79 -30.24 -27.40
C GLN C 562 15.48 -29.17 -26.58
N GLY C 563 16.80 -29.30 -26.42
CA GLY C 563 17.57 -28.31 -25.68
C GLY C 563 17.71 -28.67 -24.21
N ALA C 564 18.89 -28.38 -23.65
CA ALA C 564 19.11 -28.66 -22.24
C ALA C 564 18.26 -27.73 -21.38
N CYS C 565 18.18 -28.01 -20.08
CA CYS C 565 17.43 -27.13 -19.19
C CYS C 565 18.15 -25.80 -19.03
N PRO C 566 17.40 -24.71 -18.99
CA PRO C 566 17.89 -23.36 -18.82
C PRO C 566 19.09 -23.24 -17.91
N TRP C 567 18.94 -23.68 -16.66
CA TRP C 567 20.00 -23.59 -15.66
C TRP C 567 20.92 -24.79 -15.62
N PHE C 568 21.21 -25.40 -16.78
CA PHE C 568 22.12 -26.53 -16.85
C PHE C 568 23.54 -26.16 -16.41
N ASN C 569 23.97 -24.93 -16.62
CA ASN C 569 25.25 -24.41 -16.22
C ASN C 569 25.52 -24.40 -14.72
N GLU C 570 24.53 -24.60 -13.86
CA GLU C 570 24.74 -24.66 -12.42
C GLU C 570 25.02 -26.07 -11.93
N THR C 571 24.99 -27.06 -12.82
CA THR C 571 25.22 -28.44 -12.45
C THR C 571 26.69 -28.82 -12.58
N THR C 572 27.09 -29.89 -11.89
CA THR C 572 28.46 -30.41 -12.00
C THR C 572 28.57 -31.14 -13.35
N TYR C 573 27.44 -31.64 -13.83
CA TYR C 573 27.38 -32.32 -15.11
C TYR C 573 27.91 -31.39 -16.22
N ALA C 574 27.48 -30.13 -16.20
CA ALA C 574 27.95 -29.11 -17.13
C ALA C 574 29.47 -29.00 -17.19
N LYS C 575 30.18 -29.24 -16.09
CA LYS C 575 31.64 -29.20 -16.07
C LYS C 575 32.31 -30.54 -16.38
N GLY C 576 31.57 -31.53 -16.86
CA GLY C 576 32.12 -32.83 -17.16
C GLY C 576 32.32 -33.75 -15.96
N ILE C 577 31.79 -33.38 -14.80
CA ILE C 577 31.92 -34.19 -13.60
C ILE C 577 30.76 -35.17 -13.51
N LEU C 578 31.09 -36.41 -13.17
CA LEU C 578 30.10 -37.49 -13.10
C LEU C 578 30.02 -38.14 -11.73
N PRO C 579 28.90 -38.82 -11.49
CA PRO C 579 28.63 -39.49 -10.22
C PRO C 579 29.81 -40.37 -9.86
N ILE C 580 30.35 -41.11 -10.83
CA ILE C 580 31.53 -41.93 -10.67
C ILE C 580 32.82 -41.19 -10.35
N ASP C 581 32.88 -39.87 -10.36
CA ASP C 581 34.07 -39.14 -10.02
C ASP C 581 34.03 -38.60 -8.59
N THR C 582 32.84 -38.47 -8.00
CA THR C 582 32.78 -37.86 -6.67
C THR C 582 32.29 -38.74 -5.54
N TYR C 583 32.07 -40.03 -5.78
CA TYR C 583 31.52 -40.91 -4.76
C TYR C 583 32.46 -41.08 -3.58
N LYS C 584 31.95 -41.57 -2.45
CA LYS C 584 32.80 -41.74 -1.26
C LYS C 584 33.78 -42.89 -1.49
N LYS C 585 35.08 -42.60 -1.53
CA LYS C 585 36.10 -43.59 -1.79
C LYS C 585 36.08 -44.83 -0.93
N ASP C 586 35.67 -44.81 0.33
CA ASP C 586 35.54 -46.00 1.15
C ASP C 586 34.80 -47.14 0.47
N LEU C 587 33.85 -46.83 -0.40
CA LEU C 587 33.08 -47.78 -1.17
C LEU C 587 33.92 -48.81 -1.91
N ASP C 588 35.10 -48.41 -2.37
CA ASP C 588 36.03 -49.31 -3.06
C ASP C 588 36.36 -50.57 -2.27
N THR C 589 36.46 -50.49 -0.95
CA THR C 589 36.73 -51.63 -0.11
C THR C 589 35.58 -52.63 0.03
N ILE C 590 34.34 -52.28 -0.33
CA ILE C 590 33.24 -53.23 -0.16
C ILE C 590 32.60 -53.69 -1.46
N ALA C 591 33.11 -53.28 -2.60
CA ALA C 591 32.56 -53.74 -3.88
C ALA C 591 33.66 -53.73 -4.93
N ASN C 592 33.77 -54.79 -5.74
CA ASN C 592 34.85 -54.80 -6.72
C ASN C 592 34.36 -54.86 -8.16
N GLU C 593 33.05 -54.84 -8.35
CA GLU C 593 32.50 -54.86 -9.71
C GLU C 593 32.99 -53.68 -10.54
N PRO C 594 33.37 -53.96 -11.78
CA PRO C 594 33.85 -53.00 -12.75
C PRO C 594 32.75 -52.22 -13.42
N LEU C 595 33.05 -51.11 -14.07
CA LEU C 595 32.02 -50.35 -14.79
C LEU C 595 31.80 -51.08 -16.12
N HIS C 596 30.57 -51.31 -16.55
CA HIS C 596 30.36 -52.04 -17.79
C HIS C 596 29.95 -51.15 -18.94
N TYR C 597 29.67 -49.88 -18.65
CA TYR C 597 29.19 -48.96 -19.69
C TYR C 597 30.21 -47.88 -20.02
N ASP C 598 30.11 -47.32 -21.22
CA ASP C 598 31.07 -46.31 -21.65
C ASP C 598 30.75 -44.97 -21.02
N TRP C 599 31.33 -44.71 -19.85
CA TRP C 599 31.03 -43.46 -19.15
C TRP C 599 31.76 -42.28 -19.80
N GLU C 600 32.96 -42.50 -20.32
CA GLU C 600 33.74 -41.45 -20.95
C GLU C 600 33.14 -40.95 -22.26
N ALA C 601 32.46 -41.82 -23.02
CA ALA C 601 31.80 -41.33 -24.23
C ALA C 601 30.71 -40.34 -23.78
N LEU C 602 29.94 -40.81 -22.79
CA LEU C 602 28.84 -40.07 -22.21
C LEU C 602 29.30 -38.76 -21.59
N ARG C 603 30.43 -38.78 -20.87
CA ARG C 603 30.96 -37.55 -20.29
C ARG C 603 31.05 -36.45 -21.36
N GLU C 604 31.70 -36.75 -22.47
CA GLU C 604 31.82 -35.82 -23.58
C GLU C 604 30.48 -35.34 -24.13
N SER C 605 29.54 -36.25 -24.37
CA SER C 605 28.24 -35.90 -24.92
C SER C 605 27.43 -34.99 -24.00
N ILE C 606 27.52 -35.20 -22.70
CA ILE C 606 26.89 -34.33 -21.71
C ILE C 606 27.49 -32.93 -21.82
N LYS C 607 28.82 -32.83 -21.75
CA LYS C 607 29.51 -31.56 -21.86
C LYS C 607 29.09 -30.77 -23.10
N THR C 608 28.98 -31.47 -24.23
CA THR C 608 28.65 -30.83 -25.50
C THR C 608 27.19 -30.46 -25.65
N HIS C 609 26.30 -31.43 -25.49
CA HIS C 609 24.86 -31.20 -25.68
C HIS C 609 24.05 -31.00 -24.41
N GLY C 610 24.68 -31.18 -23.26
CA GLY C 610 24.04 -30.98 -21.97
C GLY C 610 22.94 -31.96 -21.62
N LEU C 611 22.21 -31.67 -20.54
CA LEU C 611 21.12 -32.53 -20.11
C LEU C 611 19.80 -31.77 -20.13
N ARG C 612 18.72 -32.47 -20.47
CA ARG C 612 17.39 -31.84 -20.50
C ARG C 612 16.97 -31.58 -19.04
N ASN C 613 17.38 -32.55 -18.21
CA ASN C 613 17.06 -32.58 -16.80
C ASN C 613 18.32 -32.52 -15.95
N SER C 614 18.34 -31.61 -14.97
CA SER C 614 19.49 -31.46 -14.09
C SER C 614 19.72 -32.64 -13.16
N THR C 615 18.69 -33.39 -12.79
CA THR C 615 18.80 -34.55 -11.94
C THR C 615 17.85 -35.62 -12.52
N LEU C 616 18.26 -36.88 -12.50
CA LEU C 616 17.41 -37.93 -13.06
C LEU C 616 17.00 -39.00 -12.06
N SER C 617 17.88 -39.36 -11.12
CA SER C 617 17.52 -40.46 -10.23
C SER C 617 17.41 -40.11 -8.76
N ALA C 618 16.51 -40.86 -8.11
CA ALA C 618 16.25 -40.74 -6.67
C ALA C 618 15.42 -41.96 -6.23
N LEU C 619 15.95 -42.65 -5.23
CA LEU C 619 15.31 -43.87 -4.68
C LEU C 619 14.32 -43.52 -3.57
N MET C 620 13.06 -43.71 -3.89
CA MET C 620 11.97 -43.38 -2.97
C MET C 620 11.17 -44.59 -2.54
N PRO C 621 10.56 -44.51 -1.36
CA PRO C 621 9.66 -45.55 -0.90
C PRO C 621 8.48 -45.60 -1.84
N SER C 622 7.71 -46.66 -1.73
CA SER C 622 6.50 -46.84 -2.56
C SER C 622 5.63 -47.92 -1.92
N GLU C 623 4.36 -47.65 -1.77
CA GLU C 623 3.47 -48.64 -1.17
C GLU C 623 2.39 -49.02 -2.16
N THR C 624 1.86 -47.98 -2.68
CA THR C 624 0.72 -48.01 -3.54
C THR C 624 1.09 -48.44 -4.98
N SER C 625 2.18 -47.91 -5.53
CA SER C 625 2.63 -48.28 -6.90
C SER C 625 3.05 -49.76 -6.95
N SER C 626 3.79 -50.18 -5.93
CA SER C 626 4.25 -51.56 -5.80
C SER C 626 3.07 -52.50 -5.72
N GLN C 627 2.00 -52.11 -5.02
CA GLN C 627 0.80 -52.92 -4.88
C GLN C 627 0.18 -53.24 -6.23
N ILE C 628 0.16 -52.26 -7.14
CA ILE C 628 -0.41 -52.45 -8.46
C ILE C 628 0.33 -53.49 -9.30
N SER C 629 1.64 -53.60 -9.15
CA SER C 629 2.42 -54.58 -9.89
C SER C 629 2.84 -55.77 -9.04
N ASN C 630 2.22 -55.98 -7.90
CA ASN C 630 2.58 -57.06 -6.99
C ASN C 630 4.10 -57.13 -6.89
N ALA C 631 4.68 -56.08 -6.35
CA ALA C 631 6.12 -55.94 -6.20
C ALA C 631 6.57 -55.58 -4.79
N THR C 632 7.77 -56.02 -4.41
CA THR C 632 8.26 -55.60 -3.09
C THR C 632 8.47 -54.08 -3.16
N ASN C 633 8.26 -53.37 -2.05
CA ASN C 633 8.30 -51.93 -2.05
C ASN C 633 9.73 -51.39 -2.16
N GLY C 634 9.86 -50.42 -3.07
CA GLY C 634 11.13 -49.76 -3.30
C GLY C 634 12.31 -50.71 -3.19
N ILE C 635 13.25 -50.37 -2.29
CA ILE C 635 14.43 -51.23 -2.14
C ILE C 635 14.41 -51.97 -0.81
N GLU C 636 13.27 -51.96 -0.12
CA GLU C 636 13.20 -52.61 1.19
C GLU C 636 12.81 -54.08 1.14
N PRO C 637 13.38 -54.84 2.06
CA PRO C 637 13.02 -56.23 2.28
C PRO C 637 11.62 -56.31 2.87
N PRO C 638 10.84 -57.28 2.43
CA PRO C 638 9.50 -57.49 2.92
C PRO C 638 9.54 -57.72 4.42
N ARG C 639 8.45 -57.43 5.11
CA ARG C 639 8.36 -57.72 6.55
C ARG C 639 7.90 -59.16 6.72
N GLY C 640 7.24 -59.71 5.71
CA GLY C 640 6.81 -61.11 5.72
C GLY C 640 6.35 -61.54 4.33
N TYR C 641 5.99 -62.82 4.19
CA TYR C 641 5.54 -63.35 2.90
C TYR C 641 4.18 -62.78 2.54
N VAL C 642 3.30 -62.60 3.53
CA VAL C 642 1.97 -62.08 3.21
C VAL C 642 1.67 -60.74 3.88
N SER C 643 1.18 -59.81 3.07
CA SER C 643 0.80 -58.50 3.55
C SER C 643 -0.68 -58.44 3.90
N ILE C 644 -1.02 -57.91 5.07
CA ILE C 644 -2.43 -57.77 5.42
C ILE C 644 -2.77 -56.28 5.48
N LYS C 645 -3.86 -55.89 4.81
CA LYS C 645 -4.31 -54.50 4.80
C LYS C 645 -5.82 -54.48 5.05
N ALA C 646 -6.29 -53.44 5.72
CA ALA C 646 -7.71 -53.32 6.02
C ALA C 646 -8.47 -52.55 4.94
N SER C 647 -9.71 -52.95 4.71
CA SER C 647 -10.54 -52.30 3.70
C SER C 647 -12.00 -52.30 4.14
N LYS C 648 -12.84 -51.56 3.43
CA LYS C 648 -14.27 -51.55 3.74
C LYS C 648 -14.89 -52.89 3.35
N ASP C 649 -14.41 -53.46 2.25
CA ASP C 649 -14.91 -54.74 1.75
C ASP C 649 -14.41 -55.94 2.54
N GLY C 650 -13.24 -55.82 3.16
CA GLY C 650 -12.70 -56.93 3.94
C GLY C 650 -11.19 -56.83 4.08
N ILE C 651 -10.58 -57.94 4.49
CA ILE C 651 -9.14 -57.99 4.68
C ILE C 651 -8.41 -58.23 3.36
N LEU C 652 -7.49 -57.34 3.01
CA LEU C 652 -6.72 -57.49 1.77
C LEU C 652 -5.39 -58.20 2.02
N ARG C 653 -5.19 -59.32 1.34
CA ARG C 653 -3.94 -60.07 1.47
C ARG C 653 -3.15 -60.09 0.16
N GLN C 654 -1.84 -59.97 0.27
CA GLN C 654 -0.98 -59.99 -0.90
C GLN C 654 0.27 -60.82 -0.63
N VAL C 655 0.51 -61.81 -1.47
CA VAL C 655 1.66 -62.70 -1.29
C VAL C 655 2.85 -62.23 -2.13
N VAL C 656 4.04 -62.22 -1.53
CA VAL C 656 5.22 -61.78 -2.27
C VAL C 656 5.34 -62.53 -3.58
N PRO C 657 5.86 -61.87 -4.60
CA PRO C 657 6.02 -62.42 -5.93
C PRO C 657 6.78 -63.75 -5.94
N ASP C 658 6.23 -64.72 -6.66
CA ASP C 658 6.84 -66.04 -6.80
C ASP C 658 7.30 -66.65 -5.48
N TYR C 659 6.40 -66.62 -4.50
CA TYR C 659 6.66 -67.21 -3.19
C TYR C 659 6.89 -68.71 -3.36
N GLU C 660 6.03 -69.34 -4.16
CA GLU C 660 6.11 -70.75 -4.48
C GLU C 660 7.55 -71.25 -4.65
N HIS C 661 8.31 -70.62 -5.55
CA HIS C 661 9.66 -71.01 -5.86
C HIS C 661 10.76 -70.27 -5.12
N LEU C 662 10.49 -69.11 -4.53
CA LEU C 662 11.54 -68.34 -3.88
C LEU C 662 11.41 -68.13 -2.38
N HIS C 663 10.47 -68.80 -1.72
CA HIS C 663 10.30 -68.63 -0.28
C HIS C 663 11.62 -68.70 0.48
N ASP C 664 12.47 -69.70 0.23
CA ASP C 664 13.76 -69.76 0.93
C ASP C 664 14.78 -68.75 0.43
N ALA C 665 14.56 -68.13 -0.72
CA ALA C 665 15.51 -67.17 -1.28
C ALA C 665 15.39 -65.81 -0.63
N TYR C 666 14.15 -65.43 -0.33
CA TYR C 666 13.90 -64.13 0.29
C TYR C 666 14.69 -64.01 1.59
N GLU C 667 14.90 -62.79 2.03
CA GLU C 667 15.51 -62.51 3.33
C GLU C 667 14.59 -61.48 4.01
N LEU C 668 13.71 -61.94 4.89
CA LEU C 668 12.73 -61.02 5.48
C LEU C 668 13.41 -59.99 6.37
N LEU C 669 12.79 -58.83 6.49
CA LEU C 669 13.29 -57.72 7.28
C LEU C 669 13.84 -58.11 8.64
N TRP C 670 13.10 -58.81 9.49
CA TRP C 670 13.62 -59.16 10.81
C TRP C 670 14.56 -60.34 10.83
N GLU C 671 14.91 -60.90 9.68
CA GLU C 671 15.85 -62.00 9.60
C GLU C 671 17.29 -61.49 9.56
N MET C 672 17.43 -60.26 9.06
CA MET C 672 18.79 -59.70 9.00
C MET C 672 19.29 -59.56 10.43
N PRO C 673 20.55 -59.90 10.63
CA PRO C 673 21.25 -59.82 11.90
C PRO C 673 21.65 -58.39 12.24
N GLY C 674 21.62 -57.48 11.27
CA GLY C 674 22.01 -56.10 11.58
C GLY C 674 21.74 -55.14 10.42
N ASN C 675 22.31 -53.95 10.46
CA ASN C 675 22.12 -53.00 9.38
C ASN C 675 23.30 -52.91 8.42
N ASP C 676 24.45 -53.51 8.76
CA ASP C 676 25.64 -53.36 7.92
C ASP C 676 25.42 -53.70 6.46
N GLY C 677 24.92 -54.91 6.20
CA GLY C 677 24.71 -55.35 4.82
C GLY C 677 23.93 -54.28 4.05
N TYR C 678 22.77 -53.95 4.59
CA TYR C 678 21.85 -53.02 3.94
C TYR C 678 22.50 -51.65 3.79
N LEU C 679 23.17 -51.20 4.84
CA LEU C 679 23.85 -49.90 4.71
C LEU C 679 24.90 -49.92 3.61
N GLN C 680 25.63 -51.01 3.40
CA GLN C 680 26.58 -51.08 2.29
C GLN C 680 25.89 -50.98 0.92
N LEU C 681 24.72 -51.62 0.77
CA LEU C 681 24.00 -51.59 -0.49
C LEU C 681 23.47 -50.20 -0.81
N VAL C 682 23.08 -49.48 0.25
CA VAL C 682 22.65 -48.08 0.05
C VAL C 682 23.84 -47.26 -0.42
N GLY C 683 25.01 -47.48 0.19
CA GLY C 683 26.22 -46.77 -0.19
C GLY C 683 26.56 -46.99 -1.67
N ILE C 684 26.47 -48.25 -2.09
CA ILE C 684 26.77 -48.63 -3.48
C ILE C 684 25.78 -47.95 -4.44
N MET C 685 24.52 -47.89 -4.03
CA MET C 685 23.48 -47.23 -4.81
C MET C 685 23.74 -45.74 -4.91
N GLN C 686 24.22 -45.14 -3.82
CA GLN C 686 24.47 -43.71 -3.80
C GLN C 686 25.64 -43.26 -4.68
N LYS C 687 26.47 -44.20 -5.11
CA LYS C 687 27.56 -43.90 -6.03
C LYS C 687 26.98 -43.27 -7.30
N PHE C 688 25.93 -43.90 -7.81
CA PHE C 688 25.34 -43.49 -9.07
C PHE C 688 24.10 -42.62 -8.99
N ILE C 689 23.45 -42.48 -7.83
CA ILE C 689 22.18 -41.74 -7.81
C ILE C 689 22.36 -40.23 -7.72
N ASP C 690 21.66 -39.50 -8.58
CA ASP C 690 21.73 -38.04 -8.57
C ASP C 690 21.34 -37.42 -7.24
N GLN C 691 20.19 -37.85 -6.72
CA GLN C 691 19.68 -37.30 -5.48
C GLN C 691 20.06 -38.12 -4.25
N SER C 692 19.06 -38.64 -3.54
CA SER C 692 19.30 -39.47 -2.38
C SER C 692 18.38 -40.67 -2.33
N ILE C 693 18.51 -41.43 -1.25
CA ILE C 693 17.73 -42.65 -1.05
C ILE C 693 17.00 -42.61 0.28
N SER C 694 15.79 -43.15 0.37
CA SER C 694 15.08 -43.19 1.65
C SER C 694 15.54 -44.36 2.49
N ALA C 695 16.77 -44.36 2.99
CA ALA C 695 17.29 -45.46 3.79
C ALA C 695 16.59 -45.61 5.13
N ASN C 696 16.35 -46.84 5.55
CA ASN C 696 15.78 -47.08 6.89
C ASN C 696 16.87 -47.71 7.76
N THR C 697 16.67 -47.72 9.06
CA THR C 697 17.54 -48.45 9.98
C THR C 697 16.58 -49.32 10.79
N ASN C 698 16.88 -50.59 11.02
CA ASN C 698 15.96 -51.45 11.78
C ASN C 698 16.62 -52.13 12.97
N TYR C 699 15.95 -52.14 14.12
CA TYR C 699 16.48 -52.70 15.35
C TYR C 699 15.45 -53.59 16.03
N ASP C 700 15.90 -54.74 16.51
CA ASP C 700 15.03 -55.70 17.19
C ASP C 700 15.54 -55.89 18.61
N PRO C 701 14.70 -55.51 19.57
CA PRO C 701 14.99 -55.55 20.98
C PRO C 701 15.43 -56.91 21.48
N SER C 702 14.76 -57.96 21.01
CA SER C 702 15.04 -59.32 21.41
C SER C 702 16.37 -59.91 20.97
N ARG C 703 17.16 -59.16 20.21
CA ARG C 703 18.50 -59.53 19.79
C ARG C 703 19.53 -58.91 20.71
N PHE C 704 19.07 -58.17 21.72
CA PHE C 704 19.96 -57.49 22.65
C PHE C 704 19.70 -57.85 24.11
N PRO C 705 20.76 -57.92 24.89
CA PRO C 705 20.70 -58.24 26.30
C PRO C 705 19.73 -57.32 27.05
N SER C 706 18.76 -57.92 27.72
CA SER C 706 17.75 -57.20 28.48
C SER C 706 16.72 -56.49 27.61
N GLY C 707 16.67 -56.80 26.32
CA GLY C 707 15.74 -56.23 25.37
C GLY C 707 15.86 -54.73 25.15
N LYS C 708 17.08 -54.21 25.28
CA LYS C 708 17.31 -52.78 25.11
C LYS C 708 18.44 -52.49 24.12
N VAL C 709 18.10 -51.70 23.09
CA VAL C 709 19.06 -51.32 22.06
C VAL C 709 20.10 -50.36 22.62
N PRO C 710 21.35 -50.80 22.61
CA PRO C 710 22.45 -50.00 23.12
C PRO C 710 22.66 -48.74 22.29
N MET C 711 22.91 -47.62 22.97
CA MET C 711 23.26 -46.38 22.28
C MET C 711 24.52 -46.60 21.44
N GLN C 712 25.51 -47.33 21.98
CA GLN C 712 26.70 -47.68 21.22
C GLN C 712 26.32 -48.17 19.82
N GLN C 713 25.46 -49.19 19.72
CA GLN C 713 25.06 -49.71 18.43
C GLN C 713 24.40 -48.67 17.54
N LEU C 714 23.52 -47.85 18.10
CA LEU C 714 22.88 -46.79 17.31
C LEU C 714 23.91 -45.80 16.76
N LEU C 715 24.90 -45.42 17.54
CA LEU C 715 25.91 -44.48 17.06
C LEU C 715 26.82 -45.16 16.04
N LYS C 716 27.16 -46.42 16.30
CA LYS C 716 28.01 -47.17 15.37
C LYS C 716 27.38 -47.18 13.97
N ASP C 717 26.10 -47.52 13.89
CA ASP C 717 25.42 -47.56 12.59
C ASP C 717 25.34 -46.19 11.91
N LEU C 718 25.21 -45.13 12.73
CA LEU C 718 25.19 -43.79 12.19
C LEU C 718 26.51 -43.55 11.47
N LEU C 719 27.62 -43.85 12.15
CA LEU C 719 28.95 -43.65 11.58
C LEU C 719 29.19 -44.47 10.33
N THR C 720 28.79 -45.74 10.37
CA THR C 720 28.92 -46.62 9.20
C THR C 720 28.27 -45.97 7.99
N ALA C 721 27.00 -45.58 8.13
CA ALA C 721 26.31 -44.87 7.06
C ALA C 721 27.14 -43.70 6.56
N TYR C 722 27.70 -42.88 7.46
CA TYR C 722 28.50 -41.74 7.00
C TYR C 722 29.71 -42.22 6.21
N LYS C 723 30.37 -43.27 6.71
CA LYS C 723 31.58 -43.77 6.05
C LYS C 723 31.37 -44.19 4.61
N PHE C 724 30.25 -44.82 4.28
CA PHE C 724 30.01 -45.25 2.91
C PHE C 724 29.25 -44.27 2.04
N GLY C 725 29.27 -42.99 2.42
CA GLY C 725 28.69 -41.91 1.66
C GLY C 725 27.18 -41.81 1.68
N VAL C 726 26.52 -42.36 2.70
CA VAL C 726 25.05 -42.24 2.71
C VAL C 726 24.64 -40.80 3.02
N LYS C 727 23.78 -40.24 2.16
CA LYS C 727 23.43 -38.83 2.31
C LYS C 727 22.42 -38.57 3.40
N THR C 728 21.33 -39.35 3.43
CA THR C 728 20.28 -39.13 4.43
C THR C 728 19.88 -40.44 5.10
N LEU C 729 19.09 -40.35 6.17
CA LEU C 729 18.50 -41.52 6.81
C LEU C 729 17.04 -41.22 7.19
N TYR C 730 16.16 -42.08 6.71
CA TYR C 730 14.73 -41.99 6.95
C TYR C 730 14.37 -42.74 8.22
N TYR C 731 13.20 -43.36 8.24
CA TYR C 731 12.65 -44.02 9.38
C TYR C 731 13.68 -44.86 10.14
N GLN C 732 13.37 -45.09 11.41
CA GLN C 732 14.06 -46.10 12.20
C GLN C 732 12.94 -47.04 12.67
N ASN C 733 12.98 -48.28 12.25
CA ASN C 733 11.94 -49.22 12.66
C ASN C 733 12.42 -50.00 13.88
N THR C 734 11.62 -50.03 14.93
CA THR C 734 11.92 -50.88 16.08
C THR C 734 10.82 -51.95 16.11
N ARG C 735 11.17 -53.18 16.42
CA ARG C 735 10.18 -54.25 16.40
C ARG C 735 9.20 -54.24 17.56
N ASP C 736 7.98 -54.64 17.25
CA ASP C 736 6.87 -54.72 18.23
C ASP C 736 6.73 -56.18 18.65
N GLY C 737 7.75 -56.65 19.36
CA GLY C 737 7.86 -58.02 19.85
C GLY C 737 9.12 -58.14 20.71
N GLN D 5 13.05 -50.18 23.32
CA GLN D 5 13.80 -49.79 24.51
C GLN D 5 15.28 -49.63 24.18
N ILE D 6 15.91 -48.56 24.69
CA ILE D 6 17.32 -48.37 24.43
C ILE D 6 18.13 -48.29 25.72
N ASP D 7 19.39 -48.73 25.62
CA ASP D 7 20.34 -48.68 26.71
C ASP D 7 21.31 -47.52 26.40
N SER D 8 21.15 -46.40 27.09
CA SER D 8 21.98 -45.23 26.83
C SER D 8 23.33 -45.31 27.53
N GLU D 9 24.24 -46.06 26.91
CA GLU D 9 25.60 -46.26 27.40
C GLU D 9 26.57 -46.15 26.23
N VAL D 10 27.25 -45.01 26.16
CA VAL D 10 28.18 -44.75 25.07
C VAL D 10 29.64 -44.84 25.49
N ASP D 11 30.39 -45.68 24.77
CA ASP D 11 31.82 -45.85 24.99
C ASP D 11 32.54 -45.01 23.94
N THR D 12 33.06 -43.85 24.35
CA THR D 12 33.74 -42.94 23.42
C THR D 12 35.11 -43.44 23.03
N ASP D 13 35.73 -44.26 23.88
CA ASP D 13 37.03 -44.83 23.60
C ASP D 13 36.97 -45.88 22.48
N ASP D 14 35.81 -46.51 22.33
CA ASP D 14 35.60 -47.53 21.30
C ASP D 14 35.29 -46.89 19.95
N LEU D 15 34.58 -45.77 19.98
CA LEU D 15 34.20 -45.09 18.74
C LEU D 15 35.35 -44.28 18.14
N SER D 16 36.25 -43.79 18.97
CA SER D 16 37.36 -42.95 18.54
C SER D 16 38.21 -43.46 17.38
N ASN D 17 38.40 -44.76 17.25
CA ASN D 17 39.21 -45.32 16.17
C ASN D 17 38.55 -45.18 14.80
N PHE D 18 37.23 -45.28 14.76
CA PHE D 18 36.49 -45.17 13.51
C PHE D 18 37.08 -44.11 12.58
N GLN D 19 37.10 -44.44 11.29
CA GLN D 19 37.59 -43.55 10.25
C GLN D 19 36.42 -43.13 9.37
N LEU D 20 36.10 -41.84 9.36
CA LEU D 20 34.98 -41.34 8.56
C LEU D 20 35.30 -41.26 7.08
N LEU E 5 -50.45 38.54 -16.30
CA LEU E 5 -49.11 38.20 -16.74
C LEU E 5 -48.47 37.23 -15.75
N LEU E 6 -48.44 35.95 -16.08
CA LEU E 6 -47.86 34.96 -15.18
C LEU E 6 -46.33 34.91 -15.32
N VAL E 7 -45.64 34.68 -14.22
CA VAL E 7 -44.19 34.58 -14.21
C VAL E 7 -43.77 33.20 -13.73
N THR E 8 -42.83 32.57 -14.43
CA THR E 8 -42.32 31.25 -14.06
C THR E 8 -40.98 31.37 -13.33
N LYS E 9 -40.75 30.56 -12.31
CA LYS E 9 -39.50 30.64 -11.55
C LYS E 9 -38.50 29.53 -11.82
N ARG E 10 -37.40 29.54 -11.08
CA ARG E 10 -36.29 28.61 -11.21
C ARG E 10 -36.66 27.15 -11.00
N ASP E 11 -37.56 26.86 -10.08
CA ASP E 11 -38.04 25.49 -9.88
C ASP E 11 -39.12 25.15 -10.91
N GLY E 12 -39.60 26.16 -11.62
CA GLY E 12 -40.59 25.98 -12.67
C GLY E 12 -41.99 26.16 -12.08
N SER E 13 -42.10 27.11 -11.15
CA SER E 13 -43.37 27.39 -10.48
C SER E 13 -43.90 28.77 -10.82
N THR E 14 -45.22 28.87 -10.99
CA THR E 14 -45.90 30.08 -11.37
C THR E 14 -46.32 31.06 -10.29
N GLU E 15 -45.93 32.31 -10.45
CA GLU E 15 -46.33 33.41 -9.57
C GLU E 15 -46.89 34.54 -10.45
N ARG E 16 -47.58 35.51 -9.88
CA ARG E 16 -48.12 36.62 -10.67
C ARG E 16 -47.07 37.72 -10.85
N ILE E 17 -47.12 38.39 -11.99
CA ILE E 17 -46.16 39.45 -12.29
C ILE E 17 -46.23 40.57 -11.27
N ASN E 18 -45.08 41.12 -10.90
CA ASN E 18 -44.99 42.21 -9.94
C ASN E 18 -44.15 43.33 -10.55
N LEU E 19 -44.79 44.21 -11.32
CA LEU E 19 -44.12 45.31 -11.99
C LEU E 19 -43.45 46.31 -11.06
N ASP E 20 -43.93 46.47 -9.84
CA ASP E 20 -43.35 47.40 -8.88
C ASP E 20 -42.01 46.91 -8.38
N LYS E 21 -41.86 45.60 -8.22
CA LYS E 21 -40.59 45.03 -7.79
C LYS E 21 -39.52 45.34 -8.84
N ILE E 22 -39.84 45.11 -10.11
CA ILE E 22 -38.92 45.40 -11.21
C ILE E 22 -38.46 46.85 -11.14
N HIS E 23 -39.39 47.78 -11.06
CA HIS E 23 -39.12 49.21 -10.98
C HIS E 23 -38.16 49.56 -9.85
N ARG E 24 -38.36 48.94 -8.67
CA ARG E 24 -37.50 49.17 -7.53
C ARG E 24 -36.04 48.87 -7.89
N VAL E 25 -35.80 47.70 -8.50
CA VAL E 25 -34.45 47.32 -8.90
C VAL E 25 -33.86 48.31 -9.89
N LEU E 26 -34.68 48.73 -10.86
CA LEU E 26 -34.23 49.72 -11.83
C LEU E 26 -33.85 51.02 -11.12
N ASP E 27 -34.71 51.45 -10.18
CA ASP E 27 -34.45 52.65 -9.42
C ASP E 27 -33.12 52.51 -8.69
N TRP E 28 -32.96 51.37 -8.00
CA TRP E 28 -31.73 51.08 -7.28
C TRP E 28 -30.49 51.28 -8.16
N ALA E 29 -30.45 50.53 -9.25
CA ALA E 29 -29.38 50.57 -10.23
C ALA E 29 -29.04 51.95 -10.76
N ALA E 30 -30.05 52.79 -10.92
CA ALA E 30 -29.89 54.14 -11.45
C ALA E 30 -29.27 55.11 -10.45
N GLU E 31 -29.37 54.83 -9.16
CA GLU E 31 -28.83 55.71 -8.13
C GLU E 31 -27.48 56.29 -8.49
N GLY E 32 -27.40 57.62 -8.53
CA GLY E 32 -26.19 58.35 -8.82
C GLY E 32 -25.83 58.55 -10.28
N LEU E 33 -26.57 57.92 -11.19
CA LEU E 33 -26.23 58.05 -12.60
C LEU E 33 -26.95 59.25 -13.21
N HIS E 34 -26.37 59.80 -14.27
CA HIS E 34 -26.94 60.97 -14.93
C HIS E 34 -27.34 60.64 -16.37
N ASN E 35 -28.44 61.25 -16.80
CA ASN E 35 -28.98 61.10 -18.14
C ASN E 35 -29.51 59.72 -18.49
N VAL E 36 -29.91 58.92 -17.50
CA VAL E 36 -30.50 57.62 -17.79
C VAL E 36 -31.99 57.65 -17.45
N SER E 37 -32.79 57.17 -18.40
CA SER E 37 -34.23 57.15 -18.22
C SER E 37 -34.75 55.77 -17.81
N ILE E 38 -35.24 55.65 -16.57
CA ILE E 38 -35.83 54.38 -16.15
C ILE E 38 -37.05 54.03 -16.98
N SER E 39 -37.91 55.00 -17.27
CA SER E 39 -39.09 54.78 -18.10
C SER E 39 -38.69 54.23 -19.47
N GLN E 40 -37.71 54.88 -20.10
CA GLN E 40 -37.21 54.42 -21.40
C GLN E 40 -36.88 52.94 -21.34
N VAL E 41 -36.09 52.52 -20.35
CA VAL E 41 -35.80 51.11 -20.15
C VAL E 41 -37.06 50.27 -19.92
N GLU E 42 -38.01 50.73 -19.11
CA GLU E 42 -39.21 49.94 -18.86
C GLU E 42 -40.05 49.79 -20.12
N LEU E 43 -40.17 50.87 -20.91
CA LEU E 43 -40.98 50.78 -22.13
C LEU E 43 -40.45 49.67 -23.03
N ARG E 44 -39.15 49.71 -23.31
CA ARG E 44 -38.50 48.76 -24.17
C ARG E 44 -38.51 47.31 -23.71
N SER E 45 -38.54 47.04 -22.42
CA SER E 45 -38.51 45.66 -21.95
C SER E 45 -39.89 45.09 -21.65
N HIS E 46 -40.82 45.91 -21.16
CA HIS E 46 -42.16 45.41 -20.86
C HIS E 46 -42.89 44.88 -22.09
N ILE E 47 -42.70 45.47 -23.25
CA ILE E 47 -43.33 45.05 -24.49
C ILE E 47 -42.94 43.65 -24.94
N GLN E 48 -41.80 43.13 -24.48
CA GLN E 48 -41.41 41.76 -24.82
C GLN E 48 -41.79 40.75 -23.75
N PHE E 49 -42.50 41.16 -22.70
CA PHE E 49 -42.92 40.17 -21.70
C PHE E 49 -44.13 39.39 -22.22
N TYR E 50 -44.37 38.22 -21.67
CA TYR E 50 -45.51 37.39 -22.06
C TYR E 50 -45.86 36.41 -20.94
N ASP E 51 -47.10 35.93 -20.94
CA ASP E 51 -47.55 34.97 -19.94
C ASP E 51 -46.60 33.79 -19.80
N GLY E 52 -46.16 33.52 -18.58
CA GLY E 52 -45.32 32.38 -18.25
C GLY E 52 -43.85 32.56 -18.58
N ILE E 53 -43.39 33.81 -18.61
CA ILE E 53 -41.98 34.09 -18.92
C ILE E 53 -41.12 33.85 -17.69
N LYS E 54 -40.03 33.10 -17.85
CA LYS E 54 -39.21 32.81 -16.67
C LYS E 54 -38.63 34.12 -16.12
N THR E 55 -38.34 34.10 -14.82
CA THR E 55 -37.77 35.24 -14.12
C THR E 55 -36.41 35.63 -14.66
N SER E 56 -35.58 34.63 -14.97
CA SER E 56 -34.25 34.88 -15.53
C SER E 56 -34.36 35.67 -16.82
N ASP E 57 -35.35 35.32 -17.63
CA ASP E 57 -35.59 36.00 -18.90
C ASP E 57 -36.00 37.45 -18.74
N ILE E 58 -36.69 37.78 -17.65
CA ILE E 58 -37.03 39.18 -17.35
C ILE E 58 -35.75 39.96 -17.08
N HIS E 59 -34.86 39.35 -16.31
CA HIS E 59 -33.58 39.97 -15.98
C HIS E 59 -32.77 40.25 -17.23
N GLU E 60 -32.67 39.25 -18.11
CA GLU E 60 -31.91 39.42 -19.34
C GLU E 60 -32.48 40.54 -20.20
N THR E 61 -33.80 40.58 -20.31
CA THR E 61 -34.50 41.60 -21.10
C THR E 61 -34.23 43.00 -20.62
N ILE E 62 -34.35 43.27 -19.32
CA ILE E 62 -34.06 44.62 -18.82
C ILE E 62 -32.57 44.94 -18.97
N ILE E 63 -31.69 43.96 -18.67
CA ILE E 63 -30.26 44.20 -18.86
C ILE E 63 -29.99 44.68 -20.28
N LYS E 64 -30.42 43.88 -21.26
CA LYS E 64 -30.21 44.22 -22.66
C LYS E 64 -30.80 45.59 -22.99
N ALA E 65 -32.01 45.84 -22.50
CA ALA E 65 -32.69 47.12 -22.72
C ALA E 65 -31.75 48.29 -22.40
N ALA E 66 -31.23 48.22 -21.17
CA ALA E 66 -30.27 49.22 -20.72
C ALA E 66 -29.08 49.25 -21.67
N ALA E 67 -28.47 48.09 -21.85
CA ALA E 67 -27.30 47.95 -22.70
C ALA E 67 -27.46 48.59 -24.08
N ASP E 68 -28.63 48.43 -24.70
CA ASP E 68 -28.89 49.01 -26.01
C ASP E 68 -28.98 50.52 -26.02
N LEU E 69 -29.06 51.18 -24.86
CA LEU E 69 -29.06 52.63 -24.85
C LEU E 69 -27.66 53.22 -24.64
N ILE E 70 -26.63 52.41 -24.37
CA ILE E 70 -25.29 52.96 -24.21
C ILE E 70 -24.93 53.86 -25.41
N SER E 71 -24.39 55.03 -25.11
CA SER E 71 -23.99 55.95 -26.18
C SER E 71 -23.04 57.03 -25.68
N ARG E 72 -22.50 57.83 -26.60
CA ARG E 72 -21.63 58.92 -26.18
C ARG E 72 -22.44 59.94 -25.37
N ASP E 73 -23.66 60.20 -25.83
CA ASP E 73 -24.57 61.14 -25.20
C ASP E 73 -25.10 60.66 -23.86
N ALA E 74 -25.07 59.37 -23.56
CA ALA E 74 -25.52 58.89 -22.26
C ALA E 74 -24.72 57.67 -21.83
N PRO E 75 -23.47 57.90 -21.45
CA PRO E 75 -22.52 56.88 -21.09
C PRO E 75 -22.82 56.21 -19.78
N ASP E 76 -23.67 56.79 -18.94
CA ASP E 76 -24.02 56.19 -17.66
C ASP E 76 -24.92 54.99 -17.77
N TYR E 77 -25.44 54.70 -18.97
CA TYR E 77 -26.21 53.49 -19.22
C TYR E 77 -25.30 52.26 -19.04
N GLN E 78 -24.03 52.46 -19.38
CA GLN E 78 -22.97 51.48 -19.17
C GLN E 78 -23.09 50.96 -17.73
N TYR E 79 -23.21 51.90 -16.79
CA TYR E 79 -23.39 51.53 -15.39
C TYR E 79 -24.81 51.07 -15.09
N LEU E 80 -25.84 51.65 -15.72
CA LEU E 80 -27.19 51.15 -15.44
C LEU E 80 -27.29 49.65 -15.77
N ALA E 81 -26.82 49.31 -16.97
CA ALA E 81 -26.81 47.92 -17.41
C ALA E 81 -25.95 47.07 -16.47
N ALA E 82 -24.75 47.57 -16.20
CA ALA E 82 -23.80 46.89 -15.34
C ALA E 82 -24.38 46.45 -14.00
N ARG E 83 -24.91 47.43 -13.28
CA ARG E 83 -25.49 47.17 -11.95
C ARG E 83 -26.59 46.12 -12.06
N LEU E 84 -27.50 46.31 -13.03
CA LEU E 84 -28.53 45.31 -13.28
C LEU E 84 -27.89 43.94 -13.47
N ALA E 85 -26.88 43.86 -14.34
CA ALA E 85 -26.14 42.62 -14.53
C ALA E 85 -25.59 42.06 -13.21
N ILE E 86 -24.90 42.90 -12.45
CA ILE E 86 -24.32 42.49 -11.17
C ILE E 86 -25.41 41.88 -10.29
N PHE E 87 -26.51 42.62 -10.13
CA PHE E 87 -27.66 42.14 -9.37
C PHE E 87 -28.05 40.71 -9.77
N HIS E 88 -28.29 40.52 -11.08
CA HIS E 88 -28.67 39.21 -11.62
C HIS E 88 -27.63 38.13 -11.30
N LEU E 89 -26.35 38.46 -11.41
CA LEU E 89 -25.29 37.49 -11.12
C LEU E 89 -25.26 37.13 -9.63
N ARG E 90 -25.52 38.12 -8.77
CA ARG E 90 -25.57 37.85 -7.33
C ARG E 90 -26.62 36.80 -7.02
N LYS E 91 -27.84 37.04 -7.51
CA LYS E 91 -28.93 36.10 -7.28
C LYS E 91 -28.60 34.76 -7.92
N LYS E 92 -28.02 34.77 -9.11
CA LYS E 92 -27.58 33.56 -9.78
C LYS E 92 -26.57 32.73 -9.01
N ALA E 93 -25.71 33.32 -8.20
CA ALA E 93 -24.72 32.52 -7.48
C ALA E 93 -25.12 32.23 -6.03
N TYR E 94 -25.69 33.22 -5.37
CA TYR E 94 -25.98 33.13 -3.93
C TYR E 94 -27.45 33.00 -3.61
N GLY E 95 -28.31 33.16 -4.62
CA GLY E 95 -29.75 33.02 -4.47
C GLY E 95 -30.42 34.22 -3.82
N GLN E 96 -29.67 35.32 -3.73
CA GLN E 96 -30.07 36.57 -3.14
C GLN E 96 -29.05 37.63 -3.55
N PHE E 97 -29.34 38.89 -3.28
CA PHE E 97 -28.41 39.95 -3.65
C PHE E 97 -27.15 39.92 -2.77
N GLU E 98 -27.36 39.76 -1.47
CA GLU E 98 -26.28 39.75 -0.51
C GLU E 98 -25.45 38.48 -0.57
N PRO E 99 -24.16 38.66 -0.80
CA PRO E 99 -23.19 37.59 -0.86
C PRO E 99 -23.06 36.98 0.53
N PRO E 100 -22.75 35.70 0.57
CA PRO E 100 -22.51 34.94 1.79
C PRO E 100 -21.22 35.39 2.44
N ALA E 101 -21.00 34.87 3.65
CA ALA E 101 -19.75 35.20 4.36
C ALA E 101 -18.57 34.55 3.64
N LEU E 102 -17.44 35.23 3.55
CA LEU E 102 -16.27 34.70 2.87
C LEU E 102 -15.97 33.26 3.24
N TYR E 103 -15.89 32.97 4.54
CA TYR E 103 -15.56 31.63 4.99
C TYR E 103 -16.51 30.57 4.46
N ASP E 104 -17.81 30.81 4.59
CA ASP E 104 -18.80 29.85 4.09
C ASP E 104 -18.62 29.63 2.60
N HIS E 105 -18.50 30.73 1.84
CA HIS E 105 -18.27 30.66 0.42
C HIS E 105 -17.07 29.78 0.11
N VAL E 106 -15.89 30.10 0.65
CA VAL E 106 -14.71 29.29 0.39
C VAL E 106 -14.92 27.82 0.74
N VAL E 107 -15.48 27.50 1.90
CA VAL E 107 -15.72 26.11 2.27
C VAL E 107 -16.56 25.39 1.22
N LYS E 108 -17.65 26.00 0.78
CA LYS E 108 -18.53 25.40 -0.21
C LYS E 108 -17.81 25.15 -1.52
N MET E 109 -17.06 26.15 -1.99
CA MET E 109 -16.33 26.02 -3.24
C MET E 109 -15.24 24.97 -3.18
N VAL E 110 -14.55 24.83 -2.06
CA VAL E 110 -13.50 23.82 -1.92
C VAL E 110 -14.09 22.43 -1.98
N GLU E 111 -15.26 22.25 -1.39
CA GLU E 111 -15.98 20.98 -1.38
C GLU E 111 -16.47 20.55 -2.75
N MET E 112 -16.77 21.54 -3.60
CA MET E 112 -17.22 21.31 -4.97
C MET E 112 -16.07 21.14 -5.96
N GLY E 113 -14.84 21.31 -5.50
CA GLY E 113 -13.66 21.17 -6.33
C GLY E 113 -13.42 22.38 -7.23
N LYS E 114 -14.00 23.52 -6.88
CA LYS E 114 -13.88 24.70 -7.71
C LYS E 114 -12.78 25.64 -7.23
N TYR E 115 -12.40 25.50 -5.96
CA TYR E 115 -11.33 26.31 -5.39
C TYR E 115 -10.22 25.41 -4.83
N ASP E 116 -8.98 25.89 -4.87
CA ASP E 116 -7.88 25.08 -4.36
C ASP E 116 -8.12 24.75 -2.89
N ASN E 117 -7.70 23.58 -2.43
CA ASN E 117 -7.90 23.22 -1.02
C ASN E 117 -6.85 23.85 -0.11
N HIS E 118 -5.74 24.31 -0.67
CA HIS E 118 -4.68 24.96 0.11
C HIS E 118 -5.21 26.19 0.83
N LEU E 119 -6.15 26.93 0.24
CA LEU E 119 -6.77 28.08 0.87
C LEU E 119 -7.20 27.79 2.31
N LEU E 120 -7.88 26.67 2.54
CA LEU E 120 -8.32 26.30 3.88
C LEU E 120 -7.17 25.86 4.77
N GLU E 121 -6.09 25.32 4.22
CA GLU E 121 -4.95 24.91 5.03
C GLU E 121 -4.10 26.13 5.38
N ASP E 122 -3.97 27.05 4.44
CA ASP E 122 -3.13 28.21 4.56
C ASP E 122 -3.67 29.31 5.47
N TYR E 123 -4.99 29.43 5.58
CA TYR E 123 -5.60 30.46 6.40
C TYR E 123 -6.58 29.85 7.40
N THR E 124 -6.70 30.45 8.57
CA THR E 124 -7.62 29.93 9.58
C THR E 124 -9.00 30.56 9.37
N GLU E 125 -10.02 30.05 10.03
CA GLU E 125 -11.37 30.61 9.92
C GLU E 125 -11.41 32.02 10.49
N GLU E 126 -10.66 32.32 11.54
CA GLU E 126 -10.57 33.67 12.07
C GLU E 126 -9.97 34.62 11.03
N GLU E 127 -8.94 34.17 10.32
CA GLU E 127 -8.31 34.95 9.27
C GLU E 127 -9.25 35.25 8.11
N PHE E 128 -10.11 34.29 7.76
CA PHE E 128 -11.12 34.50 6.73
C PHE E 128 -12.17 35.49 7.22
N LYS E 129 -12.52 35.44 8.51
CA LYS E 129 -13.42 36.43 9.10
C LYS E 129 -12.85 37.83 8.96
N GLN E 130 -11.56 37.97 9.23
CA GLN E 130 -10.86 39.24 9.14
C GLN E 130 -10.82 39.79 7.72
N MET E 131 -10.62 38.88 6.77
CA MET E 131 -10.59 39.22 5.35
C MET E 131 -11.95 39.72 4.89
N ASP E 132 -13.03 39.08 5.36
CA ASP E 132 -14.38 39.50 5.02
C ASP E 132 -14.66 40.95 5.37
N THR E 133 -14.12 41.48 6.45
CA THR E 133 -14.24 42.86 6.84
C THR E 133 -13.52 43.82 5.89
N PHE E 134 -12.60 43.34 5.06
CA PHE E 134 -11.91 44.16 4.08
C PHE E 134 -12.74 44.37 2.81
N ILE E 135 -13.44 43.30 2.44
CA ILE E 135 -14.25 43.27 1.23
C ILE E 135 -15.26 44.40 1.25
N ASP E 136 -15.47 44.98 0.08
CA ASP E 136 -16.54 45.96 -0.12
C ASP E 136 -17.32 45.49 -1.35
N HIS E 137 -18.47 44.86 -1.11
CA HIS E 137 -19.27 44.35 -2.22
C HIS E 137 -19.94 45.45 -3.02
N ASP E 138 -20.07 46.66 -2.49
CA ASP E 138 -20.58 47.80 -3.24
C ASP E 138 -19.63 48.25 -4.34
N ARG E 139 -18.40 47.75 -4.36
CA ARG E 139 -17.47 48.00 -5.44
C ARG E 139 -17.96 47.34 -6.73
N ASP E 140 -18.76 46.26 -6.66
CA ASP E 140 -19.41 45.68 -7.84
C ASP E 140 -20.28 46.68 -8.60
N MET E 141 -20.84 47.69 -7.94
CA MET E 141 -21.61 48.74 -8.56
C MET E 141 -20.79 49.75 -9.34
N THR E 142 -19.47 49.59 -9.45
CA THR E 142 -18.64 50.55 -10.17
C THR E 142 -18.16 50.03 -11.53
N PHE E 143 -18.55 48.81 -11.88
CA PHE E 143 -18.13 48.25 -13.18
C PHE E 143 -18.98 48.82 -14.32
N SER E 144 -18.50 48.73 -15.55
CA SER E 144 -19.31 49.16 -16.70
C SER E 144 -19.89 47.91 -17.36
N TYR E 145 -20.94 48.07 -18.17
CA TYR E 145 -21.57 46.89 -18.78
C TYR E 145 -20.54 46.00 -19.45
N ALA E 146 -19.71 46.58 -20.31
CA ALA E 146 -18.66 45.82 -20.98
C ALA E 146 -17.86 44.97 -20.01
N ALA E 147 -17.37 45.63 -18.96
CA ALA E 147 -16.62 44.97 -17.90
C ALA E 147 -17.34 43.78 -17.29
N VAL E 148 -18.63 43.92 -16.95
CA VAL E 148 -19.36 42.77 -16.37
C VAL E 148 -19.45 41.63 -17.38
N LYS E 149 -19.67 41.95 -18.66
CA LYS E 149 -19.66 40.91 -19.68
C LYS E 149 -18.33 40.16 -19.65
N GLN E 150 -17.19 40.85 -19.61
CA GLN E 150 -15.91 40.11 -19.56
C GLN E 150 -15.83 39.24 -18.31
N LEU E 151 -16.15 39.82 -17.16
CA LEU E 151 -16.12 39.11 -15.88
C LEU E 151 -16.88 37.79 -15.93
N GLU E 152 -18.12 37.88 -16.43
CA GLU E 152 -19.02 36.74 -16.53
C GLU E 152 -18.53 35.77 -17.60
N GLY E 153 -17.93 36.32 -18.65
CA GLY E 153 -17.45 35.52 -19.77
C GLY E 153 -16.19 34.73 -19.54
N LYS E 154 -15.18 35.32 -18.87
CA LYS E 154 -13.93 34.59 -18.72
C LYS E 154 -13.20 34.76 -17.41
N TYR E 155 -13.80 35.30 -16.36
CA TYR E 155 -13.08 35.51 -15.11
C TYR E 155 -13.73 34.76 -13.96
N LEU E 156 -15.03 34.95 -13.74
CA LEU E 156 -15.73 34.33 -12.63
C LEU E 156 -15.77 32.81 -12.68
N VAL E 157 -15.50 32.17 -11.55
CA VAL E 157 -15.55 30.71 -11.50
C VAL E 157 -16.94 30.24 -11.90
N GLN E 158 -17.02 29.30 -12.85
CA GLN E 158 -18.33 28.84 -13.29
C GLN E 158 -18.32 27.45 -13.93
N ASN E 159 -19.51 26.90 -14.13
CA ASN E 159 -19.62 25.59 -14.78
C ASN E 159 -19.92 25.89 -16.25
N ARG E 160 -18.95 25.65 -17.13
CA ARG E 160 -19.10 25.98 -18.54
C ARG E 160 -20.18 25.18 -19.25
N VAL E 161 -20.44 23.96 -18.80
CA VAL E 161 -21.50 23.13 -19.36
C VAL E 161 -22.88 23.61 -18.93
N THR E 162 -23.12 23.69 -17.63
CA THR E 162 -24.43 24.05 -17.12
C THR E 162 -24.74 25.55 -17.12
N GLY E 163 -23.71 26.38 -17.21
CA GLY E 163 -23.88 27.82 -17.24
C GLY E 163 -24.06 28.46 -15.87
N GLU E 164 -23.64 27.75 -14.83
CA GLU E 164 -23.77 28.23 -13.46
C GLU E 164 -22.57 29.08 -13.05
N ILE E 165 -22.84 30.24 -12.46
CA ILE E 165 -21.76 31.10 -11.97
C ILE E 165 -21.68 30.91 -10.45
N TYR E 166 -20.49 30.65 -9.92
CA TYR E 166 -20.38 30.37 -8.51
C TYR E 166 -19.88 31.51 -7.62
N GLU E 167 -19.35 32.58 -8.18
CA GLU E 167 -18.80 33.64 -7.33
C GLU E 167 -19.07 35.03 -7.87
N SER E 168 -18.70 36.05 -7.10
CA SER E 168 -18.81 37.44 -7.54
C SER E 168 -17.45 38.11 -7.50
N ALA E 169 -17.31 39.19 -8.27
CA ALA E 169 -16.08 39.95 -8.38
C ALA E 169 -15.27 40.09 -7.11
N GLN E 170 -15.85 40.65 -6.05
CA GLN E 170 -15.12 40.84 -4.80
C GLN E 170 -14.53 39.60 -4.17
N PHE E 171 -15.11 38.41 -4.33
CA PHE E 171 -14.47 37.20 -3.78
C PHE E 171 -13.27 36.85 -4.66
N LEU E 172 -13.39 37.12 -5.95
CA LEU E 172 -12.27 36.88 -6.87
C LEU E 172 -11.05 37.70 -6.43
N TYR E 173 -11.27 39.00 -6.31
CA TYR E 173 -10.19 39.90 -5.89
C TYR E 173 -9.62 39.51 -4.54
N ILE E 174 -10.43 39.32 -3.50
CA ILE E 174 -9.90 39.00 -2.18
C ILE E 174 -9.09 37.70 -2.21
N LEU E 175 -9.61 36.66 -2.86
CA LEU E 175 -8.91 35.37 -2.89
C LEU E 175 -7.64 35.40 -3.74
N VAL E 176 -7.63 36.20 -4.81
CA VAL E 176 -6.38 36.28 -5.58
C VAL E 176 -5.29 36.76 -4.63
N ALA E 177 -5.62 37.83 -3.89
CA ALA E 177 -4.72 38.42 -2.91
C ALA E 177 -4.31 37.40 -1.86
N ALA E 178 -5.32 36.68 -1.35
CA ALA E 178 -5.10 35.64 -0.36
C ALA E 178 -4.03 34.65 -0.83
N CYS E 179 -4.24 34.15 -2.05
CA CYS E 179 -3.33 33.16 -2.61
C CYS E 179 -1.92 33.70 -2.75
N LEU E 180 -1.77 34.80 -3.50
CA LEU E 180 -0.47 35.38 -3.75
C LEU E 180 0.36 35.72 -2.51
N PHE E 181 -0.25 36.13 -1.41
CA PHE E 181 0.52 36.45 -0.21
C PHE E 181 0.30 35.40 0.88
N SER E 182 -0.01 34.17 0.49
CA SER E 182 -0.24 33.12 1.47
C SER E 182 1.02 32.70 2.21
N ASN E 183 2.20 32.78 1.61
CA ASN E 183 3.44 32.38 2.28
C ASN E 183 4.13 33.50 3.05
N TYR E 184 3.42 34.59 3.34
CA TYR E 184 3.98 35.70 4.08
C TYR E 184 3.85 35.47 5.58
N PRO E 185 4.79 36.01 6.32
CA PRO E 185 4.84 35.88 7.78
C PRO E 185 3.50 36.35 8.32
N ARG E 186 3.00 35.75 9.38
CA ARG E 186 1.69 36.12 9.91
C ARG E 186 1.61 37.55 10.41
N GLU E 187 2.72 38.15 10.83
CA GLU E 187 2.74 39.51 11.30
C GLU E 187 2.35 40.50 10.20
N THR E 188 2.77 40.26 8.96
CA THR E 188 2.43 41.17 7.87
C THR E 188 1.49 40.61 6.80
N ARG E 189 1.23 39.33 6.79
CA ARG E 189 0.39 38.68 5.79
C ARG E 189 -0.91 39.40 5.47
N LEU E 190 -1.85 39.55 6.39
CA LEU E 190 -3.13 40.21 6.13
C LEU E 190 -3.06 41.69 5.79
N GLN E 191 -2.02 42.39 6.26
CA GLN E 191 -1.84 43.80 5.92
C GLN E 191 -1.68 43.91 4.41
N TYR E 192 -0.81 43.05 3.87
CA TYR E 192 -0.54 42.97 2.45
C TYR E 192 -1.77 42.53 1.66
N VAL E 193 -2.46 41.51 2.15
CA VAL E 193 -3.69 41.06 1.52
C VAL E 193 -4.66 42.23 1.38
N LYS E 194 -5.01 42.92 2.47
CA LYS E 194 -5.92 44.05 2.36
C LYS E 194 -5.44 45.11 1.37
N ARG E 195 -4.18 45.53 1.44
CA ARG E 195 -3.66 46.56 0.54
C ARG E 195 -3.75 46.14 -0.93
N PHE E 196 -3.39 44.89 -1.23
CA PHE E 196 -3.47 44.41 -2.62
C PHE E 196 -4.91 44.37 -3.10
N TYR E 197 -5.79 43.87 -2.24
CA TYR E 197 -7.21 43.80 -2.56
C TYR E 197 -7.76 45.19 -2.88
N ASP E 198 -7.47 46.17 -2.04
CA ASP E 198 -7.89 47.55 -2.34
C ASP E 198 -7.35 47.98 -3.70
N ALA E 199 -6.05 47.81 -3.94
CA ALA E 199 -5.44 48.17 -5.21
C ALA E 199 -6.24 47.67 -6.41
N VAL E 200 -6.52 46.36 -6.40
CA VAL E 200 -7.16 45.77 -7.57
C VAL E 200 -8.67 45.98 -7.56
N SER E 201 -9.31 46.04 -6.39
CA SER E 201 -10.76 46.23 -6.37
C SER E 201 -11.14 47.66 -6.74
N THR E 202 -10.24 48.61 -6.56
CA THR E 202 -10.52 50.00 -6.89
C THR E 202 -9.73 50.42 -8.14
N PHE E 203 -9.52 49.43 -9.01
CA PHE E 203 -8.88 49.50 -10.31
C PHE E 203 -7.54 50.19 -10.42
N LYS E 204 -6.71 50.24 -9.37
CA LYS E 204 -5.41 50.91 -9.47
C LYS E 204 -4.39 50.00 -10.16
N ILE E 205 -4.49 48.71 -9.92
CA ILE E 205 -3.61 47.71 -10.53
C ILE E 205 -4.39 46.71 -11.38
N SER E 206 -3.95 46.48 -12.62
CA SER E 206 -4.63 45.54 -13.50
C SER E 206 -3.86 44.23 -13.61
N LEU E 207 -4.53 43.09 -13.50
CA LEU E 207 -3.85 41.81 -13.61
C LEU E 207 -4.29 41.08 -14.87
N PRO E 208 -3.39 40.32 -15.47
CA PRO E 208 -3.62 39.54 -16.67
C PRO E 208 -4.78 38.58 -16.55
N THR E 209 -5.33 38.24 -17.71
CA THR E 209 -6.51 37.36 -17.81
C THR E 209 -6.24 35.99 -17.10
N PRO E 210 -5.10 35.29 -17.33
CA PRO E 210 -4.81 33.99 -16.69
C PRO E 210 -4.85 34.01 -15.17
N ILE E 211 -4.24 35.01 -14.57
CA ILE E 211 -4.21 35.14 -13.10
C ILE E 211 -5.63 35.36 -12.58
N MET E 212 -6.33 36.30 -13.23
CA MET E 212 -7.67 36.69 -12.83
C MET E 212 -8.69 35.56 -12.84
N SER E 213 -8.51 34.56 -13.69
CA SER E 213 -9.44 33.45 -13.74
C SER E 213 -8.93 32.22 -13.00
N GLY E 214 -7.63 32.12 -12.77
CA GLY E 214 -7.09 30.90 -12.18
C GLY E 214 -6.69 30.91 -10.73
N VAL E 215 -5.90 31.90 -10.34
CA VAL E 215 -5.45 31.97 -8.94
C VAL E 215 -6.65 31.90 -7.99
N ARG E 216 -6.69 30.83 -7.21
CA ARG E 216 -7.71 30.51 -6.24
C ARG E 216 -8.34 29.14 -6.59
N THR E 217 -8.20 28.77 -7.87
CA THR E 217 -8.71 27.48 -8.34
C THR E 217 -7.56 26.48 -8.27
N PRO E 218 -7.85 25.20 -8.44
CA PRO E 218 -6.90 24.11 -8.38
C PRO E 218 -5.76 24.13 -9.37
N THR E 219 -5.86 24.83 -10.49
CA THR E 219 -4.80 24.91 -11.48
C THR E 219 -3.55 25.63 -11.00
N ARG E 220 -2.49 25.54 -11.81
CA ARG E 220 -1.21 26.19 -11.52
C ARG E 220 -0.56 26.66 -12.82
N GLN E 221 -1.36 26.71 -13.89
CA GLN E 221 -0.86 27.14 -15.19
C GLN E 221 -1.17 28.61 -15.45
N PHE E 222 -0.20 29.50 -15.22
CA PHE E 222 -0.43 30.94 -15.38
C PHE E 222 0.49 31.63 -16.38
N SER E 223 1.32 30.88 -17.09
CA SER E 223 2.25 31.45 -18.06
C SER E 223 1.58 31.84 -19.37
N SER E 224 1.81 33.07 -19.81
CA SER E 224 1.21 33.60 -21.02
C SER E 224 2.27 33.93 -22.08
N CYS E 225 3.50 34.10 -21.61
CA CYS E 225 4.61 34.40 -22.52
C CYS E 225 5.78 33.45 -22.28
N VAL E 226 6.22 32.91 -23.41
CA VAL E 226 7.39 32.03 -23.48
C VAL E 226 8.16 32.35 -24.76
N LEU E 227 9.44 32.59 -24.55
CA LEU E 227 10.38 32.90 -25.62
C LEU E 227 11.31 31.71 -25.81
N ILE E 228 11.32 31.12 -27.01
CA ILE E 228 12.13 29.96 -27.30
C ILE E 228 13.16 30.27 -28.39
N GLU E 229 14.41 29.90 -28.15
CA GLU E 229 15.46 30.11 -29.16
C GLU E 229 15.84 28.75 -29.74
N CYS E 230 15.91 28.69 -31.06
CA CYS E 230 16.17 27.40 -31.71
C CYS E 230 17.56 27.33 -32.33
N GLY E 231 18.30 26.28 -32.02
CA GLY E 231 19.66 26.16 -32.58
C GLY E 231 19.59 25.62 -34.00
N ASP E 232 20.73 25.52 -34.67
CA ASP E 232 20.83 25.00 -36.03
C ASP E 232 21.10 23.50 -36.04
N SER E 233 20.16 22.71 -35.53
CA SER E 233 20.31 21.27 -35.44
C SER E 233 18.98 20.55 -35.32
N LEU E 234 18.89 19.39 -35.99
CA LEU E 234 17.68 18.59 -35.94
C LEU E 234 17.26 18.33 -34.50
N ASP E 235 18.21 18.04 -33.59
CA ASP E 235 17.85 17.85 -32.19
C ASP E 235 17.21 19.11 -31.59
N SER E 236 17.79 20.27 -31.89
CA SER E 236 17.25 21.53 -31.37
C SER E 236 15.92 21.85 -32.04
N ILE E 237 15.83 21.60 -33.35
CA ILE E 237 14.56 21.81 -34.04
C ILE E 237 13.46 20.95 -33.44
N ASN E 238 13.81 19.72 -33.05
CA ASN E 238 12.81 18.86 -32.42
C ASN E 238 12.46 19.36 -31.02
N ALA E 239 13.48 19.81 -30.29
CA ALA E 239 13.28 20.32 -28.93
C ALA E 239 12.35 21.54 -28.92
N THR E 240 12.69 22.49 -29.78
CA THR E 240 11.87 23.68 -29.95
C THR E 240 10.42 23.28 -30.21
N SER E 241 10.20 22.51 -31.28
CA SER E 241 8.89 22.03 -31.63
C SER E 241 8.17 21.34 -30.47
N SER E 242 8.86 20.48 -29.72
CA SER E 242 8.21 19.81 -28.59
C SER E 242 7.78 20.81 -27.52
N ALA E 243 8.65 21.80 -27.28
CA ALA E 243 8.39 22.85 -26.30
C ALA E 243 7.15 23.67 -26.67
N ILE E 244 7.04 24.05 -27.95
CA ILE E 244 5.87 24.78 -28.40
C ILE E 244 4.59 23.99 -28.18
N VAL E 245 4.57 22.70 -28.49
CA VAL E 245 3.35 21.91 -28.34
C VAL E 245 2.91 21.88 -26.89
N LYS E 246 3.87 21.74 -25.97
CA LYS E 246 3.49 21.71 -24.55
C LYS E 246 2.86 23.04 -24.14
N TYR E 247 3.55 24.13 -24.49
CA TYR E 247 3.09 25.46 -24.14
C TYR E 247 1.83 25.91 -24.84
N VAL E 248 1.59 25.65 -26.12
CA VAL E 248 0.35 26.12 -26.73
C VAL E 248 -0.86 25.35 -26.24
N SER E 249 -0.69 24.18 -25.64
CA SER E 249 -1.81 23.43 -25.08
C SER E 249 -2.30 24.11 -23.80
N GLN E 250 -1.48 24.96 -23.21
CA GLN E 250 -1.75 25.70 -22.01
C GLN E 250 -2.03 27.18 -22.18
N ARG E 251 -2.14 27.69 -23.39
CA ARG E 251 -2.54 29.06 -23.66
C ARG E 251 -1.44 30.11 -23.56
N ALA E 252 -0.19 29.74 -23.83
CA ALA E 252 0.90 30.71 -23.73
C ALA E 252 1.23 31.33 -25.09
N GLY E 253 1.48 32.63 -25.16
CA GLY E 253 1.96 33.25 -26.40
C GLY E 253 3.43 32.83 -26.52
N ILE E 254 3.86 32.57 -27.75
CA ILE E 254 5.21 32.07 -27.96
C ILE E 254 6.06 33.00 -28.82
N GLY E 255 7.31 33.21 -28.45
CA GLY E 255 8.20 34.05 -29.26
C GLY E 255 9.33 33.08 -29.64
N ILE E 256 9.56 32.86 -30.93
CA ILE E 256 10.54 31.89 -31.38
C ILE E 256 11.70 32.52 -32.13
N ASN E 257 12.94 32.23 -31.73
CA ASN E 257 14.06 32.77 -32.51
C ASN E 257 14.55 31.61 -33.37
N ALA E 258 14.34 31.68 -34.68
CA ALA E 258 14.80 30.59 -35.56
C ALA E 258 15.81 31.10 -36.56
N GLY E 259 16.54 32.14 -36.19
CA GLY E 259 17.52 32.78 -37.03
C GLY E 259 18.77 31.97 -37.31
N ARG E 260 19.15 31.04 -36.45
CA ARG E 260 20.34 30.23 -36.66
C ARG E 260 20.14 29.13 -37.71
N ILE E 261 18.92 28.66 -37.94
CA ILE E 261 18.71 27.60 -38.93
C ILE E 261 19.38 27.97 -40.25
N ARG E 262 20.27 27.09 -40.73
CA ARG E 262 21.02 27.34 -41.96
C ARG E 262 20.12 27.43 -43.19
N ALA E 263 20.60 28.14 -44.20
CA ALA E 263 19.84 28.40 -45.41
C ALA E 263 19.69 27.21 -46.35
N LEU E 264 18.72 27.34 -47.26
CA LEU E 264 18.47 26.35 -48.29
C LEU E 264 19.68 26.15 -49.20
N GLY E 265 20.02 24.89 -49.47
CA GLY E 265 21.16 24.61 -50.35
C GLY E 265 22.42 24.31 -49.54
N SER E 266 22.49 24.84 -48.32
CA SER E 266 23.61 24.58 -47.43
C SER E 266 23.83 23.08 -47.34
N PRO E 267 25.08 22.70 -47.13
CA PRO E 267 25.53 21.33 -47.03
C PRO E 267 25.13 20.65 -45.72
N ILE E 268 24.79 19.37 -45.75
CA ILE E 268 24.48 18.65 -44.53
C ILE E 268 25.33 17.38 -44.39
N ARG E 269 26.07 17.33 -43.28
CA ARG E 269 26.93 16.20 -42.92
C ARG E 269 28.25 16.19 -43.67
N GLY E 270 28.42 17.12 -44.60
CA GLY E 270 29.55 17.27 -45.49
C GLY E 270 29.02 17.62 -46.88
N GLY E 271 28.97 16.62 -47.75
CA GLY E 271 28.41 16.79 -49.09
C GLY E 271 27.48 15.63 -49.40
N GLU E 272 27.04 14.99 -48.32
CA GLU E 272 26.15 13.82 -48.43
C GLU E 272 24.70 14.26 -48.40
N ALA E 273 24.45 15.51 -48.03
CA ALA E 273 23.10 16.08 -47.99
C ALA E 273 23.15 17.58 -48.21
N PHE E 274 22.08 18.20 -48.71
CA PHE E 274 22.02 19.63 -48.99
C PHE E 274 20.69 20.18 -48.46
N HIS E 275 20.73 20.91 -47.36
CA HIS E 275 19.61 21.48 -46.64
C HIS E 275 18.35 21.74 -47.45
N THR E 276 17.22 21.60 -46.76
CA THR E 276 15.90 21.76 -47.35
C THR E 276 15.31 23.13 -47.20
N GLY E 277 15.96 23.93 -46.34
CA GLY E 277 15.56 25.30 -46.07
C GLY E 277 14.95 25.49 -44.68
N CYS E 278 14.54 26.71 -44.36
CA CYS E 278 13.92 27.01 -43.09
C CYS E 278 12.40 26.92 -43.18
N ILE E 279 11.91 27.23 -44.39
CA ILE E 279 10.46 27.22 -44.62
C ILE E 279 9.85 25.97 -44.04
N PRO E 280 10.31 24.80 -44.47
CA PRO E 280 9.84 23.52 -43.98
C PRO E 280 9.77 23.47 -42.47
N PHE E 281 10.84 23.88 -41.80
CA PHE E 281 10.85 23.90 -40.33
C PHE E 281 9.88 24.95 -39.81
N TYR E 282 9.87 26.15 -40.43
CA TYR E 282 8.89 27.17 -40.01
C TYR E 282 7.49 26.59 -40.03
N LYS E 283 7.11 25.86 -41.09
CA LYS E 283 5.81 25.21 -41.16
C LYS E 283 5.62 24.20 -40.04
N HIS E 284 6.69 23.56 -39.58
CA HIS E 284 6.59 22.62 -38.46
C HIS E 284 6.32 23.40 -37.17
N PHE E 285 6.94 24.58 -37.04
CA PHE E 285 6.69 25.38 -35.83
C PHE E 285 5.23 25.83 -35.81
N GLN E 286 4.73 26.26 -36.97
CA GLN E 286 3.35 26.71 -37.09
C GLN E 286 2.34 25.66 -36.65
N THR E 287 2.57 24.41 -37.04
CA THR E 287 1.65 23.34 -36.63
C THR E 287 1.78 23.04 -35.14
N ALA E 288 3.00 23.20 -34.61
CA ALA E 288 3.18 23.06 -33.16
C ALA E 288 2.37 24.15 -32.44
N VAL E 289 2.48 25.40 -32.91
CA VAL E 289 1.78 26.52 -32.31
C VAL E 289 0.26 26.33 -32.32
N LYS E 290 -0.25 25.82 -33.44
CA LYS E 290 -1.68 25.59 -33.61
C LYS E 290 -2.17 24.21 -33.21
N SER E 291 -1.30 23.42 -32.58
CA SER E 291 -1.59 22.08 -32.13
C SER E 291 -2.75 21.98 -31.16
N ALA E 292 -3.06 22.98 -30.35
CA ALA E 292 -4.19 22.94 -29.43
C ALA E 292 -5.17 24.08 -29.78
N SER E 293 -5.66 24.03 -31.01
CA SER E 293 -6.58 25.02 -31.56
C SER E 293 -7.82 24.43 -32.23
N GLN E 294 -9.02 24.99 -32.06
CA GLN E 294 -10.22 24.47 -32.68
C GLN E 294 -10.18 24.53 -34.20
N GLY E 295 -9.91 23.39 -34.83
CA GLY E 295 -9.82 23.34 -36.30
C GLY E 295 -8.35 23.40 -36.73
N GLY E 296 -7.64 24.41 -36.25
CA GLY E 296 -6.24 24.62 -36.56
C GLY E 296 -5.90 26.06 -36.92
N VAL E 297 -6.63 27.01 -36.35
CA VAL E 297 -6.45 28.43 -36.64
C VAL E 297 -6.53 29.29 -35.39
N ARG E 298 -7.50 28.94 -34.57
CA ARG E 298 -7.90 29.62 -33.36
C ARG E 298 -7.02 29.47 -32.12
N GLY E 299 -6.52 30.61 -31.64
CA GLY E 299 -5.71 30.61 -30.42
C GLY E 299 -4.32 30.04 -30.69
N GLY E 300 -3.44 30.15 -29.69
CA GLY E 300 -2.06 29.69 -29.85
C GLY E 300 -1.39 30.60 -30.88
N ALA E 301 -0.68 31.61 -30.41
CA ALA E 301 -0.07 32.56 -31.34
C ALA E 301 1.45 32.58 -31.14
N ALA E 302 2.13 33.02 -32.19
CA ALA E 302 3.59 33.06 -32.11
C ALA E 302 4.24 34.07 -33.06
N THR E 303 5.40 34.60 -32.66
CA THR E 303 6.13 35.53 -33.51
C THR E 303 7.53 34.95 -33.68
N LEU E 304 7.94 34.79 -34.92
CA LEU E 304 9.22 34.17 -35.25
C LEU E 304 10.26 35.19 -35.72
N PHE E 305 11.44 35.20 -35.10
CA PHE E 305 12.44 36.20 -35.42
C PHE E 305 13.54 35.71 -36.34
N TYR E 306 14.12 36.60 -37.14
CA TYR E 306 15.27 36.26 -37.96
C TYR E 306 16.02 37.52 -38.36
N PRO E 307 17.32 37.39 -38.55
CA PRO E 307 18.20 38.48 -38.93
C PRO E 307 17.81 38.96 -40.31
N MET E 308 18.09 40.22 -40.62
CA MET E 308 17.80 40.78 -41.93
C MET E 308 18.80 40.31 -42.99
N TRP E 309 19.99 39.85 -42.59
CA TRP E 309 20.98 39.41 -43.56
C TRP E 309 20.93 37.92 -43.87
N HIS E 310 20.00 37.18 -43.28
CA HIS E 310 19.89 35.75 -43.59
C HIS E 310 19.83 35.58 -45.10
N LEU E 311 20.39 34.49 -45.60
CA LEU E 311 20.38 34.22 -47.04
C LEU E 311 19.00 34.01 -47.63
N GLU E 312 18.03 33.54 -46.86
CA GLU E 312 16.67 33.36 -47.31
C GLU E 312 15.73 34.49 -46.92
N VAL E 313 16.25 35.67 -46.58
CA VAL E 313 15.40 36.78 -46.16
C VAL E 313 14.31 37.18 -47.12
N GLU E 314 14.57 37.18 -48.43
CA GLU E 314 13.54 37.55 -49.39
C GLU E 314 12.37 36.58 -49.41
N SER E 315 12.58 35.30 -49.10
CA SER E 315 11.53 34.31 -49.06
C SER E 315 10.83 34.33 -47.72
N LEU E 316 11.61 34.71 -46.71
CA LEU E 316 11.05 34.82 -45.36
C LEU E 316 10.12 36.01 -45.25
N LEU E 317 10.51 37.15 -45.82
CA LEU E 317 9.75 38.39 -45.80
C LEU E 317 8.34 38.30 -46.35
N VAL E 318 8.08 37.40 -47.30
CA VAL E 318 6.76 37.26 -47.90
C VAL E 318 6.01 36.02 -47.46
N LEU E 319 6.38 35.46 -46.31
CA LEU E 319 5.67 34.27 -45.85
C LEU E 319 4.20 34.52 -45.54
N LYS E 320 3.73 35.69 -45.11
CA LYS E 320 2.30 35.79 -44.85
C LYS E 320 1.58 36.41 -46.04
N ASN E 321 2.32 36.72 -47.10
CA ASN E 321 1.69 37.27 -48.30
C ASN E 321 0.53 36.35 -48.66
N ASN E 322 -0.66 36.90 -48.87
CA ASN E 322 -1.83 36.09 -49.17
C ASN E 322 -1.97 35.66 -50.62
N ARG E 323 -0.93 35.78 -51.42
CA ARG E 323 -0.89 35.41 -52.83
C ARG E 323 0.34 34.56 -53.14
N GLY E 324 0.21 33.24 -53.26
CA GLY E 324 1.35 32.38 -53.58
C GLY E 324 1.16 30.87 -53.48
N VAL E 325 2.12 30.07 -53.96
CA VAL E 325 2.01 28.61 -53.89
C VAL E 325 2.07 28.15 -52.44
N GLU E 326 1.22 27.21 -52.05
CA GLU E 326 1.15 26.70 -50.69
C GLU E 326 2.46 26.22 -50.13
N GLY E 327 3.35 25.62 -50.90
CA GLY E 327 4.63 25.14 -50.43
C GLY E 327 5.67 26.18 -50.09
N ASN E 328 5.37 27.45 -50.31
CA ASN E 328 6.29 28.54 -50.00
C ASN E 328 5.62 29.59 -49.12
N ARG E 329 4.55 29.20 -48.43
CA ARG E 329 3.82 30.14 -47.58
C ARG E 329 3.53 29.56 -46.20
N VAL E 330 3.91 30.32 -45.18
CA VAL E 330 3.60 30.02 -43.79
C VAL E 330 2.79 31.20 -43.25
N ARG E 331 1.53 31.29 -43.65
CA ARG E 331 0.65 32.40 -43.35
C ARG E 331 0.19 32.58 -41.92
N HIS E 332 0.08 31.55 -41.08
CA HIS E 332 -0.53 31.71 -39.77
C HIS E 332 0.44 31.90 -38.62
N MET E 333 1.46 32.71 -38.85
CA MET E 333 2.46 33.08 -37.84
C MET E 333 2.94 34.49 -38.17
N ASP E 334 3.15 35.34 -37.19
CA ASP E 334 3.65 36.69 -37.51
C ASP E 334 5.17 36.64 -37.50
N TYR E 335 5.87 37.56 -38.13
CA TYR E 335 7.34 37.52 -38.16
C TYR E 335 7.94 38.83 -37.64
N GLY E 336 9.14 38.74 -37.09
CA GLY E 336 9.82 39.93 -36.60
C GLY E 336 11.20 40.01 -37.25
N VAL E 337 11.41 41.00 -38.10
CA VAL E 337 12.71 41.16 -38.76
C VAL E 337 13.67 41.88 -37.82
N GLN E 338 14.89 41.39 -37.71
CA GLN E 338 15.88 41.98 -36.82
C GLN E 338 16.91 42.84 -37.55
N ILE E 339 16.90 44.13 -37.21
CA ILE E 339 17.82 45.10 -37.81
C ILE E 339 18.73 45.77 -36.79
N ASN E 340 19.86 46.28 -37.28
CA ASN E 340 20.81 47.01 -36.44
C ASN E 340 21.31 48.24 -37.21
N LYS E 341 22.10 49.10 -36.57
CA LYS E 341 22.56 50.32 -37.21
C LYS E 341 23.20 50.15 -38.57
N LEU E 342 24.08 49.17 -38.74
CA LEU E 342 24.76 48.98 -40.03
C LEU E 342 23.76 48.86 -41.17
N MET E 343 22.73 48.03 -40.99
CA MET E 343 21.71 47.85 -42.01
C MET E 343 21.05 49.18 -42.37
N TYR E 344 20.65 49.97 -41.38
CA TYR E 344 20.08 51.29 -41.67
C TYR E 344 21.07 52.17 -42.42
N THR E 345 22.34 52.20 -42.03
CA THR E 345 23.31 53.03 -42.73
C THR E 345 23.46 52.69 -44.21
N ARG E 346 23.42 51.39 -44.55
CA ARG E 346 23.47 50.99 -45.95
C ARG E 346 22.29 51.60 -46.72
N LEU E 347 21.11 51.60 -46.11
CA LEU E 347 19.95 52.23 -46.72
C LEU E 347 20.21 53.71 -46.97
N LEU E 348 20.62 54.46 -45.96
CA LEU E 348 20.82 55.90 -46.09
C LEU E 348 21.83 56.22 -47.17
N LYS E 349 22.93 55.47 -47.25
CA LYS E 349 23.95 55.70 -48.26
C LYS E 349 23.62 55.13 -49.62
N GLY E 350 22.55 54.35 -49.75
CA GLY E 350 22.15 53.77 -51.02
C GLY E 350 23.09 52.67 -51.50
N GLU E 351 23.66 51.94 -50.54
CA GLU E 351 24.58 50.86 -50.81
C GLU E 351 23.85 49.52 -50.81
N ASP E 352 24.61 48.43 -50.87
CA ASP E 352 24.01 47.10 -50.88
C ASP E 352 24.08 46.49 -49.48
N ILE E 353 23.29 45.43 -49.30
CA ILE E 353 23.32 44.66 -48.08
C ILE E 353 23.74 43.23 -48.47
N THR E 354 24.69 42.65 -47.75
CA THR E 354 25.12 41.31 -48.12
C THR E 354 24.41 40.25 -47.30
N LEU E 355 23.88 39.24 -47.99
CA LEU E 355 23.15 38.18 -47.29
C LEU E 355 24.02 36.95 -47.07
N PHE E 356 24.07 36.45 -45.84
CA PHE E 356 24.84 35.27 -45.51
C PHE E 356 24.03 34.20 -44.75
N SER E 357 24.47 32.96 -44.87
CA SER E 357 23.84 31.92 -44.04
C SER E 357 24.65 31.91 -42.75
N PRO E 358 23.96 31.91 -41.63
CA PRO E 358 24.56 31.93 -40.31
C PRO E 358 25.64 30.87 -40.11
N SER E 359 25.49 29.67 -40.65
CA SER E 359 26.47 28.62 -40.53
C SER E 359 27.81 28.93 -41.19
N ASP E 360 27.82 29.80 -42.20
CA ASP E 360 29.04 30.10 -42.93
C ASP E 360 29.82 31.30 -42.44
N VAL E 361 29.37 32.00 -41.41
CA VAL E 361 30.11 33.18 -40.96
C VAL E 361 30.36 33.17 -39.45
N PRO E 362 31.45 32.53 -39.06
CA PRO E 362 31.83 32.35 -37.67
C PRO E 362 31.82 33.67 -36.91
N GLY E 363 31.14 33.69 -35.77
CA GLY E 363 31.06 34.84 -34.90
C GLY E 363 30.08 35.94 -35.24
N LEU E 364 29.64 36.06 -36.48
CA LEU E 364 28.73 37.09 -36.92
C LEU E 364 27.40 37.15 -36.18
N TYR E 365 26.64 36.06 -36.14
CA TYR E 365 25.35 36.05 -35.45
C TYR E 365 25.45 36.60 -34.04
N ASP E 366 26.31 36.04 -33.18
CA ASP E 366 26.45 36.53 -31.81
C ASP E 366 26.79 38.01 -31.81
N ALA E 367 27.77 38.45 -32.59
CA ALA E 367 28.17 39.84 -32.67
C ALA E 367 27.00 40.78 -32.95
N PHE E 368 26.10 40.38 -33.84
CA PHE E 368 24.89 41.11 -34.17
C PHE E 368 24.12 41.59 -32.95
N PHE E 369 24.00 40.79 -31.90
CA PHE E 369 23.31 41.21 -30.69
C PHE E 369 24.24 41.84 -29.65
N ALA E 370 25.40 41.25 -29.41
CA ALA E 370 26.23 41.68 -28.30
C ALA E 370 27.37 42.64 -28.56
N ASP E 371 27.77 42.88 -29.80
CA ASP E 371 28.88 43.81 -30.04
C ASP E 371 28.81 44.39 -31.44
N GLN E 372 28.34 45.63 -31.59
CA GLN E 372 28.19 46.22 -32.92
C GLN E 372 29.53 46.52 -33.56
N GLU E 373 30.56 46.81 -32.77
CA GLU E 373 31.89 47.07 -33.34
C GLU E 373 32.36 45.78 -34.00
N GLU E 374 32.31 44.70 -33.21
CA GLU E 374 32.72 43.39 -33.72
C GLU E 374 31.88 42.96 -34.92
N PHE E 375 30.58 43.22 -34.90
CA PHE E 375 29.72 42.89 -36.02
C PHE E 375 30.19 43.58 -37.30
N GLU E 376 30.45 44.89 -37.22
CA GLU E 376 30.95 45.60 -38.40
C GLU E 376 32.27 45.04 -38.89
N ARG E 377 33.18 44.74 -37.95
CA ARG E 377 34.46 44.16 -38.30
C ARG E 377 34.26 42.88 -39.11
N LEU E 378 33.61 41.92 -38.48
CA LEU E 378 33.34 40.64 -39.11
C LEU E 378 32.57 40.78 -40.42
N TYR E 379 31.48 41.55 -40.41
CA TYR E 379 30.66 41.76 -41.58
C TYR E 379 31.44 42.26 -42.79
N THR E 380 32.28 43.27 -42.63
CA THR E 380 33.05 43.76 -43.78
C THR E 380 34.08 42.72 -44.21
N LYS E 381 34.73 42.08 -43.22
CA LYS E 381 35.66 41.01 -43.54
C LYS E 381 35.01 40.00 -44.48
N TYR E 382 33.96 39.33 -44.00
CA TYR E 382 33.25 38.33 -44.76
C TYR E 382 32.65 38.78 -46.08
N GLU E 383 32.36 40.07 -46.27
CA GLU E 383 31.90 40.55 -47.56
C GLU E 383 32.98 40.37 -48.63
N LYS E 384 34.23 40.65 -48.26
CA LYS E 384 35.35 40.51 -49.18
C LYS E 384 35.87 39.08 -49.30
N ASP E 385 35.71 38.27 -48.26
CA ASP E 385 36.15 36.88 -48.31
C ASP E 385 35.41 36.14 -49.43
N ASP E 386 36.13 35.74 -50.47
CA ASP E 386 35.55 35.05 -51.61
C ASP E 386 35.15 33.60 -51.37
N SER E 387 35.64 32.96 -50.31
CA SER E 387 35.29 31.57 -50.01
C SER E 387 33.91 31.42 -49.40
N ILE E 388 33.36 32.50 -48.85
CA ILE E 388 32.04 32.48 -48.23
C ILE E 388 30.91 32.66 -49.23
N ARG E 389 29.91 31.79 -49.13
CA ARG E 389 28.74 31.88 -50.01
C ARG E 389 27.93 33.12 -49.61
N LYS E 390 27.64 34.00 -50.55
CA LYS E 390 26.88 35.20 -50.20
C LYS E 390 25.99 35.66 -51.35
N GLN E 391 25.22 36.72 -51.08
CA GLN E 391 24.37 37.34 -52.09
C GLN E 391 24.24 38.83 -51.78
N ARG E 392 24.27 39.68 -52.80
CA ARG E 392 24.18 41.11 -52.58
C ARG E 392 22.81 41.62 -53.04
N VAL E 393 22.18 42.48 -52.25
CA VAL E 393 20.93 43.10 -52.65
C VAL E 393 20.97 44.60 -52.32
N LYS E 394 20.23 45.36 -53.12
CA LYS E 394 20.16 46.81 -52.92
C LYS E 394 19.37 47.10 -51.66
N ALA E 395 19.97 47.78 -50.69
CA ALA E 395 19.32 48.11 -49.43
C ALA E 395 17.94 48.74 -49.58
N VAL E 396 17.73 49.63 -50.54
CA VAL E 396 16.43 50.20 -50.82
C VAL E 396 15.42 49.11 -51.21
N GLU E 397 15.86 48.15 -52.01
CA GLU E 397 15.00 47.06 -52.45
C GLU E 397 14.56 46.21 -51.26
N LEU E 398 15.53 45.79 -50.45
CA LEU E 398 15.23 44.97 -49.29
C LEU E 398 14.33 45.69 -48.29
N PHE E 399 14.64 46.95 -48.00
CA PHE E 399 13.79 47.71 -47.08
C PHE E 399 12.39 47.87 -47.63
N SER E 400 12.24 48.16 -48.93
CA SER E 400 10.90 48.33 -49.49
C SER E 400 10.18 46.99 -49.57
N LEU E 401 10.91 45.92 -49.94
CA LEU E 401 10.24 44.61 -50.01
C LEU E 401 9.64 44.33 -48.62
N MET E 402 10.50 44.52 -47.61
CA MET E 402 10.06 44.33 -46.22
C MET E 402 8.92 45.28 -45.87
N MET E 403 9.05 46.57 -46.15
CA MET E 403 7.98 47.51 -45.79
C MET E 403 6.71 47.25 -46.58
N GLN E 404 6.80 46.88 -47.85
CA GLN E 404 5.62 46.57 -48.65
C GLN E 404 4.83 45.46 -47.97
N GLU E 405 5.55 44.39 -47.60
CA GLU E 405 4.96 43.25 -46.89
C GLU E 405 4.40 43.61 -45.53
N ARG E 406 5.07 44.53 -44.82
CA ARG E 406 4.58 45.00 -43.53
C ARG E 406 3.32 45.83 -43.75
N ALA E 407 3.33 46.67 -44.79
CA ALA E 407 2.17 47.48 -45.09
C ALA E 407 0.95 46.65 -45.45
N SER E 408 1.10 45.73 -46.40
CA SER E 408 -0.01 44.91 -46.85
C SER E 408 -0.55 43.91 -45.85
N THR E 409 0.29 43.32 -44.99
CA THR E 409 -0.27 42.34 -44.05
C THR E 409 -0.53 42.97 -42.68
N GLY E 410 0.33 43.92 -42.31
CA GLY E 410 0.22 44.60 -41.02
C GLY E 410 1.00 43.87 -39.96
N ARG E 411 1.49 42.67 -40.25
CA ARG E 411 2.13 41.80 -39.28
C ARG E 411 3.58 41.46 -39.56
N ILE E 412 4.33 42.33 -40.22
CA ILE E 412 5.76 42.06 -40.42
C ILE E 412 6.48 43.06 -39.51
N TYR E 413 6.93 42.58 -38.36
CA TYR E 413 7.49 43.44 -37.34
C TYR E 413 8.99 43.66 -37.45
N ILE E 414 9.46 44.71 -36.80
CA ILE E 414 10.88 45.07 -36.79
C ILE E 414 11.42 44.95 -35.37
N GLN E 415 12.68 44.57 -35.26
CA GLN E 415 13.37 44.54 -33.97
C GLN E 415 14.80 45.08 -34.14
N ASN E 416 15.05 46.22 -33.47
CA ASN E 416 16.37 46.84 -33.52
C ASN E 416 17.26 46.18 -32.48
N VAL E 417 18.11 45.25 -32.93
CA VAL E 417 18.84 44.40 -32.00
C VAL E 417 19.88 45.20 -31.23
N ASP E 418 20.54 46.16 -31.90
CA ASP E 418 21.53 46.97 -31.20
C ASP E 418 20.90 47.71 -30.03
N HIS E 419 19.81 48.44 -30.27
CA HIS E 419 19.09 49.10 -29.20
C HIS E 419 18.68 48.13 -28.09
N CYS E 420 18.26 46.91 -28.41
CA CYS E 420 17.90 45.94 -27.38
C CYS E 420 19.08 45.49 -26.53
N ASN E 421 20.32 45.68 -26.95
CA ASN E 421 21.42 45.26 -26.09
C ASN E 421 22.25 46.42 -25.58
N THR E 422 22.26 47.58 -26.21
CA THR E 422 23.08 48.69 -25.72
C THR E 422 22.34 49.44 -24.61
N HIS E 423 21.02 49.30 -24.64
CA HIS E 423 20.18 49.94 -23.61
C HIS E 423 19.28 48.87 -23.00
N SER E 424 19.83 48.07 -22.09
CA SER E 424 19.06 47.01 -21.44
C SER E 424 19.59 46.64 -20.06
N PRO E 425 18.81 45.86 -19.36
CA PRO E 425 19.12 45.35 -18.03
C PRO E 425 20.10 44.20 -18.02
N PHE E 426 20.50 43.69 -19.18
CA PHE E 426 21.42 42.58 -19.27
C PHE E 426 22.76 42.94 -19.90
N ASP E 427 23.79 42.22 -19.47
CA ASP E 427 25.13 42.37 -20.03
C ASP E 427 25.18 41.49 -21.26
N PRO E 428 25.31 42.06 -22.43
CA PRO E 428 25.35 41.37 -23.71
C PRO E 428 26.43 40.32 -23.83
N ALA E 429 27.55 40.45 -23.15
CA ALA E 429 28.59 39.45 -23.14
C ALA E 429 28.13 38.14 -22.49
N ILE E 430 27.34 38.23 -21.43
CA ILE E 430 26.87 37.06 -20.70
C ILE E 430 25.45 36.62 -21.08
N ALA E 431 24.53 37.57 -21.23
CA ALA E 431 23.15 37.22 -21.52
C ALA E 431 22.49 38.25 -22.43
N PRO E 432 22.84 38.19 -23.70
CA PRO E 432 22.33 39.05 -24.74
C PRO E 432 20.84 38.86 -24.98
N VAL E 433 20.18 39.84 -25.58
CA VAL E 433 18.75 39.71 -25.90
C VAL E 433 18.69 39.51 -27.41
N ARG E 434 18.19 38.35 -27.85
CA ARG E 434 18.25 37.96 -29.25
C ARG E 434 16.92 37.82 -29.95
N GLN E 435 15.82 38.18 -29.31
CA GLN E 435 14.49 38.04 -29.89
C GLN E 435 13.44 38.74 -29.03
N SER E 436 12.19 38.71 -29.44
CA SER E 436 11.13 39.27 -28.59
C SER E 436 10.02 38.20 -28.46
N ASN E 437 8.80 38.62 -28.10
CA ASN E 437 7.66 37.67 -27.95
C ASN E 437 6.64 37.88 -29.06
N LEU E 438 5.47 37.36 -28.79
CA LEU E 438 4.34 37.43 -29.72
C LEU E 438 4.01 38.90 -30.06
N CYS E 439 3.86 39.71 -29.02
CA CYS E 439 3.43 41.11 -29.22
C CYS E 439 4.56 42.12 -29.21
N LEU E 440 5.80 41.64 -29.33
CA LEU E 440 6.96 42.50 -29.41
C LEU E 440 7.23 43.43 -28.25
N GLU E 441 6.88 43.07 -27.02
CA GLU E 441 7.18 43.95 -25.88
C GLU E 441 8.12 43.31 -24.88
N ILE E 442 8.26 41.98 -24.90
CA ILE E 442 9.19 41.29 -24.00
C ILE E 442 10.57 41.17 -24.64
N ALA E 443 11.61 41.28 -23.84
CA ALA E 443 12.97 41.13 -24.40
C ALA E 443 13.86 40.58 -23.27
N LEU E 444 13.99 39.26 -23.30
CA LEU E 444 14.71 38.47 -22.31
C LEU E 444 15.70 37.55 -23.00
N PRO E 445 16.74 37.17 -22.28
CA PRO E 445 17.79 36.30 -22.78
C PRO E 445 17.31 34.86 -22.91
N THR E 446 17.83 34.10 -23.86
CA THR E 446 17.44 32.73 -24.15
C THR E 446 18.61 31.85 -24.62
N LYS E 447 18.48 30.54 -24.39
CA LYS E 447 19.49 29.57 -24.80
C LYS E 447 18.79 28.37 -25.45
N PRO E 448 19.29 27.93 -26.59
CA PRO E 448 18.73 26.82 -27.35
C PRO E 448 18.78 25.51 -26.58
N LEU E 449 17.80 24.65 -26.82
CA LEU E 449 17.78 23.33 -26.19
C LEU E 449 18.34 22.29 -27.17
N ASN E 450 18.77 21.16 -26.66
CA ASN E 450 19.18 20.03 -27.48
C ASN E 450 18.19 18.90 -27.29
N ASP E 451 17.27 19.09 -26.37
CA ASP E 451 16.26 18.07 -26.05
C ASP E 451 15.15 18.74 -25.26
N VAL E 452 13.92 18.23 -25.26
CA VAL E 452 12.86 18.88 -24.49
C VAL E 452 13.30 19.09 -23.04
N ASN E 453 13.86 18.07 -22.39
CA ASN E 453 14.24 18.18 -20.99
C ASN E 453 15.67 18.64 -20.75
N ASP E 454 16.34 19.15 -21.77
CA ASP E 454 17.70 19.66 -21.62
C ASP E 454 17.71 20.68 -20.49
N GLU E 455 18.55 20.47 -19.48
CA GLU E 455 18.61 21.39 -18.35
C GLU E 455 19.58 22.53 -18.54
N ASN E 456 20.33 22.55 -19.62
CA ASN E 456 21.29 23.60 -19.91
C ASN E 456 20.70 24.65 -20.86
N GLY E 457 19.45 24.47 -21.26
CA GLY E 457 18.81 25.41 -22.16
C GLY E 457 18.09 26.48 -21.34
N GLU E 458 17.57 27.51 -22.01
CA GLU E 458 16.84 28.54 -21.30
C GLU E 458 15.68 29.09 -22.12
N ILE E 459 14.49 28.96 -21.55
CA ILE E 459 13.27 29.47 -22.19
C ILE E 459 12.74 30.64 -21.35
N ALA E 460 12.66 31.82 -21.97
CA ALA E 460 12.20 33.00 -21.25
C ALA E 460 10.69 32.95 -21.03
N LEU E 461 10.28 33.38 -19.84
CA LEU E 461 8.88 33.51 -19.47
C LEU E 461 8.69 34.90 -18.86
N CYS E 462 7.50 35.48 -18.94
CA CYS E 462 7.31 36.79 -18.31
C CYS E 462 5.94 36.94 -17.68
N THR E 463 5.96 37.39 -16.43
CA THR E 463 4.69 37.61 -15.72
C THR E 463 4.31 39.08 -15.86
N LEU E 464 3.07 39.33 -16.28
CA LEU E 464 2.64 40.70 -16.52
C LEU E 464 1.55 41.23 -15.61
N SER E 465 1.33 42.53 -15.70
CA SER E 465 0.33 43.29 -14.96
C SER E 465 0.46 44.77 -15.39
N ALA E 466 -0.40 45.61 -14.82
CA ALA E 466 -0.28 47.02 -15.23
C ALA E 466 -0.91 47.98 -14.23
N PHE E 467 -0.40 49.22 -14.30
CA PHE E 467 -0.91 50.30 -13.47
C PHE E 467 -1.97 51.07 -14.25
N ASN E 468 -3.10 51.34 -13.61
CA ASN E 468 -4.13 52.14 -14.25
C ASN E 468 -3.81 53.62 -14.03
N LEU E 469 -3.26 54.34 -15.00
CA LEU E 469 -2.97 55.75 -14.80
C LEU E 469 -4.20 56.62 -14.59
N GLY E 470 -5.43 56.19 -14.85
CA GLY E 470 -6.60 57.02 -14.64
C GLY E 470 -7.17 56.87 -13.23
N ALA E 471 -6.57 56.01 -12.42
CA ALA E 471 -7.08 55.75 -11.08
C ALA E 471 -6.17 56.28 -9.97
N ILE E 472 -5.11 56.99 -10.34
CA ILE E 472 -4.24 57.56 -9.30
C ILE E 472 -4.36 59.08 -9.28
N ASN E 473 -4.31 59.69 -8.09
CA ASN E 473 -4.41 61.15 -8.04
C ASN E 473 -3.05 61.78 -8.32
N ASN E 474 -2.03 61.30 -7.63
CA ASN E 474 -0.69 61.86 -7.85
C ASN E 474 0.28 60.70 -8.06
N LEU E 475 1.42 60.96 -8.67
CA LEU E 475 2.42 59.95 -8.97
C LEU E 475 3.07 59.28 -7.78
N ASP E 476 3.01 59.81 -6.57
CA ASP E 476 3.56 59.16 -5.39
C ASP E 476 2.68 58.05 -4.85
N GLU E 477 1.54 57.81 -5.49
CA GLU E 477 0.64 56.71 -5.18
C GLU E 477 1.26 55.42 -5.71
N LEU E 478 2.15 55.57 -6.70
CA LEU E 478 2.86 54.47 -7.32
C LEU E 478 3.85 53.74 -6.41
N GLU E 479 4.34 54.37 -5.35
CA GLU E 479 5.15 53.67 -4.36
C GLU E 479 4.39 52.50 -3.77
N GLU E 480 3.20 52.69 -3.21
CA GLU E 480 2.42 51.60 -2.62
C GLU E 480 2.10 50.55 -3.68
N LEU E 481 1.63 51.06 -4.83
CA LEU E 481 1.21 50.22 -5.94
C LEU E 481 2.34 49.36 -6.47
N ALA E 482 3.55 49.91 -6.60
CA ALA E 482 4.67 49.11 -7.07
C ALA E 482 5.00 48.02 -6.04
N ILE E 483 5.01 48.33 -4.75
CA ILE E 483 5.22 47.30 -3.74
C ILE E 483 4.26 46.12 -3.95
N LEU E 484 2.97 46.43 -3.94
CA LEU E 484 1.96 45.39 -4.12
C LEU E 484 2.12 44.61 -5.43
N ALA E 485 2.32 45.31 -6.54
CA ALA E 485 2.47 44.65 -7.83
C ALA E 485 3.70 43.72 -7.87
N VAL E 486 4.87 44.21 -7.48
CA VAL E 486 6.06 43.36 -7.48
C VAL E 486 5.91 42.20 -6.51
N ARG E 487 5.53 42.44 -5.26
CA ARG E 487 5.42 41.33 -4.30
C ARG E 487 4.46 40.25 -4.74
N ALA E 488 3.29 40.63 -5.24
CA ALA E 488 2.31 39.63 -5.68
C ALA E 488 2.79 38.81 -6.87
N LEU E 489 3.41 39.45 -7.87
CA LEU E 489 3.87 38.71 -9.04
C LEU E 489 5.10 37.85 -8.72
N ASP E 490 5.99 38.29 -7.82
CA ASP E 490 7.13 37.47 -7.44
C ASP E 490 6.65 36.22 -6.73
N ALA E 491 5.59 36.33 -5.94
CA ALA E 491 5.04 35.17 -5.23
C ALA E 491 4.51 34.16 -6.24
N LEU E 492 3.85 34.70 -7.27
CA LEU E 492 3.33 33.88 -8.36
C LEU E 492 4.40 33.05 -9.04
N LEU E 493 5.62 33.54 -9.25
CA LEU E 493 6.67 32.77 -9.88
C LEU E 493 6.96 31.49 -9.10
N ASP E 494 6.82 31.44 -7.78
CA ASP E 494 7.00 30.22 -7.03
C ASP E 494 5.73 29.39 -6.94
N TYR E 495 4.59 29.98 -7.26
CA TYR E 495 3.31 29.29 -7.14
C TYR E 495 3.00 28.40 -8.33
N GLN E 496 3.28 28.87 -9.54
CA GLN E 496 2.93 28.20 -10.79
C GLN E 496 3.83 27.03 -11.17
N ASP E 497 3.33 26.23 -12.13
CA ASP E 497 4.05 25.05 -12.59
C ASP E 497 4.86 25.29 -13.86
N TYR E 498 5.94 24.53 -14.01
CA TYR E 498 6.83 24.62 -15.17
C TYR E 498 6.97 23.27 -15.87
N PRO E 499 6.32 23.14 -17.02
CA PRO E 499 6.28 21.91 -17.79
C PRO E 499 7.60 21.53 -18.43
N ILE E 500 8.50 22.48 -18.65
CA ILE E 500 9.80 22.22 -19.27
C ILE E 500 10.93 22.75 -18.42
N PRO E 501 11.87 21.90 -18.04
CA PRO E 501 13.05 22.24 -17.26
C PRO E 501 13.64 23.60 -17.61
N ALA E 502 13.95 23.83 -18.89
CA ALA E 502 14.56 25.07 -19.34
C ALA E 502 13.77 26.32 -18.98
N ALA E 503 12.44 26.22 -18.95
CA ALA E 503 11.61 27.38 -18.60
C ALA E 503 11.71 27.65 -17.10
N LYS E 504 11.67 26.63 -16.24
CA LYS E 504 11.93 26.81 -14.82
C LYS E 504 13.29 27.48 -14.63
N ARG E 505 14.33 27.04 -15.31
CA ARG E 505 15.66 27.60 -15.20
C ARG E 505 15.69 29.11 -15.32
N GLY E 506 15.05 29.65 -16.35
CA GLY E 506 15.01 31.09 -16.57
C GLY E 506 14.17 31.81 -15.51
N ALA E 507 13.02 31.24 -15.17
CA ALA E 507 12.17 31.89 -14.17
C ALA E 507 12.81 31.92 -12.79
N MET E 508 13.39 30.83 -12.32
CA MET E 508 14.06 30.85 -11.02
C MET E 508 15.37 31.61 -11.04
N GLY E 509 16.08 31.59 -12.17
CA GLY E 509 17.37 32.25 -12.28
C GLY E 509 17.25 33.77 -12.24
N ARG E 510 16.37 34.29 -13.09
CA ARG E 510 16.30 35.73 -13.31
C ARG E 510 15.03 36.39 -12.76
N ARG E 511 14.03 35.59 -12.39
CA ARG E 511 12.76 36.06 -11.86
C ARG E 511 12.22 37.29 -12.58
N THR E 512 12.11 37.26 -13.92
CA THR E 512 11.77 38.41 -14.74
C THR E 512 10.30 38.80 -14.73
N LEU E 513 10.01 40.09 -14.62
CA LEU E 513 8.64 40.58 -14.59
C LEU E 513 8.40 41.63 -15.68
N GLY E 514 7.14 41.85 -16.02
CA GLY E 514 6.78 42.83 -17.04
C GLY E 514 5.53 43.60 -16.61
N ILE E 515 5.77 44.74 -15.95
CA ILE E 515 4.61 45.53 -15.48
C ILE E 515 4.50 46.74 -16.40
N GLY E 516 3.29 47.07 -16.86
CA GLY E 516 3.16 48.20 -17.78
C GLY E 516 1.99 49.09 -17.40
N VAL E 517 1.43 49.84 -18.34
CA VAL E 517 0.33 50.74 -18.01
C VAL E 517 -0.87 50.54 -18.94
N ILE E 518 -2.04 50.97 -18.47
CA ILE E 518 -3.27 51.03 -19.24
C ILE E 518 -3.85 52.42 -18.95
N ASN E 519 -4.76 52.89 -19.79
CA ASN E 519 -5.40 54.18 -19.57
C ASN E 519 -4.50 55.37 -19.86
N PHE E 520 -3.44 55.23 -20.64
CA PHE E 520 -2.56 56.37 -20.94
C PHE E 520 -3.34 57.52 -21.59
N ALA E 521 -4.11 57.20 -22.62
CA ALA E 521 -4.87 58.17 -23.40
C ALA E 521 -5.75 59.04 -22.50
N TYR E 522 -6.53 58.37 -21.65
CA TYR E 522 -7.36 59.08 -20.68
C TYR E 522 -6.50 60.02 -19.82
N TYR E 523 -5.40 59.49 -19.28
CA TYR E 523 -4.45 60.25 -18.48
C TYR E 523 -4.02 61.51 -19.20
N LEU E 524 -3.58 61.38 -20.46
CA LEU E 524 -3.18 62.56 -21.23
C LEU E 524 -4.35 63.52 -21.40
N ALA E 525 -5.54 62.96 -21.62
CA ALA E 525 -6.73 63.77 -21.85
C ALA E 525 -7.02 64.68 -20.66
N LYS E 526 -7.02 64.09 -19.46
CA LYS E 526 -7.33 64.88 -18.27
C LYS E 526 -6.21 65.83 -17.87
N HIS E 527 -5.04 65.77 -18.50
CA HIS E 527 -3.96 66.70 -18.21
C HIS E 527 -3.82 67.67 -19.38
N GLY E 528 -4.82 67.65 -20.25
CA GLY E 528 -4.87 68.53 -21.41
C GLY E 528 -3.71 68.41 -22.38
N LYS E 529 -3.22 67.19 -22.60
CA LYS E 529 -2.14 66.99 -23.57
C LYS E 529 -2.61 66.05 -24.69
N ARG E 530 -1.90 66.10 -25.82
CA ARG E 530 -2.22 65.26 -26.97
C ARG E 530 -1.01 64.40 -27.34
N TYR E 531 -1.19 63.53 -28.31
CA TYR E 531 -0.11 62.66 -28.77
C TYR E 531 0.75 63.28 -29.87
N SER E 532 0.12 63.89 -30.86
CA SER E 532 0.83 64.34 -32.04
C SER E 532 1.66 65.61 -32.03
N ASP E 533 1.47 66.57 -31.13
CA ASP E 533 2.22 67.83 -31.22
C ASP E 533 3.43 67.98 -30.32
N GLY E 534 3.73 67.00 -29.50
CA GLY E 534 4.88 67.03 -28.62
C GLY E 534 4.53 67.62 -27.26
N SER E 535 3.26 67.97 -27.08
CA SER E 535 2.81 68.58 -25.85
C SER E 535 2.88 67.68 -24.63
N ALA E 536 2.98 66.36 -24.79
CA ALA E 536 3.04 65.46 -23.65
C ALA E 536 4.43 64.90 -23.36
N ASN E 537 5.45 65.26 -24.14
CA ASN E 537 6.80 64.75 -23.89
C ASN E 537 7.23 64.87 -22.43
N ASN E 538 7.29 66.07 -21.85
CA ASN E 538 7.78 66.22 -20.48
C ASN E 538 6.90 65.49 -19.47
N LEU E 539 5.57 65.53 -19.63
CA LEU E 539 4.70 64.82 -18.68
C LEU E 539 4.98 63.33 -18.76
N THR E 540 5.16 62.83 -19.99
CA THR E 540 5.47 61.41 -20.17
C THR E 540 6.80 61.05 -19.51
N HIS E 541 7.80 61.90 -19.68
CA HIS E 541 9.10 61.68 -19.05
C HIS E 541 8.97 61.65 -17.53
N LYS E 542 8.21 62.60 -16.99
CA LYS E 542 7.99 62.65 -15.54
C LYS E 542 7.29 61.37 -15.10
N THR E 543 6.22 61.01 -15.81
CA THR E 543 5.41 59.86 -15.44
C THR E 543 6.17 58.53 -15.49
N PHE E 544 6.99 58.35 -16.52
CA PHE E 544 7.68 57.07 -16.65
C PHE E 544 8.90 57.01 -15.74
N GLU E 545 9.44 58.16 -15.33
CA GLU E 545 10.50 58.11 -14.32
C GLU E 545 9.91 57.61 -13.00
N ALA E 546 8.74 58.11 -12.61
CA ALA E 546 8.13 57.63 -11.37
C ALA E 546 7.95 56.11 -11.39
N ILE E 547 7.31 55.60 -12.44
CA ILE E 547 7.02 54.18 -12.58
C ILE E 547 8.27 53.33 -12.45
N GLN E 548 9.30 53.65 -13.23
CA GLN E 548 10.53 52.87 -13.14
C GLN E 548 11.22 53.03 -11.79
N TYR E 549 11.25 54.25 -11.24
CA TYR E 549 11.87 54.47 -9.94
C TYR E 549 11.21 53.59 -8.88
N TYR E 550 9.91 53.71 -8.69
CA TYR E 550 9.22 52.94 -7.65
C TYR E 550 9.24 51.43 -7.86
N LEU E 551 9.28 50.96 -9.10
CA LEU E 551 9.37 49.53 -9.39
C LEU E 551 10.71 48.97 -8.94
N LEU E 552 11.79 49.70 -9.27
CA LEU E 552 13.11 49.27 -8.84
C LEU E 552 13.19 49.33 -7.31
N LYS E 553 12.64 50.38 -6.69
CA LYS E 553 12.55 50.42 -5.23
C LYS E 553 11.87 49.18 -4.71
N ALA E 554 10.68 48.83 -5.22
CA ALA E 554 9.97 47.66 -4.73
C ALA E 554 10.78 46.37 -4.86
N SER E 555 11.33 46.15 -6.06
CA SER E 555 12.09 44.94 -6.34
C SER E 555 13.30 44.92 -5.40
N ASN E 556 13.98 46.06 -5.30
CA ASN E 556 15.12 46.19 -4.41
C ASN E 556 14.76 45.90 -2.96
N GLU E 557 13.65 46.45 -2.48
CA GLU E 557 13.20 46.13 -1.12
C GLU E 557 13.02 44.62 -0.98
N LEU E 558 12.33 43.99 -1.91
CA LEU E 558 12.09 42.56 -1.90
C LEU E 558 13.35 41.71 -1.84
N ALA E 559 14.40 42.13 -2.52
CA ALA E 559 15.68 41.42 -2.51
C ALA E 559 16.32 41.46 -1.13
N LYS E 560 16.18 42.61 -0.46
CA LYS E 560 16.64 42.75 0.92
C LYS E 560 15.96 41.69 1.78
N GLU E 561 14.63 41.63 1.66
CA GLU E 561 13.85 40.67 2.43
C GLU E 561 14.14 39.23 2.05
N GLN E 562 14.17 38.88 0.77
CA GLN E 562 14.16 37.48 0.34
C GLN E 562 15.31 37.04 -0.55
N GLY E 563 16.25 37.93 -0.82
CA GLY E 563 17.40 37.59 -1.64
C GLY E 563 17.19 37.92 -3.10
N ALA E 564 18.25 38.39 -3.75
CA ALA E 564 18.16 38.72 -5.18
C ALA E 564 17.98 37.44 -5.98
N CYS E 565 17.66 37.58 -7.26
CA CYS E 565 17.52 36.40 -8.12
C CYS E 565 18.88 35.78 -8.37
N PRO E 566 18.94 34.46 -8.38
CA PRO E 566 20.14 33.68 -8.62
C PRO E 566 21.09 34.28 -9.63
N TRP E 567 20.61 34.51 -10.84
CA TRP E 567 21.43 35.04 -11.92
C TRP E 567 21.43 36.55 -12.00
N PHE E 568 21.38 37.24 -10.86
CA PHE E 568 21.42 38.70 -10.84
C PHE E 568 22.73 39.26 -11.38
N ASN E 569 23.83 38.54 -11.23
CA ASN E 569 25.14 38.89 -11.75
C ASN E 569 25.24 39.01 -13.25
N GLU E 570 24.28 38.55 -14.04
CA GLU E 570 24.29 38.68 -15.48
C GLU E 570 23.62 39.96 -15.97
N THR E 571 23.07 40.75 -15.05
CA THR E 571 22.39 41.99 -15.40
C THR E 571 23.33 43.18 -15.37
N THR E 572 22.95 44.25 -16.08
CA THR E 572 23.73 45.50 -16.03
C THR E 572 23.48 46.19 -14.68
N TYR E 573 22.31 45.91 -14.10
CA TYR E 573 21.96 46.45 -12.80
C TYR E 573 23.02 46.05 -11.77
N ALA E 574 23.45 44.80 -11.79
CA ALA E 574 24.51 44.29 -10.93
C ALA E 574 25.78 45.12 -10.98
N LYS E 575 26.12 45.72 -12.12
CA LYS E 575 27.28 46.57 -12.26
C LYS E 575 27.04 48.04 -11.97
N GLY E 576 25.89 48.40 -11.42
CA GLY E 576 25.55 49.77 -11.11
C GLY E 576 25.08 50.59 -12.30
N ILE E 577 24.79 49.94 -13.43
CA ILE E 577 24.31 50.64 -14.62
C ILE E 577 22.79 50.72 -14.58
N LEU E 578 22.27 51.90 -14.92
CA LEU E 578 20.83 52.15 -14.89
C LEU E 578 20.27 52.59 -16.23
N PRO E 579 18.96 52.45 -16.37
CA PRO E 579 18.23 52.79 -17.58
C PRO E 579 18.61 54.19 -18.03
N ILE E 580 18.67 55.12 -17.08
CA ILE E 580 19.09 56.48 -17.31
C ILE E 580 20.54 56.67 -17.74
N ASP E 581 21.39 55.65 -17.76
CA ASP E 581 22.75 55.80 -18.22
C ASP E 581 22.93 55.30 -19.65
N THR E 582 22.03 54.45 -20.15
CA THR E 582 22.25 53.91 -21.49
C THR E 582 21.24 54.28 -22.56
N TYR E 583 20.30 55.17 -22.26
CA TYR E 583 19.25 55.52 -23.23
C TYR E 583 19.81 56.20 -24.47
N LYS E 584 19.02 56.25 -25.54
CA LYS E 584 19.50 56.87 -26.78
C LYS E 584 19.61 58.38 -26.60
N LYS E 585 20.81 58.93 -26.67
CA LYS E 585 21.04 60.35 -26.46
C LYS E 585 20.21 61.31 -27.29
N ASP E 586 19.80 61.00 -28.51
CA ASP E 586 18.91 61.86 -29.29
C ASP E 586 17.69 62.34 -28.52
N LEU E 587 17.19 61.53 -27.59
CA LEU E 587 16.06 61.84 -26.74
C LEU E 587 16.16 63.19 -26.05
N ASP E 588 17.37 63.60 -25.68
CA ASP E 588 17.62 64.89 -25.04
C ASP E 588 17.06 66.07 -25.82
N THR E 589 17.09 66.04 -27.15
CA THR E 589 16.54 67.08 -27.98
C THR E 589 15.02 67.18 -28.00
N ILE E 590 14.27 66.17 -27.55
CA ILE E 590 12.82 66.25 -27.62
C ILE E 590 12.13 66.26 -26.27
N ALA E 591 12.88 66.28 -25.17
CA ALA E 591 12.25 66.34 -23.85
C ALA E 591 13.21 67.02 -22.87
N ASN E 592 12.72 67.95 -22.06
CA ASN E 592 13.65 68.65 -21.17
C ASN E 592 13.34 68.42 -19.69
N GLU E 593 12.32 67.63 -19.39
CA GLU E 593 11.97 67.34 -18.01
C GLU E 593 13.13 66.72 -17.24
N PRO E 594 13.35 67.21 -16.03
CA PRO E 594 14.40 66.76 -15.13
C PRO E 594 14.05 65.49 -14.39
N LEU E 595 15.01 64.81 -13.79
CA LEU E 595 14.70 63.60 -13.02
C LEU E 595 14.19 64.08 -11.66
N HIS E 596 13.12 63.53 -11.13
CA HIS E 596 12.60 64.02 -9.86
C HIS E 596 12.90 63.08 -8.70
N TYR E 597 13.42 61.90 -9.00
CA TYR E 597 13.67 60.91 -7.96
C TYR E 597 15.16 60.67 -7.73
N ASP E 598 15.51 60.19 -6.55
CA ASP E 598 16.92 59.99 -6.21
C ASP E 598 17.44 58.70 -6.85
N TRP E 599 17.96 58.82 -8.07
CA TRP E 599 18.43 57.62 -8.77
C TRP E 599 19.77 57.14 -8.22
N GLU E 600 20.62 58.06 -7.78
CA GLU E 600 21.92 57.72 -7.22
C GLU E 600 21.85 56.98 -5.90
N ALA E 601 20.84 57.28 -5.07
CA ALA E 601 20.71 56.52 -3.82
C ALA E 601 20.40 55.06 -4.21
N LEU E 602 19.44 54.95 -5.13
CA LEU E 602 18.97 53.68 -5.65
C LEU E 602 20.08 52.89 -6.34
N ARG E 603 20.90 53.57 -7.13
CA ARG E 603 22.03 52.91 -7.79
C ARG E 603 22.84 52.12 -6.76
N GLU E 604 23.26 52.77 -5.69
CA GLU E 604 24.00 52.13 -4.61
C GLU E 604 23.27 50.96 -3.98
N SER E 605 21.99 51.12 -3.65
CA SER E 605 21.22 50.06 -3.01
C SER E 605 21.06 48.82 -3.88
N ILE E 606 20.91 49.03 -5.18
CA ILE E 606 20.86 47.92 -6.15
C ILE E 606 22.18 47.18 -6.12
N LYS E 607 23.29 47.89 -6.29
CA LYS E 607 24.62 47.30 -6.26
C LYS E 607 24.85 46.45 -5.01
N THR E 608 24.43 46.96 -3.86
CA THR E 608 24.66 46.30 -2.59
C THR E 608 23.73 45.12 -2.33
N HIS E 609 22.43 45.34 -2.41
CA HIS E 609 21.44 44.31 -2.11
C HIS E 609 20.82 43.62 -3.32
N GLY E 610 21.14 44.12 -4.52
CA GLY E 610 20.64 43.52 -5.75
C GLY E 610 19.15 43.63 -5.99
N LEU E 611 18.66 42.94 -7.01
CA LEU E 611 17.25 42.96 -7.35
C LEU E 611 16.66 41.55 -7.25
N ARG E 612 15.40 41.46 -6.81
CA ARG E 612 14.74 40.17 -6.70
C ARG E 612 14.46 39.66 -8.12
N ASN E 613 14.13 40.66 -8.95
CA ASN E 613 13.74 40.45 -10.34
C ASN E 613 14.71 41.14 -11.29
N SER E 614 15.20 40.41 -12.28
CA SER E 614 16.14 40.97 -13.25
C SER E 614 15.53 42.03 -14.16
N THR E 615 14.25 41.99 -14.44
CA THR E 615 13.56 42.96 -15.26
C THR E 615 12.21 43.23 -14.59
N LEU E 616 11.77 44.49 -14.60
CA LEU E 616 10.50 44.82 -13.95
C LEU E 616 9.46 45.40 -14.89
N SER E 617 9.86 46.19 -15.89
CA SER E 617 8.85 46.84 -16.71
C SER E 617 8.85 46.46 -18.18
N ALA E 618 7.65 46.50 -18.75
CA ALA E 618 7.39 46.20 -20.15
C ALA E 618 5.97 46.66 -20.50
N LEU E 619 5.89 47.49 -21.53
CA LEU E 619 4.61 48.08 -22.00
C LEU E 619 3.95 47.17 -23.03
N MET E 620 2.86 46.56 -22.61
CA MET E 620 2.13 45.62 -23.46
C MET E 620 0.73 46.09 -23.79
N PRO E 621 0.20 45.62 -24.92
CA PRO E 621 -1.17 45.90 -25.29
C PRO E 621 -2.07 45.25 -24.26
N SER E 622 -3.33 45.63 -24.28
CA SER E 622 -4.33 45.06 -23.37
C SER E 622 -5.72 45.38 -23.90
N GLU E 623 -6.58 44.39 -23.96
CA GLU E 623 -7.93 44.62 -24.46
C GLU E 623 -8.94 44.29 -23.38
N THR E 624 -8.69 43.17 -22.85
CA THR E 624 -9.54 42.52 -21.92
C THR E 624 -9.41 43.13 -20.50
N SER E 625 -8.18 43.37 -20.04
CA SER E 625 -7.94 43.97 -18.69
C SER E 625 -8.50 45.41 -18.65
N SER E 626 -8.25 46.15 -19.71
CA SER E 626 -8.73 47.53 -19.84
C SER E 626 -10.25 47.57 -19.81
N GLN E 627 -10.89 46.59 -20.44
CA GLN E 627 -12.35 46.50 -20.45
C GLN E 627 -12.92 46.41 -19.05
N ILE E 628 -12.29 45.66 -18.17
CA ILE E 628 -12.75 45.49 -16.80
C ILE E 628 -12.74 46.79 -16.00
N SER E 629 -11.77 47.66 -16.24
CA SER E 629 -11.69 48.94 -15.54
C SER E 629 -12.13 50.12 -16.39
N ASN E 630 -12.85 49.88 -17.48
CA ASN E 630 -13.29 50.94 -18.38
C ASN E 630 -12.13 51.91 -18.59
N ALA E 631 -11.07 51.40 -19.20
CA ALA E 631 -9.86 52.17 -19.46
C ALA E 631 -9.39 52.11 -20.91
N THR E 632 -8.73 53.17 -21.37
CA THR E 632 -8.20 53.11 -22.74
C THR E 632 -7.10 52.03 -22.73
N ASN E 633 -6.94 51.30 -23.83
CA ASN E 633 -6.02 50.18 -23.87
C ASN E 633 -4.55 50.63 -23.88
N GLY E 634 -3.80 49.95 -23.02
CA GLY E 634 -2.37 50.20 -22.89
C GLY E 634 -2.01 51.67 -23.08
N ILE E 635 -1.14 51.94 -24.04
CA ILE E 635 -0.73 53.33 -24.27
C ILE E 635 -1.29 53.89 -25.58
N GLU E 636 -2.25 53.16 -26.16
CA GLU E 636 -2.80 53.60 -27.45
C GLU E 636 -3.99 54.55 -27.34
N PRO E 637 -4.07 55.47 -28.28
CA PRO E 637 -5.21 56.35 -28.43
C PRO E 637 -6.41 55.55 -28.91
N PRO E 638 -7.58 55.87 -28.40
CA PRO E 638 -8.82 55.20 -28.77
C PRO E 638 -9.03 55.38 -30.27
N ARG E 639 -9.78 54.47 -30.88
CA ARG E 639 -10.13 54.60 -32.30
C ARG E 639 -11.38 55.47 -32.40
N GLY E 640 -12.16 55.54 -31.32
CA GLY E 640 -13.35 56.38 -31.25
C GLY E 640 -13.87 56.49 -29.83
N TYR E 641 -14.91 57.29 -29.63
CA TYR E 641 -15.49 57.47 -28.31
C TYR E 641 -16.20 56.21 -27.86
N VAL E 642 -16.87 55.50 -28.77
CA VAL E 642 -17.59 54.30 -28.37
C VAL E 642 -17.06 53.04 -29.06
N SER E 643 -16.82 52.02 -28.24
CA SER E 643 -16.36 50.73 -28.71
C SER E 643 -17.52 49.78 -28.95
N ILE E 644 -17.58 49.12 -30.10
CA ILE E 644 -18.64 48.14 -30.35
C ILE E 644 -18.00 46.75 -30.41
N LYS E 645 -18.58 45.81 -29.67
CA LYS E 645 -18.09 44.43 -29.68
C LYS E 645 -19.29 43.49 -29.81
N ALA E 646 -19.10 42.36 -30.47
CA ALA E 646 -20.16 41.39 -30.66
C ALA E 646 -20.22 40.35 -29.55
N SER E 647 -21.44 39.92 -29.22
CA SER E 647 -21.62 38.93 -28.16
C SER E 647 -22.81 38.05 -28.48
N LYS E 648 -22.98 36.96 -27.74
CA LYS E 648 -24.13 36.08 -27.94
C LYS E 648 -25.40 36.78 -27.47
N ASP E 649 -25.29 37.56 -26.39
CA ASP E 649 -26.41 38.28 -25.83
C ASP E 649 -26.80 39.51 -26.62
N GLY E 650 -25.84 40.11 -27.33
CA GLY E 650 -26.15 41.30 -28.12
C GLY E 650 -24.90 42.13 -28.37
N ILE E 651 -25.13 43.38 -28.79
CA ILE E 651 -24.02 44.28 -29.09
C ILE E 651 -23.49 44.95 -27.82
N LEU E 652 -22.20 44.81 -27.57
CA LEU E 652 -21.58 45.42 -26.40
C LEU E 652 -20.97 46.79 -26.72
N ARG E 653 -21.44 47.82 -26.03
CA ARG E 653 -20.92 49.17 -26.24
C ARG E 653 -20.21 49.69 -24.99
N GLN E 654 -19.10 50.39 -25.21
CA GLN E 654 -18.34 50.96 -24.10
C GLN E 654 -17.86 52.36 -24.46
N VAL E 655 -18.22 53.32 -23.60
CA VAL E 655 -17.84 54.72 -23.84
C VAL E 655 -16.57 55.09 -23.11
N VAL E 656 -15.67 55.78 -23.80
CA VAL E 656 -14.40 56.17 -23.17
C VAL E 656 -14.66 56.87 -21.85
N PRO E 657 -13.79 56.69 -20.89
CA PRO E 657 -13.87 57.25 -19.56
C PRO E 657 -14.08 58.76 -19.58
N ASP E 658 -15.06 59.23 -18.79
CA ASP E 658 -15.35 60.65 -18.66
C ASP E 658 -15.46 61.37 -20.00
N TYR E 659 -16.23 60.79 -20.91
CA TYR E 659 -16.48 61.38 -22.22
C TYR E 659 -17.19 62.72 -22.01
N GLU E 660 -18.19 62.72 -21.15
CA GLU E 660 -18.96 63.91 -20.80
C GLU E 660 -18.10 65.17 -20.72
N HIS E 661 -17.06 65.14 -19.90
CA HIS E 661 -16.20 66.29 -19.69
C HIS E 661 -14.93 66.35 -20.53
N LEU E 662 -14.49 65.24 -21.13
CA LEU E 662 -13.23 65.25 -21.88
C LEU E 662 -13.33 64.97 -23.36
N HIS E 663 -14.53 64.92 -23.93
CA HIS E 663 -14.67 64.64 -25.36
C HIS E 663 -13.72 65.47 -26.22
N ASP E 664 -13.64 66.79 -26.01
CA ASP E 664 -12.71 67.60 -26.78
C ASP E 664 -11.25 67.43 -26.40
N ALA E 665 -10.96 66.83 -25.25
CA ALA E 665 -9.59 66.65 -24.79
C ALA E 665 -8.90 65.49 -25.46
N TYR E 666 -9.68 64.42 -25.68
CA TYR E 666 -9.14 63.21 -26.32
C TYR E 666 -8.55 63.56 -27.68
N GLU E 667 -7.66 62.72 -28.16
CA GLU E 667 -7.11 62.82 -29.51
C GLU E 667 -7.27 61.44 -30.14
N LEU E 668 -8.32 61.24 -30.95
CA LEU E 668 -8.58 59.91 -31.48
C LEU E 668 -7.49 59.47 -32.44
N LEU E 669 -7.28 58.17 -32.55
CA LEU E 669 -6.28 57.57 -33.40
C LEU E 669 -6.18 58.18 -34.78
N TRP E 670 -7.26 58.26 -35.56
CA TRP E 670 -7.17 58.82 -36.91
C TRP E 670 -7.13 60.33 -36.97
N GLU E 671 -7.09 61.02 -35.84
CA GLU E 671 -7.01 62.47 -35.81
C GLU E 671 -5.56 62.93 -35.88
N MET E 672 -4.67 62.04 -35.43
CA MET E 672 -3.25 62.42 -35.48
C MET E 672 -2.87 62.59 -36.95
N PRO E 673 -2.09 63.60 -37.24
CA PRO E 673 -1.59 63.93 -38.55
C PRO E 673 -0.43 63.03 -38.97
N GLY E 674 0.16 62.31 -38.02
CA GLY E 674 1.28 61.44 -38.39
C GLY E 674 1.74 60.55 -37.25
N ASN E 675 2.92 59.95 -37.36
CA ASN E 675 3.42 59.10 -36.29
C ASN E 675 4.48 59.77 -35.43
N ASP E 676 5.01 60.94 -35.83
CA ASP E 676 6.10 61.55 -35.09
C ASP E 676 5.83 61.72 -33.60
N GLY E 677 4.72 62.39 -33.28
CA GLY E 677 4.40 62.64 -31.87
C GLY E 677 4.49 61.35 -31.08
N TYR E 678 3.72 60.37 -31.54
CA TYR E 678 3.61 59.09 -30.85
C TYR E 678 4.96 58.39 -30.77
N LEU E 679 5.69 58.41 -31.89
CA LEU E 679 7.01 57.80 -31.84
C LEU E 679 7.92 58.47 -30.82
N GLN E 680 7.85 59.78 -30.65
CA GLN E 680 8.65 60.45 -29.61
C GLN E 680 8.27 59.99 -28.20
N LEU E 681 6.97 59.79 -27.94
CA LEU E 681 6.50 59.37 -26.62
C LEU E 681 6.95 57.95 -26.30
N VAL E 682 7.00 57.11 -27.34
CA VAL E 682 7.51 55.74 -27.16
C VAL E 682 9.00 55.81 -26.81
N GLY E 683 9.74 56.68 -27.50
CA GLY E 683 11.16 56.86 -27.22
C GLY E 683 11.41 57.28 -25.77
N ILE E 684 10.61 58.25 -25.30
CA ILE E 684 10.72 58.76 -23.94
C ILE E 684 10.43 57.65 -22.93
N MET E 685 9.43 56.82 -23.24
CA MET E 685 9.07 55.70 -22.40
C MET E 685 10.17 54.66 -22.35
N GLN E 686 10.84 54.45 -23.50
CA GLN E 686 11.90 53.46 -23.57
C GLN E 686 13.16 53.84 -22.80
N LYS E 687 13.30 55.10 -22.41
CA LYS E 687 14.40 55.54 -21.58
C LYS E 687 14.42 54.72 -20.29
N PHE E 688 13.25 54.60 -19.68
CA PHE E 688 13.12 53.95 -18.39
C PHE E 688 12.65 52.50 -18.41
N ILE E 689 12.13 51.97 -19.50
CA ILE E 689 11.58 50.61 -19.44
C ILE E 689 12.64 49.52 -19.59
N ASP E 690 12.59 48.53 -18.69
CA ASP E 690 13.51 47.42 -18.74
C ASP E 690 13.48 46.66 -20.06
N GLN E 691 12.27 46.29 -20.48
CA GLN E 691 12.11 45.51 -21.70
C GLN E 691 11.82 46.35 -22.94
N SER E 692 10.65 46.15 -23.54
CA SER E 692 10.27 46.93 -24.70
C SER E 692 8.80 47.32 -24.65
N ILE E 693 8.36 47.98 -25.73
CA ILE E 693 6.99 48.48 -25.82
C ILE E 693 6.33 47.96 -27.10
N SER E 694 5.04 47.66 -27.09
CA SER E 694 4.35 47.23 -28.29
C SER E 694 3.95 48.43 -29.15
N ALA E 695 4.88 49.15 -29.73
CA ALA E 695 4.57 50.32 -30.54
C ALA E 695 3.83 49.98 -31.82
N ASN E 696 2.85 50.80 -32.20
CA ASN E 696 2.16 50.62 -33.47
C ASN E 696 2.58 51.75 -34.41
N THR E 697 2.30 51.60 -35.69
CA THR E 697 2.49 52.69 -36.65
C THR E 697 1.14 52.78 -37.36
N ASN E 698 0.60 53.97 -37.60
CA ASN E 698 -0.71 54.08 -38.24
C ASN E 698 -0.69 55.00 -39.47
N TYR E 699 -1.31 54.56 -40.56
CA TYR E 699 -1.32 55.30 -41.82
C TYR E 699 -2.74 55.36 -42.39
N ASP E 700 -3.11 56.54 -42.87
CA ASP E 700 -4.44 56.76 -43.45
C ASP E 700 -4.25 57.17 -44.91
N PRO E 701 -4.75 56.34 -45.81
CA PRO E 701 -4.65 56.52 -47.24
C PRO E 701 -5.17 57.86 -47.74
N SER E 702 -6.30 58.30 -47.18
CA SER E 702 -6.94 59.55 -47.58
C SER E 702 -6.20 60.82 -47.22
N ARG E 703 -5.07 60.72 -46.55
CA ARG E 703 -4.21 61.84 -46.22
C ARG E 703 -3.07 61.95 -47.23
N PHE E 704 -3.06 61.05 -48.22
CA PHE E 704 -2.02 61.03 -49.24
C PHE E 704 -2.57 61.11 -50.65
N PRO E 705 -1.83 61.80 -51.51
CA PRO E 705 -2.17 61.98 -52.92
C PRO E 705 -2.43 60.64 -53.60
N SER E 706 -3.62 60.51 -54.18
CA SER E 706 -4.04 59.31 -54.88
C SER E 706 -4.37 58.15 -53.95
N GLY E 707 -4.49 58.39 -52.67
CA GLY E 707 -4.81 57.40 -51.66
C GLY E 707 -3.79 56.29 -51.49
N LYS E 708 -2.53 56.60 -51.71
CA LYS E 708 -1.46 55.61 -51.61
C LYS E 708 -0.32 56.08 -50.70
N VAL E 709 -0.04 55.29 -49.68
CA VAL E 709 1.04 55.59 -48.74
C VAL E 709 2.40 55.44 -49.41
N PRO E 710 3.13 56.53 -49.48
CA PRO E 710 4.45 56.56 -50.07
C PRO E 710 5.44 55.70 -49.31
N MET E 711 6.26 54.94 -50.03
CA MET E 711 7.34 54.19 -49.41
C MET E 711 8.27 55.14 -48.66
N GLN E 712 8.57 56.31 -49.25
CA GLN E 712 9.35 57.33 -48.57
C GLN E 712 8.86 57.52 -47.13
N GLN E 713 7.57 57.81 -46.95
CA GLN E 713 7.04 58.02 -45.62
C GLN E 713 7.22 56.83 -44.70
N LEU E 714 6.97 55.62 -45.21
CA LEU E 714 7.17 54.41 -44.41
C LEU E 714 8.62 54.27 -43.96
N LEU E 715 9.58 54.53 -44.83
CA LEU E 715 10.99 54.41 -44.45
C LEU E 715 11.38 55.53 -43.48
N LYS E 716 10.86 56.74 -43.73
CA LYS E 716 11.15 57.87 -42.85
C LYS E 716 10.75 57.53 -41.42
N ASP E 717 9.53 57.03 -41.22
CA ASP E 717 9.08 56.68 -39.88
C ASP E 717 9.89 55.57 -39.24
N LEU E 718 10.36 54.62 -40.06
CA LEU E 718 11.21 53.54 -39.56
C LEU E 718 12.45 54.18 -38.94
N LEU E 719 13.10 55.07 -39.71
CA LEU E 719 14.31 55.73 -39.25
C LEU E 719 14.11 56.55 -37.99
N THR E 720 13.02 57.33 -37.97
CA THR E 720 12.68 58.14 -36.80
C THR E 720 12.64 57.26 -35.55
N ALA E 721 11.87 56.18 -35.61
CA ALA E 721 11.82 55.22 -34.50
C ALA E 721 13.24 54.80 -34.09
N TYR E 722 14.11 54.46 -35.05
CA TYR E 722 15.46 54.06 -34.68
C TYR E 722 16.19 55.20 -33.98
N LYS E 723 16.04 56.42 -34.50
CA LYS E 723 16.75 57.56 -33.94
C LYS E 723 16.44 57.80 -32.46
N PHE E 724 15.20 57.64 -32.03
CA PHE E 724 14.84 57.87 -30.64
C PHE E 724 14.91 56.65 -29.74
N GLY E 725 15.67 55.63 -30.15
CA GLY E 725 15.92 54.44 -29.38
C GLY E 725 14.78 53.44 -29.28
N VAL E 726 13.84 53.46 -30.24
CA VAL E 726 12.75 52.48 -30.14
C VAL E 726 13.28 51.07 -30.46
N LYS E 727 13.00 50.14 -29.54
CA LYS E 727 13.57 48.80 -29.70
C LYS E 727 12.83 47.94 -30.73
N THR E 728 11.50 47.90 -30.65
CA THR E 728 10.72 47.07 -31.57
C THR E 728 9.56 47.86 -32.18
N LEU E 729 8.90 47.27 -33.18
CA LEU E 729 7.68 47.83 -33.75
C LEU E 729 6.68 46.69 -34.02
N TYR E 730 5.50 46.88 -33.46
CA TYR E 730 4.41 45.93 -33.58
C TYR E 730 3.57 46.27 -34.81
N TYR E 731 2.27 46.06 -34.71
CA TYR E 731 1.34 46.23 -35.80
C TYR E 731 1.58 47.50 -36.61
N GLN E 732 1.11 47.46 -37.85
CA GLN E 732 0.98 48.66 -38.66
C GLN E 732 -0.50 48.72 -39.03
N ASN E 733 -1.20 49.74 -38.57
CA ASN E 733 -2.62 49.84 -38.88
C ASN E 733 -2.81 50.73 -40.10
N THR E 734 -3.53 50.24 -41.10
CA THR E 734 -3.91 51.07 -42.25
C THR E 734 -5.42 51.25 -42.17
N ARG E 735 -5.91 52.44 -42.47
CA ARG E 735 -7.35 52.69 -42.34
C ARG E 735 -8.20 52.06 -43.44
N ASP E 736 -9.39 51.65 -43.02
CA ASP E 736 -10.39 51.02 -43.90
C ASP E 736 -11.42 52.08 -44.27
N GLY E 737 -10.95 53.06 -45.05
CA GLY E 737 -11.72 54.20 -45.51
C GLY E 737 -10.86 55.04 -46.45
N GLN F 5 -3.13 51.02 -49.56
CA GLN F 5 -2.39 51.13 -50.82
C GLN F 5 -1.10 51.90 -50.62
N ILE F 6 0.00 51.42 -51.19
CA ILE F 6 1.27 52.13 -51.04
C ILE F 6 1.86 52.52 -52.40
N ASP F 7 2.59 53.63 -52.37
CA ASP F 7 3.30 54.13 -53.55
C ASP F 7 4.79 53.81 -53.33
N SER F 8 5.28 52.80 -54.03
CA SER F 8 6.68 52.38 -53.87
C SER F 8 7.64 53.25 -54.66
N GLU F 9 7.96 54.41 -54.10
CA GLU F 9 8.87 55.38 -54.69
C GLU F 9 9.81 55.91 -53.60
N VAL F 10 11.05 55.41 -53.61
CA VAL F 10 12.01 55.80 -52.59
C VAL F 10 13.09 56.74 -53.13
N ASP F 11 13.22 57.88 -52.45
CA ASP F 11 14.24 58.87 -52.77
C ASP F 11 15.40 58.65 -51.80
N THR F 12 16.48 58.05 -52.28
CA THR F 12 17.63 57.75 -51.43
C THR F 12 18.46 58.99 -51.13
N ASP F 13 18.39 60.00 -52.00
CA ASP F 13 19.10 61.25 -51.81
C ASP F 13 18.49 62.07 -50.67
N ASP F 14 17.21 61.89 -50.40
CA ASP F 14 16.50 62.59 -49.34
C ASP F 14 16.74 61.93 -47.98
N LEU F 15 16.86 60.60 -47.98
CA LEU F 15 17.07 59.87 -46.74
C LEU F 15 18.50 59.93 -46.25
N SER F 16 19.46 60.06 -47.16
CA SER F 16 20.88 60.08 -46.84
C SER F 16 21.33 61.03 -45.74
N ASN F 17 20.70 62.19 -45.59
CA ASN F 17 21.10 63.14 -44.55
C ASN F 17 20.76 62.67 -43.15
N PHE F 18 19.65 61.94 -43.00
CA PHE F 18 19.23 61.45 -41.69
C PHE F 18 20.40 60.99 -40.84
N GLN F 19 20.32 61.30 -39.56
CA GLN F 19 21.33 60.91 -38.57
C GLN F 19 20.72 59.89 -37.61
N LEU F 20 21.25 58.67 -37.62
CA LEU F 20 20.72 57.62 -36.76
C LEU F 20 21.13 57.78 -35.29
N TYR G 1 -13.89 21.97 6.99
CA TYR G 1 -14.20 21.78 5.56
C TYR G 1 -14.29 20.32 5.15
N LEU G 2 -14.97 20.02 4.04
CA LEU G 2 -15.05 18.66 3.56
C LEU G 2 -14.22 18.42 2.29
N VAL G 3 -13.05 17.88 2.56
CA VAL G 3 -12.09 17.39 1.58
C VAL G 3 -12.12 18.08 0.23
#